data_2GQJ
#
_entry.id   2GQJ
#
loop_
_entity.id
_entity.type
_entity.pdbx_description
1 polymer 'Zinc finger protein KIAA1196'
2 non-polymer 'ZINC ION'
#
_entity_poly.entity_id   1
_entity_poly.type   'polypeptide(L)'
_entity_poly.pdbx_seq_one_letter_code
;GSSGSSGPGGPEEQWQRAIHERGEAVCPTCNVVTRKTLVGLKKHMEVCQKLQDALKCQHCRKQFKSKAGLNYHTMAEHSA
KPSDAEASEGGESGPSSG
;
_entity_poly.pdbx_strand_id   A
#
# COMPACT_ATOMS: atom_id res chain seq x y z
N GLY A 1 -40.22 -28.56 14.77
CA GLY A 1 -38.95 -28.83 14.14
C GLY A 1 -38.22 -27.55 13.71
N SER A 2 -36.94 -27.48 14.00
CA SER A 2 -36.15 -26.31 13.65
C SER A 2 -34.78 -26.73 13.09
N SER A 3 -34.48 -26.26 11.88
CA SER A 3 -33.22 -26.58 11.23
C SER A 3 -32.79 -25.47 10.28
N GLY A 4 -31.58 -25.58 9.74
CA GLY A 4 -31.08 -24.58 8.83
C GLY A 4 -29.74 -24.97 8.22
N SER A 5 -29.76 -25.34 6.94
CA SER A 5 -28.56 -25.74 6.24
C SER A 5 -27.71 -24.53 5.87
N SER A 6 -26.40 -24.75 5.72
CA SER A 6 -25.49 -23.67 5.37
C SER A 6 -24.81 -23.94 4.03
N GLY A 7 -24.05 -22.97 3.55
CA GLY A 7 -23.36 -23.13 2.29
C GLY A 7 -22.51 -21.91 1.93
N PRO A 8 -21.34 -21.79 2.59
CA PRO A 8 -20.42 -20.67 2.36
C PRO A 8 -19.75 -20.75 0.99
N GLY A 9 -20.25 -19.95 0.06
CA GLY A 9 -19.68 -19.93 -1.28
C GLY A 9 -18.17 -20.01 -1.27
N GLY A 10 -17.53 -19.03 -0.66
CA GLY A 10 -16.08 -19.01 -0.59
C GLY A 10 -15.51 -17.61 -0.73
N PRO A 11 -14.20 -17.47 -0.48
CA PRO A 11 -13.51 -16.18 -0.56
C PRO A 11 -13.40 -15.67 -2.00
N GLU A 12 -13.98 -16.41 -2.93
CA GLU A 12 -13.96 -16.04 -4.34
C GLU A 12 -15.36 -15.72 -4.85
N GLU A 13 -16.08 -14.90 -4.10
CA GLU A 13 -17.43 -14.50 -4.48
C GLU A 13 -17.43 -13.18 -5.24
N GLN A 14 -16.84 -12.16 -4.63
CA GLN A 14 -16.76 -10.84 -5.25
C GLN A 14 -15.65 -10.79 -6.30
N TRP A 15 -14.61 -11.58 -6.09
CA TRP A 15 -13.49 -11.62 -7.01
C TRP A 15 -13.81 -12.48 -8.24
N GLN A 16 -14.86 -13.28 -8.12
CA GLN A 16 -15.28 -14.15 -9.22
C GLN A 16 -16.41 -13.50 -10.02
N ARG A 17 -17.38 -12.94 -9.31
CA ARG A 17 -18.51 -12.28 -9.96
C ARG A 17 -18.03 -11.25 -10.98
N ALA A 18 -16.86 -10.69 -10.73
CA ALA A 18 -16.29 -9.68 -11.62
C ALA A 18 -15.52 -10.34 -12.76
N ILE A 19 -15.08 -11.57 -12.54
CA ILE A 19 -14.32 -12.30 -13.55
C ILE A 19 -15.20 -12.65 -14.75
N HIS A 20 -16.47 -12.95 -14.48
CA HIS A 20 -17.42 -13.30 -15.53
C HIS A 20 -18.21 -12.08 -15.97
N GLU A 21 -18.05 -10.98 -15.24
CA GLU A 21 -18.76 -9.73 -15.56
C GLU A 21 -17.88 -8.82 -16.41
N ARG A 22 -16.71 -8.48 -15.89
CA ARG A 22 -15.78 -7.61 -16.60
C ARG A 22 -14.67 -8.42 -17.25
N GLY A 23 -14.22 -9.46 -16.55
CA GLY A 23 -13.15 -10.29 -17.08
C GLY A 23 -12.29 -10.88 -15.98
N GLU A 24 -11.48 -10.04 -15.35
CA GLU A 24 -10.60 -10.49 -14.27
C GLU A 24 -10.70 -9.56 -13.06
N ALA A 25 -10.26 -10.06 -11.92
CA ALA A 25 -10.30 -9.28 -10.68
C ALA A 25 -8.89 -9.03 -10.14
N VAL A 26 -8.23 -8.01 -10.67
CA VAL A 26 -6.87 -7.67 -10.24
C VAL A 26 -6.88 -7.08 -8.83
N CYS A 27 -5.70 -7.02 -8.22
CA CYS A 27 -5.57 -6.48 -6.88
C CYS A 27 -6.16 -5.08 -6.78
N PRO A 28 -7.17 -4.92 -5.92
CA PRO A 28 -7.85 -3.63 -5.72
C PRO A 28 -6.95 -2.61 -5.02
N THR A 29 -5.70 -3.00 -4.77
CA THR A 29 -4.75 -2.11 -4.11
C THR A 29 -3.76 -1.52 -5.10
N CYS A 30 -2.97 -2.39 -5.72
CA CYS A 30 -1.98 -1.95 -6.70
C CYS A 30 -2.45 -2.24 -8.13
N ASN A 31 -3.31 -3.25 -8.26
CA ASN A 31 -3.84 -3.63 -9.56
C ASN A 31 -2.79 -4.36 -10.39
N VAL A 32 -2.06 -5.27 -9.75
CA VAL A 32 -1.02 -6.03 -10.42
C VAL A 32 -0.92 -7.45 -9.87
N VAL A 33 -1.27 -8.43 -10.69
CA VAL A 33 -1.22 -9.83 -10.27
C VAL A 33 -1.40 -10.76 -11.46
N THR A 34 -1.47 -12.06 -11.19
CA THR A 34 -1.64 -13.06 -12.24
C THR A 34 -2.71 -12.62 -13.24
N ARG A 35 -2.82 -13.36 -14.34
CA ARG A 35 -3.80 -13.06 -15.37
C ARG A 35 -5.20 -13.48 -14.94
N LYS A 36 -5.27 -14.58 -14.21
CA LYS A 36 -6.56 -15.10 -13.73
C LYS A 36 -6.93 -14.44 -12.41
N THR A 37 -6.02 -13.67 -11.83
CA THR A 37 -6.25 -12.99 -10.57
C THR A 37 -7.13 -13.84 -9.65
N LEU A 38 -6.78 -15.12 -9.53
CA LEU A 38 -7.53 -16.03 -8.68
C LEU A 38 -6.62 -16.68 -7.65
N VAL A 39 -5.55 -17.32 -8.11
CA VAL A 39 -4.61 -17.98 -7.23
C VAL A 39 -3.56 -16.99 -6.71
N GLY A 40 -3.10 -16.11 -7.60
CA GLY A 40 -2.11 -15.12 -7.23
C GLY A 40 -2.72 -13.86 -6.65
N LEU A 41 -3.97 -13.96 -6.21
CA LEU A 41 -4.68 -12.82 -5.65
C LEU A 41 -4.58 -12.81 -4.13
N LYS A 42 -4.81 -13.97 -3.52
CA LYS A 42 -4.74 -14.10 -2.07
C LYS A 42 -3.30 -14.32 -1.61
N LYS A 43 -2.52 -15.03 -2.43
CA LYS A 43 -1.13 -15.30 -2.10
C LYS A 43 -0.27 -14.05 -2.27
N HIS A 44 -0.74 -13.12 -3.10
CA HIS A 44 -0.03 -11.88 -3.35
C HIS A 44 -0.34 -10.85 -2.27
N MET A 45 -1.61 -10.49 -2.16
CA MET A 45 -2.04 -9.51 -1.16
C MET A 45 -1.26 -9.67 0.14
N GLU A 46 -0.80 -10.90 0.40
CA GLU A 46 -0.04 -11.19 1.61
C GLU A 46 1.01 -10.12 1.85
N VAL A 47 1.85 -9.87 0.85
CA VAL A 47 2.90 -8.88 0.96
C VAL A 47 2.40 -7.50 0.55
N CYS A 48 1.50 -7.47 -0.43
CA CYS A 48 0.94 -6.22 -0.92
C CYS A 48 0.80 -5.21 0.21
N GLN A 49 -0.04 -5.54 1.20
CA GLN A 49 -0.26 -4.65 2.33
C GLN A 49 1.06 -4.30 3.01
N LYS A 50 1.91 -5.30 3.20
CA LYS A 50 3.20 -5.09 3.84
C LYS A 50 4.03 -4.07 3.07
N LEU A 51 3.94 -4.10 1.76
CA LEU A 51 4.68 -3.17 0.91
C LEU A 51 4.02 -1.80 0.92
N GLN A 52 2.75 -1.75 0.54
CA GLN A 52 2.00 -0.49 0.50
C GLN A 52 2.31 0.35 1.74
N ASP A 53 2.01 -0.20 2.90
CA ASP A 53 2.25 0.50 4.16
C ASP A 53 3.65 1.10 4.20
N ALA A 54 4.64 0.29 3.81
CA ALA A 54 6.02 0.75 3.80
C ALA A 54 6.19 1.98 2.91
N LEU A 55 5.93 1.81 1.62
CA LEU A 55 6.06 2.92 0.68
C LEU A 55 5.39 4.18 1.20
N LYS A 56 4.23 4.00 1.84
CA LYS A 56 3.48 5.13 2.40
C LYS A 56 4.25 5.75 3.55
N CYS A 57 4.72 6.98 3.35
CA CYS A 57 5.47 7.69 4.38
C CYS A 57 4.68 7.74 5.69
N GLN A 58 5.27 8.37 6.70
CA GLN A 58 4.63 8.49 8.00
C GLN A 58 4.53 9.94 8.44
N HIS A 59 5.57 10.72 8.12
CA HIS A 59 5.60 12.13 8.49
C HIS A 59 4.62 12.93 7.63
N CYS A 60 4.50 12.55 6.35
CA CYS A 60 3.60 13.22 5.43
C CYS A 60 2.40 12.34 5.08
N ARG A 61 2.62 11.03 5.12
CA ARG A 61 1.56 10.08 4.80
C ARG A 61 1.17 10.15 3.33
N LYS A 62 2.18 10.13 2.46
CA LYS A 62 1.94 10.20 1.03
C LYS A 62 2.32 8.89 0.35
N GLN A 63 1.48 8.44 -0.58
CA GLN A 63 1.73 7.19 -1.30
C GLN A 63 2.74 7.40 -2.43
N PHE A 64 3.67 6.48 -2.57
CA PHE A 64 4.68 6.56 -3.62
C PHE A 64 4.74 5.27 -4.42
N LYS A 65 4.50 5.40 -5.73
CA LYS A 65 4.53 4.24 -6.62
C LYS A 65 5.94 3.92 -7.05
N SER A 66 6.89 4.02 -6.11
CA SER A 66 8.29 3.73 -6.40
C SER A 66 9.11 3.75 -5.11
N LYS A 67 9.76 2.62 -4.82
CA LYS A 67 10.58 2.50 -3.63
C LYS A 67 11.74 3.50 -3.66
N ALA A 68 12.43 3.56 -4.79
CA ALA A 68 13.55 4.47 -4.95
C ALA A 68 13.11 5.93 -4.81
N GLY A 69 11.92 6.23 -5.34
CA GLY A 69 11.40 7.58 -5.26
C GLY A 69 11.13 8.01 -3.83
N LEU A 70 10.68 7.08 -3.00
CA LEU A 70 10.39 7.37 -1.61
C LEU A 70 11.65 7.75 -0.85
N ASN A 71 12.72 6.98 -1.05
CA ASN A 71 14.00 7.24 -0.39
C ASN A 71 14.41 8.69 -0.57
N TYR A 72 14.38 9.17 -1.81
CA TYR A 72 14.76 10.54 -2.12
C TYR A 72 13.87 11.53 -1.36
N HIS A 73 12.56 11.40 -1.54
CA HIS A 73 11.61 12.27 -0.87
C HIS A 73 11.86 12.30 0.63
N THR A 74 11.83 11.13 1.25
CA THR A 74 12.05 11.02 2.69
C THR A 74 13.10 12.02 3.16
N MET A 75 14.32 11.87 2.66
CA MET A 75 15.42 12.76 3.02
C MET A 75 15.14 14.18 2.58
N ALA A 76 14.71 14.33 1.32
CA ALA A 76 14.41 15.65 0.77
C ALA A 76 13.56 16.46 1.73
N GLU A 77 12.36 15.97 2.03
CA GLU A 77 11.45 16.65 2.95
C GLU A 77 11.78 16.31 4.39
N HIS A 78 11.81 15.01 4.70
CA HIS A 78 12.10 14.55 6.05
C HIS A 78 13.56 14.11 6.17
N SER A 79 14.46 15.09 6.31
CA SER A 79 15.88 14.79 6.44
C SER A 79 16.26 14.54 7.89
N ALA A 80 15.97 15.50 8.76
CA ALA A 80 16.28 15.38 10.17
C ALA A 80 15.06 14.95 10.97
N LYS A 81 15.29 14.19 12.03
CA LYS A 81 14.20 13.71 12.88
C LYS A 81 13.99 14.63 14.07
N PRO A 82 12.73 14.85 14.46
CA PRO A 82 12.37 15.70 15.59
C PRO A 82 12.76 15.09 16.92
N SER A 83 13.34 13.89 16.87
CA SER A 83 13.76 13.20 18.09
C SER A 83 15.13 12.55 17.89
N ASP A 84 16.02 12.75 18.86
CA ASP A 84 17.36 12.18 18.80
C ASP A 84 17.45 10.92 19.63
N ALA A 85 18.19 9.94 19.13
CA ALA A 85 18.36 8.68 19.84
C ALA A 85 19.41 8.79 20.94
N GLU A 86 18.95 8.95 22.17
CA GLU A 86 19.85 9.08 23.31
C GLU A 86 21.10 8.23 23.12
N ALA A 87 22.25 8.79 23.47
CA ALA A 87 23.52 8.08 23.34
C ALA A 87 23.99 7.54 24.69
N SER A 88 23.42 6.39 25.09
CA SER A 88 23.78 5.77 26.35
C SER A 88 24.47 4.43 26.13
N GLU A 89 25.79 4.45 26.03
CA GLU A 89 26.56 3.24 25.81
C GLU A 89 27.70 3.13 26.83
N GLY A 90 27.53 2.24 27.81
CA GLY A 90 28.53 2.05 28.83
C GLY A 90 28.60 0.61 29.31
N GLY A 91 29.52 0.35 30.24
CA GLY A 91 29.67 -1.00 30.77
C GLY A 91 30.63 -1.84 29.95
N GLU A 92 31.90 -1.83 30.36
CA GLU A 92 32.93 -2.59 29.66
C GLU A 92 33.86 -3.29 30.64
N SER A 93 34.41 -4.43 30.23
CA SER A 93 35.32 -5.19 31.09
C SER A 93 36.49 -5.74 30.27
N GLY A 94 37.50 -6.22 30.98
CA GLY A 94 38.67 -6.77 30.31
C GLY A 94 39.16 -8.05 30.95
N PRO A 95 38.67 -9.20 30.44
CA PRO A 95 39.05 -10.51 30.95
C PRO A 95 40.51 -10.87 30.64
N SER A 96 41.27 -11.18 31.68
CA SER A 96 42.68 -11.53 31.51
C SER A 96 43.10 -12.58 32.52
N SER A 97 43.44 -13.77 32.02
CA SER A 97 43.85 -14.87 32.88
C SER A 97 44.40 -16.03 32.07
N GLY A 98 44.88 -17.06 32.75
CA GLY A 98 45.44 -18.21 32.06
C GLY A 98 44.53 -19.42 32.13
N GLY A 1 -26.77 -25.32 24.60
CA GLY A 1 -25.58 -24.77 25.23
C GLY A 1 -25.25 -23.37 24.74
N SER A 2 -23.98 -23.12 24.47
CA SER A 2 -23.54 -21.82 24.00
C SER A 2 -24.02 -21.57 22.57
N SER A 3 -24.59 -20.38 22.36
CA SER A 3 -25.11 -20.02 21.05
C SER A 3 -24.04 -19.32 20.21
N GLY A 4 -24.01 -19.62 18.92
CA GLY A 4 -23.03 -19.02 18.04
C GLY A 4 -23.20 -19.46 16.59
N SER A 5 -22.81 -18.60 15.66
CA SER A 5 -22.92 -18.91 14.24
C SER A 5 -21.89 -18.13 13.43
N SER A 6 -21.75 -18.49 12.16
CA SER A 6 -20.78 -17.82 11.28
C SER A 6 -21.51 -16.98 10.24
N GLY A 7 -20.80 -15.98 9.71
CA GLY A 7 -21.39 -15.11 8.71
C GLY A 7 -20.88 -15.40 7.32
N PRO A 8 -21.14 -14.48 6.38
CA PRO A 8 -20.71 -14.62 4.98
C PRO A 8 -19.20 -14.48 4.83
N GLY A 9 -18.69 -14.83 3.65
CA GLY A 9 -17.27 -14.75 3.39
C GLY A 9 -16.76 -15.87 2.50
N GLY A 10 -17.27 -15.91 1.28
CA GLY A 10 -16.87 -16.95 0.34
C GLY A 10 -15.51 -16.67 -0.26
N PRO A 11 -15.00 -17.64 -1.06
CA PRO A 11 -13.70 -17.51 -1.72
C PRO A 11 -13.71 -16.46 -2.83
N GLU A 12 -14.71 -16.53 -3.70
CA GLU A 12 -14.83 -15.58 -4.81
C GLU A 12 -16.26 -15.05 -4.92
N GLU A 13 -16.61 -14.15 -4.01
CA GLU A 13 -17.95 -13.57 -4.01
C GLU A 13 -17.98 -12.25 -4.79
N GLN A 14 -16.96 -11.43 -4.58
CA GLN A 14 -16.85 -10.15 -5.26
C GLN A 14 -15.92 -10.23 -6.46
N TRP A 15 -14.80 -10.92 -6.28
CA TRP A 15 -13.82 -11.08 -7.35
C TRP A 15 -14.43 -11.81 -8.54
N GLN A 16 -15.30 -12.78 -8.26
CA GLN A 16 -15.94 -13.55 -9.31
C GLN A 16 -16.97 -12.71 -10.05
N ARG A 17 -17.69 -11.87 -9.31
CA ARG A 17 -18.71 -11.01 -9.90
C ARG A 17 -18.11 -10.13 -10.99
N ALA A 18 -16.84 -9.77 -10.84
CA ALA A 18 -16.15 -8.93 -11.80
C ALA A 18 -15.38 -9.79 -12.81
N ILE A 19 -14.86 -10.91 -12.34
CA ILE A 19 -14.10 -11.82 -13.19
C ILE A 19 -14.96 -12.37 -14.33
N HIS A 20 -16.25 -12.51 -14.06
CA HIS A 20 -17.18 -13.02 -15.06
C HIS A 20 -17.86 -11.88 -15.80
N GLU A 21 -17.97 -10.73 -15.14
CA GLU A 21 -18.60 -9.56 -15.74
C GLU A 21 -17.71 -8.96 -16.83
N ARG A 22 -16.48 -8.66 -16.46
CA ARG A 22 -15.53 -8.07 -17.41
C ARG A 22 -14.57 -9.14 -17.94
N GLY A 23 -13.65 -9.59 -17.09
CA GLY A 23 -12.69 -10.60 -17.50
C GLY A 23 -11.88 -11.12 -16.33
N GLU A 24 -11.36 -10.20 -15.51
CA GLU A 24 -10.55 -10.58 -14.35
C GLU A 24 -10.63 -9.52 -13.26
N ALA A 25 -10.11 -9.84 -12.09
CA ALA A 25 -10.12 -8.92 -10.97
C ALA A 25 -8.73 -8.76 -10.36
N VAL A 26 -7.93 -7.87 -10.96
CA VAL A 26 -6.57 -7.63 -10.48
C VAL A 26 -6.57 -7.23 -9.01
N CYS A 27 -5.38 -6.95 -8.49
CA CYS A 27 -5.24 -6.56 -7.09
C CYS A 27 -5.94 -5.23 -6.82
N PRO A 28 -6.82 -5.22 -5.81
CA PRO A 28 -7.58 -4.02 -5.43
C PRO A 28 -6.69 -2.96 -4.80
N THR A 29 -5.40 -3.23 -4.72
CA THR A 29 -4.44 -2.29 -4.14
C THR A 29 -3.57 -1.67 -5.22
N CYS A 30 -2.83 -2.50 -5.95
CA CYS A 30 -1.96 -2.02 -7.01
C CYS A 30 -2.37 -2.59 -8.36
N ASN A 31 -3.37 -3.49 -8.34
CA ASN A 31 -3.87 -4.10 -9.56
C ASN A 31 -2.73 -4.79 -10.33
N VAL A 32 -1.82 -5.42 -9.60
CA VAL A 32 -0.69 -6.11 -10.20
C VAL A 32 -0.61 -7.55 -9.74
N VAL A 33 -1.16 -8.46 -10.52
CA VAL A 33 -1.15 -9.89 -10.18
C VAL A 33 -1.51 -10.74 -11.39
N THR A 34 -1.60 -12.04 -11.18
CA THR A 34 -1.93 -12.98 -12.26
C THR A 34 -3.16 -12.51 -13.03
N ARG A 35 -3.18 -12.80 -14.32
CA ARG A 35 -4.31 -12.41 -15.16
C ARG A 35 -5.63 -12.84 -14.54
N LYS A 36 -5.70 -14.10 -14.13
CA LYS A 36 -6.91 -14.63 -13.53
C LYS A 36 -7.17 -13.98 -12.16
N THR A 37 -6.10 -13.72 -11.42
CA THR A 37 -6.20 -13.11 -10.11
C THR A 37 -6.96 -14.02 -9.14
N LEU A 38 -6.75 -15.32 -9.26
CA LEU A 38 -7.42 -16.28 -8.40
C LEU A 38 -6.47 -16.81 -7.33
N VAL A 39 -5.37 -17.41 -7.78
CA VAL A 39 -4.37 -17.96 -6.86
C VAL A 39 -3.30 -16.93 -6.53
N GLY A 40 -3.04 -16.03 -7.48
CA GLY A 40 -2.04 -15.00 -7.27
C GLY A 40 -2.58 -13.83 -6.48
N LEU A 41 -3.88 -13.60 -6.58
CA LEU A 41 -4.52 -12.50 -5.87
C LEU A 41 -4.47 -12.71 -4.36
N LYS A 42 -4.56 -13.97 -3.95
CA LYS A 42 -4.51 -14.31 -2.53
C LYS A 42 -3.08 -14.45 -2.05
N LYS A 43 -2.21 -14.97 -2.93
CA LYS A 43 -0.81 -15.16 -2.59
C LYS A 43 -0.05 -13.84 -2.64
N HIS A 44 -0.58 -12.89 -3.41
CA HIS A 44 0.05 -11.58 -3.54
C HIS A 44 -0.36 -10.67 -2.38
N MET A 45 -1.66 -10.43 -2.26
CA MET A 45 -2.17 -9.57 -1.19
C MET A 45 -1.44 -9.84 0.12
N GLU A 46 -0.91 -11.04 0.27
CA GLU A 46 -0.18 -11.41 1.48
C GLU A 46 0.82 -10.33 1.86
N VAL A 47 1.74 -10.03 0.95
CA VAL A 47 2.76 -9.02 1.19
C VAL A 47 2.23 -7.62 0.89
N CYS A 48 1.46 -7.51 -0.20
CA CYS A 48 0.89 -6.23 -0.61
C CYS A 48 0.58 -5.36 0.61
N GLN A 49 -0.29 -5.86 1.47
CA GLN A 49 -0.67 -5.13 2.68
C GLN A 49 0.54 -4.47 3.32
N LYS A 50 1.60 -5.24 3.50
CA LYS A 50 2.83 -4.74 4.10
C LYS A 50 3.46 -3.65 3.23
N LEU A 51 3.53 -3.92 1.92
CA LEU A 51 4.11 -2.96 0.99
C LEU A 51 3.40 -1.62 1.07
N GLN A 52 2.07 -1.64 0.91
CA GLN A 52 1.29 -0.42 0.96
C GLN A 52 1.85 0.56 1.99
N ASP A 53 2.19 0.04 3.16
CA ASP A 53 2.75 0.87 4.23
C ASP A 53 4.19 1.26 3.91
N ALA A 54 4.99 0.29 3.50
CA ALA A 54 6.38 0.53 3.17
C ALA A 54 6.52 1.66 2.15
N LEU A 55 5.79 1.53 1.04
CA LEU A 55 5.83 2.54 -0.02
C LEU A 55 5.43 3.91 0.53
N LYS A 56 4.44 3.92 1.40
CA LYS A 56 3.96 5.17 2.00
C LYS A 56 5.07 5.85 2.81
N CYS A 57 5.33 7.11 2.49
CA CYS A 57 6.37 7.87 3.18
C CYS A 57 5.99 8.07 4.65
N GLN A 58 6.90 8.71 5.40
CA GLN A 58 6.67 8.96 6.82
C GLN A 58 6.77 10.46 7.12
N HIS A 59 7.47 11.19 6.25
CA HIS A 59 7.64 12.63 6.43
C HIS A 59 6.49 13.39 5.79
N CYS A 60 6.05 12.92 4.62
CA CYS A 60 4.97 13.56 3.89
C CYS A 60 3.67 12.76 4.05
N ARG A 61 3.81 11.47 4.30
CA ARG A 61 2.66 10.59 4.46
C ARG A 61 1.85 10.51 3.17
N LYS A 62 2.54 10.27 2.06
CA LYS A 62 1.90 10.17 0.77
C LYS A 62 2.14 8.80 0.13
N GLN A 63 1.13 8.28 -0.54
CA GLN A 63 1.24 6.97 -1.19
C GLN A 63 2.05 7.06 -2.47
N PHE A 64 2.94 6.09 -2.68
CA PHE A 64 3.78 6.06 -3.87
C PHE A 64 3.63 4.74 -4.61
N LYS A 65 3.02 4.81 -5.80
CA LYS A 65 2.81 3.61 -6.61
C LYS A 65 4.06 3.28 -7.43
N SER A 66 5.21 3.33 -6.77
CA SER A 66 6.49 3.04 -7.44
C SER A 66 7.62 2.96 -6.42
N LYS A 67 8.10 1.74 -6.17
CA LYS A 67 9.19 1.53 -5.22
C LYS A 67 10.37 2.42 -5.56
N ALA A 68 10.79 2.41 -6.83
CA ALA A 68 11.91 3.22 -7.27
C ALA A 68 11.59 4.70 -7.17
N GLY A 69 10.38 5.07 -7.55
CA GLY A 69 9.96 6.46 -7.49
C GLY A 69 10.09 7.05 -6.11
N LEU A 70 9.64 6.30 -5.10
CA LEU A 70 9.69 6.76 -3.72
C LEU A 70 11.13 7.07 -3.31
N ASN A 71 12.04 6.17 -3.65
CA ASN A 71 13.45 6.34 -3.31
C ASN A 71 13.90 7.77 -3.57
N TYR A 72 13.77 8.21 -4.83
CA TYR A 72 14.17 9.56 -5.21
C TYR A 72 13.45 10.60 -4.34
N HIS A 73 12.14 10.69 -4.51
CA HIS A 73 11.35 11.65 -3.75
C HIS A 73 11.85 11.75 -2.30
N THR A 74 11.86 10.62 -1.61
CA THR A 74 12.31 10.58 -0.22
C THR A 74 13.49 11.52 0.00
N MET A 75 14.45 11.47 -0.93
CA MET A 75 15.64 12.32 -0.83
C MET A 75 15.35 13.71 -1.35
N ALA A 76 14.89 13.80 -2.59
CA ALA A 76 14.57 15.08 -3.21
C ALA A 76 13.77 15.96 -2.25
N GLU A 77 12.61 15.47 -1.84
CA GLU A 77 11.75 16.21 -0.92
C GLU A 77 12.32 16.21 0.49
N HIS A 78 12.59 15.02 1.01
CA HIS A 78 13.15 14.90 2.36
C HIS A 78 14.62 14.50 2.29
N SER A 79 15.47 15.46 1.95
CA SER A 79 16.91 15.22 1.85
C SER A 79 17.36 14.23 2.93
N ALA A 80 17.78 13.05 2.49
CA ALA A 80 18.25 12.02 3.42
C ALA A 80 19.64 12.34 3.94
N LYS A 81 19.72 13.21 4.93
CA LYS A 81 21.00 13.60 5.53
C LYS A 81 21.36 12.69 6.69
N PRO A 82 22.66 12.40 6.84
CA PRO A 82 23.15 11.55 7.92
C PRO A 82 23.06 12.22 9.28
N SER A 83 22.67 11.44 10.29
CA SER A 83 22.54 11.97 11.64
C SER A 83 23.18 11.02 12.65
N ASP A 84 23.71 11.59 13.73
CA ASP A 84 24.36 10.80 14.77
C ASP A 84 23.55 9.56 15.10
N ALA A 85 24.19 8.58 15.72
CA ALA A 85 23.53 7.33 16.08
C ALA A 85 22.26 7.60 16.86
N GLU A 86 21.20 6.86 16.52
CA GLU A 86 19.91 7.03 17.19
C GLU A 86 19.45 5.71 17.81
N ALA A 87 18.64 5.81 18.86
CA ALA A 87 18.13 4.63 19.55
C ALA A 87 19.28 3.78 20.11
N SER A 88 20.26 4.45 20.70
CA SER A 88 21.41 3.76 21.27
C SER A 88 21.38 3.83 22.80
N GLU A 89 21.12 5.01 23.34
CA GLU A 89 21.06 5.20 24.78
C GLU A 89 19.90 4.41 25.38
N GLY A 90 18.73 4.54 24.77
CA GLY A 90 17.55 3.83 25.26
C GLY A 90 17.38 2.48 24.60
N GLY A 91 17.97 1.46 25.19
CA GLY A 91 17.86 0.12 24.64
C GLY A 91 19.09 -0.73 24.94
N GLU A 92 19.61 -0.62 26.16
CA GLU A 92 20.77 -1.38 26.57
C GLU A 92 20.42 -2.85 26.78
N SER A 93 20.77 -3.68 25.80
CA SER A 93 20.48 -5.11 25.88
C SER A 93 21.75 -5.93 25.65
N GLY A 94 21.98 -6.91 26.52
CA GLY A 94 23.15 -7.75 26.39
C GLY A 94 23.26 -8.78 27.51
N PRO A 95 23.36 -10.06 27.12
CA PRO A 95 23.48 -11.16 28.08
C PRO A 95 24.81 -11.16 28.82
N SER A 96 24.85 -11.85 29.96
CA SER A 96 26.07 -11.93 30.76
C SER A 96 26.99 -13.02 30.24
N SER A 97 28.02 -12.61 29.51
CA SER A 97 28.99 -13.55 28.94
C SER A 97 30.35 -13.39 29.59
N GLY A 98 31.22 -14.36 29.37
CA GLY A 98 32.56 -14.30 29.94
C GLY A 98 33.34 -15.58 29.72
N GLY A 1 -30.83 -34.31 18.80
CA GLY A 1 -31.24 -33.68 17.56
C GLY A 1 -30.60 -32.32 17.36
N SER A 2 -29.73 -32.21 16.37
CA SER A 2 -29.05 -30.96 16.08
C SER A 2 -28.34 -31.01 14.72
N SER A 3 -28.56 -29.99 13.91
CA SER A 3 -27.95 -29.92 12.58
C SER A 3 -27.05 -28.70 12.46
N GLY A 4 -27.55 -27.55 12.93
CA GLY A 4 -26.79 -26.33 12.86
C GLY A 4 -26.37 -25.97 11.44
N SER A 5 -27.15 -25.10 10.80
CA SER A 5 -26.87 -24.70 9.43
C SER A 5 -26.38 -23.26 9.39
N SER A 6 -25.26 -23.03 8.68
CA SER A 6 -24.69 -21.70 8.56
C SER A 6 -24.14 -21.47 7.16
N GLY A 7 -24.00 -20.20 6.79
CA GLY A 7 -23.48 -19.87 5.47
C GLY A 7 -22.34 -18.86 5.54
N PRO A 8 -21.10 -19.37 5.61
CA PRO A 8 -19.90 -18.52 5.68
C PRO A 8 -19.63 -17.79 4.37
N GLY A 9 -18.80 -16.76 4.42
CA GLY A 9 -18.48 -15.99 3.24
C GLY A 9 -17.86 -16.85 2.15
N GLY A 10 -16.64 -17.33 2.39
CA GLY A 10 -15.95 -18.16 1.40
C GLY A 10 -14.64 -17.56 0.96
N PRO A 11 -13.82 -18.37 0.28
CA PRO A 11 -12.51 -17.94 -0.22
C PRO A 11 -12.63 -16.94 -1.37
N GLU A 12 -13.43 -17.30 -2.37
CA GLU A 12 -13.63 -16.43 -3.53
C GLU A 12 -15.11 -16.34 -3.90
N GLU A 13 -15.84 -15.51 -3.18
CA GLU A 13 -17.27 -15.34 -3.42
C GLU A 13 -17.52 -14.15 -4.35
N GLN A 14 -16.97 -12.99 -3.99
CA GLN A 14 -17.13 -11.80 -4.79
C GLN A 14 -16.17 -11.78 -5.97
N TRP A 15 -14.93 -12.20 -5.72
CA TRP A 15 -13.91 -12.24 -6.76
C TRP A 15 -14.34 -13.16 -7.91
N GLN A 16 -14.90 -14.30 -7.56
CA GLN A 16 -15.36 -15.26 -8.56
C GLN A 16 -16.59 -14.75 -9.29
N ARG A 17 -17.41 -13.97 -8.58
CA ARG A 17 -18.62 -13.42 -9.17
C ARG A 17 -18.29 -12.40 -10.26
N ALA A 18 -17.19 -11.69 -10.06
CA ALA A 18 -16.76 -10.68 -11.03
C ALA A 18 -15.78 -11.27 -12.04
N ILE A 19 -15.08 -12.32 -11.63
CA ILE A 19 -14.10 -12.97 -12.50
C ILE A 19 -14.80 -13.66 -13.67
N HIS A 20 -16.06 -14.02 -13.48
CA HIS A 20 -16.84 -14.68 -14.52
C HIS A 20 -17.78 -13.70 -15.21
N GLU A 21 -18.16 -12.65 -14.48
CA GLU A 21 -19.06 -11.64 -15.02
C GLU A 21 -18.34 -10.74 -16.02
N ARG A 22 -17.24 -10.15 -15.57
CA ARG A 22 -16.44 -9.26 -16.42
C ARG A 22 -15.29 -10.02 -17.08
N GLY A 23 -14.27 -10.32 -16.28
CA GLY A 23 -13.12 -11.04 -16.81
C GLY A 23 -12.20 -11.54 -15.70
N GLU A 24 -11.73 -10.61 -14.87
CA GLU A 24 -10.83 -10.97 -13.77
C GLU A 24 -10.87 -9.89 -12.68
N ALA A 25 -10.44 -10.28 -11.48
CA ALA A 25 -10.42 -9.35 -10.35
C ALA A 25 -8.99 -9.03 -9.94
N VAL A 26 -8.43 -7.96 -10.51
CA VAL A 26 -7.08 -7.54 -10.20
C VAL A 26 -6.97 -7.03 -8.77
N CYS A 27 -5.74 -6.84 -8.29
CA CYS A 27 -5.51 -6.35 -6.94
C CYS A 27 -6.14 -4.98 -6.74
N PRO A 28 -7.03 -4.88 -5.74
CA PRO A 28 -7.72 -3.63 -5.42
C PRO A 28 -6.79 -2.59 -4.81
N THR A 29 -5.51 -2.94 -4.72
CA THR A 29 -4.51 -2.03 -4.16
C THR A 29 -3.66 -1.39 -5.26
N CYS A 30 -3.06 -2.23 -6.08
CA CYS A 30 -2.22 -1.75 -7.18
C CYS A 30 -2.75 -2.24 -8.53
N ASN A 31 -3.65 -3.21 -8.49
CA ASN A 31 -4.24 -3.77 -9.70
C ASN A 31 -3.18 -4.42 -10.57
N VAL A 32 -2.39 -5.31 -9.96
CA VAL A 32 -1.34 -6.02 -10.68
C VAL A 32 -1.07 -7.38 -10.07
N VAL A 33 -1.50 -8.43 -10.76
CA VAL A 33 -1.31 -9.80 -10.28
C VAL A 33 -1.55 -10.81 -11.39
N THR A 34 -1.46 -12.09 -11.04
CA THR A 34 -1.67 -13.16 -12.02
C THR A 34 -2.82 -12.82 -12.96
N ARG A 35 -2.80 -13.44 -14.14
CA ARG A 35 -3.83 -13.21 -15.14
C ARG A 35 -5.21 -13.55 -14.59
N LYS A 36 -5.33 -14.73 -13.98
CA LYS A 36 -6.59 -15.18 -13.41
C LYS A 36 -6.85 -14.51 -12.08
N THR A 37 -5.86 -13.78 -11.58
CA THR A 37 -5.99 -13.08 -10.31
C THR A 37 -6.77 -13.90 -9.30
N LEU A 38 -6.51 -15.21 -9.27
CA LEU A 38 -7.20 -16.11 -8.36
C LEU A 38 -6.23 -16.64 -7.29
N VAL A 39 -5.25 -17.42 -7.73
CA VAL A 39 -4.26 -17.98 -6.82
C VAL A 39 -3.22 -16.95 -6.43
N GLY A 40 -2.89 -16.07 -7.37
CA GLY A 40 -1.90 -15.04 -7.09
C GLY A 40 -2.49 -13.87 -6.32
N LEU A 41 -3.60 -13.34 -6.80
CA LEU A 41 -4.25 -12.20 -6.15
C LEU A 41 -4.22 -12.36 -4.63
N LYS A 42 -4.37 -13.58 -4.16
CA LYS A 42 -4.34 -13.87 -2.73
C LYS A 42 -2.91 -13.90 -2.21
N LYS A 43 -2.09 -14.76 -2.82
CA LYS A 43 -0.69 -14.90 -2.41
C LYS A 43 0.06 -13.59 -2.62
N HIS A 44 -0.56 -12.66 -3.34
CA HIS A 44 0.05 -11.36 -3.61
C HIS A 44 -0.41 -10.32 -2.59
N MET A 45 -1.72 -10.20 -2.42
CA MET A 45 -2.29 -9.24 -1.47
C MET A 45 -1.72 -9.47 -0.07
N GLU A 46 -1.53 -10.73 0.29
CA GLU A 46 -1.00 -11.07 1.60
C GLU A 46 0.18 -10.19 1.96
N VAL A 47 1.13 -10.05 1.03
CA VAL A 47 2.30 -9.23 1.25
C VAL A 47 2.08 -7.80 0.76
N CYS A 48 1.24 -7.66 -0.27
CA CYS A 48 0.94 -6.35 -0.84
C CYS A 48 0.86 -5.29 0.25
N GLN A 49 -0.15 -5.41 1.11
CA GLN A 49 -0.34 -4.45 2.19
C GLN A 49 0.95 -4.26 2.98
N LYS A 50 1.63 -5.35 3.29
CA LYS A 50 2.89 -5.29 4.03
C LYS A 50 3.92 -4.44 3.30
N LEU A 51 3.96 -4.58 1.98
CA LEU A 51 4.89 -3.82 1.16
C LEU A 51 4.43 -2.38 0.99
N GLN A 52 3.28 -2.21 0.32
CA GLN A 52 2.72 -0.89 0.10
C GLN A 52 2.70 -0.07 1.38
N ASP A 53 2.25 -0.69 2.47
CA ASP A 53 2.19 -0.02 3.76
C ASP A 53 3.49 0.72 4.06
N ALA A 54 4.61 0.08 3.75
CA ALA A 54 5.92 0.68 3.98
C ALA A 54 6.06 1.99 3.21
N LEU A 55 6.10 1.89 1.89
CA LEU A 55 6.23 3.06 1.03
C LEU A 55 5.20 4.12 1.40
N LYS A 56 4.01 3.68 1.77
CA LYS A 56 2.93 4.59 2.15
C LYS A 56 3.35 5.47 3.31
N CYS A 57 3.03 6.76 3.23
CA CYS A 57 3.38 7.71 4.27
C CYS A 57 2.29 7.76 5.33
N GLN A 58 2.46 8.64 6.31
CA GLN A 58 1.50 8.79 7.39
C GLN A 58 1.00 10.23 7.49
N HIS A 59 1.94 11.17 7.52
CA HIS A 59 1.60 12.59 7.61
C HIS A 59 0.74 13.01 6.43
N CYS A 60 1.12 12.58 5.23
CA CYS A 60 0.37 12.92 4.03
C CYS A 60 -0.56 11.78 3.62
N ARG A 61 -0.33 10.60 4.20
CA ARG A 61 -1.15 9.43 3.91
C ARG A 61 -1.21 9.18 2.39
N LYS A 62 -0.03 9.10 1.77
CA LYS A 62 0.05 8.87 0.33
C LYS A 62 0.99 7.70 0.03
N GLN A 63 0.69 6.99 -1.04
CA GLN A 63 1.51 5.84 -1.44
C GLN A 63 2.57 6.26 -2.46
N PHE A 64 3.80 5.80 -2.25
CA PHE A 64 4.90 6.12 -3.15
C PHE A 64 5.42 4.87 -3.85
N LYS A 65 5.80 5.03 -5.11
CA LYS A 65 6.32 3.91 -5.89
C LYS A 65 7.84 4.00 -6.03
N SER A 66 8.51 4.32 -4.93
CA SER A 66 9.96 4.43 -4.91
C SER A 66 10.48 4.65 -3.50
N LYS A 67 11.11 3.62 -2.94
CA LYS A 67 11.66 3.69 -1.60
C LYS A 67 12.55 4.91 -1.43
N ALA A 68 13.45 5.13 -2.39
CA ALA A 68 14.35 6.26 -2.35
C ALA A 68 13.58 7.58 -2.38
N GLY A 69 12.54 7.63 -3.20
CA GLY A 69 11.73 8.83 -3.31
C GLY A 69 11.07 9.20 -1.99
N LEU A 70 10.67 8.19 -1.21
CA LEU A 70 10.03 8.41 0.07
C LEU A 70 10.99 9.04 1.07
N ASN A 71 12.14 8.40 1.25
CA ASN A 71 13.15 8.89 2.18
C ASN A 71 13.23 10.41 2.14
N TYR A 72 13.42 10.95 0.94
CA TYR A 72 13.52 12.40 0.76
C TYR A 72 12.20 13.08 1.10
N HIS A 73 11.18 12.85 0.27
CA HIS A 73 9.87 13.44 0.50
C HIS A 73 9.56 13.54 1.98
N THR A 74 9.65 12.41 2.68
CA THR A 74 9.36 12.36 4.11
C THR A 74 9.97 13.58 4.81
N MET A 75 11.22 13.89 4.48
CA MET A 75 11.91 15.03 5.08
C MET A 75 11.47 16.33 4.43
N ALA A 76 11.59 16.39 3.11
CA ALA A 76 11.21 17.59 2.37
C ALA A 76 9.81 18.07 2.78
N GLU A 77 8.82 17.23 2.55
CA GLU A 77 7.44 17.57 2.89
C GLU A 77 7.25 17.63 4.40
N HIS A 78 7.70 16.58 5.09
CA HIS A 78 7.59 16.51 6.54
C HIS A 78 8.96 16.62 7.20
N SER A 79 9.45 17.84 7.34
CA SER A 79 10.76 18.07 7.95
C SER A 79 10.71 17.79 9.45
N ALA A 80 11.58 16.88 9.91
CA ALA A 80 11.65 16.52 11.31
C ALA A 80 12.27 17.64 12.13
N LYS A 81 11.44 18.60 12.55
CA LYS A 81 11.91 19.72 13.34
C LYS A 81 13.02 19.30 14.28
N PRO A 82 14.14 20.04 14.27
CA PRO A 82 15.29 19.75 15.12
C PRO A 82 15.01 20.04 16.59
N SER A 83 15.88 19.53 17.46
CA SER A 83 15.72 19.73 18.90
C SER A 83 16.66 20.82 19.41
N ASP A 84 16.10 21.99 19.67
CA ASP A 84 16.90 23.12 20.16
C ASP A 84 16.57 23.41 21.62
N ALA A 85 15.29 23.36 21.97
CA ALA A 85 14.85 23.62 23.33
C ALA A 85 13.70 22.71 23.72
N GLU A 86 13.98 21.73 24.59
CA GLU A 86 12.97 20.80 25.04
C GLU A 86 11.75 21.53 25.59
N ALA A 87 10.56 21.04 25.24
CA ALA A 87 9.32 21.65 25.70
C ALA A 87 9.00 21.23 27.14
N SER A 88 9.65 21.89 28.10
CA SER A 88 9.44 21.59 29.51
C SER A 88 8.99 22.83 30.27
N GLU A 89 7.70 22.91 30.56
CA GLU A 89 7.14 24.04 31.28
C GLU A 89 5.78 23.69 31.88
N GLY A 90 5.58 24.08 33.13
CA GLY A 90 4.32 23.80 33.81
C GLY A 90 4.27 24.36 35.21
N GLY A 91 5.35 24.16 35.96
CA GLY A 91 5.40 24.66 37.33
C GLY A 91 4.46 23.91 38.26
N GLU A 92 4.51 24.24 39.55
CA GLU A 92 3.66 23.59 40.53
C GLU A 92 2.90 24.62 41.35
N SER A 93 2.03 24.15 42.25
CA SER A 93 1.23 25.03 43.09
C SER A 93 1.43 24.70 44.56
N GLY A 94 1.86 25.69 45.34
CA GLY A 94 2.08 25.47 46.75
C GLY A 94 3.07 26.47 47.34
N PRO A 95 2.75 26.99 48.53
CA PRO A 95 3.61 27.97 49.22
C PRO A 95 4.89 27.35 49.73
N SER A 96 5.92 27.34 48.88
CA SER A 96 7.21 26.77 49.25
C SER A 96 8.09 27.82 49.92
N SER A 97 7.48 28.61 50.80
CA SER A 97 8.20 29.66 51.52
C SER A 97 9.41 29.08 52.26
N GLY A 98 9.18 27.95 52.93
CA GLY A 98 10.26 27.30 53.67
C GLY A 98 9.89 25.91 54.13
N GLY A 1 -23.24 -31.97 21.72
CA GLY A 1 -22.48 -31.61 20.54
C GLY A 1 -22.51 -30.12 20.28
N SER A 2 -21.53 -29.63 19.52
CA SER A 2 -21.44 -28.21 19.20
C SER A 2 -20.81 -28.01 17.82
N SER A 3 -21.54 -27.32 16.95
CA SER A 3 -21.06 -27.06 15.60
C SER A 3 -20.73 -25.57 15.42
N GLY A 4 -20.08 -25.25 14.30
CA GLY A 4 -19.72 -23.88 14.02
C GLY A 4 -20.60 -23.24 12.95
N SER A 5 -21.58 -22.46 13.39
CA SER A 5 -22.50 -21.80 12.46
C SER A 5 -21.94 -20.45 12.01
N SER A 6 -21.26 -20.44 10.88
CA SER A 6 -20.67 -19.22 10.35
C SER A 6 -20.76 -19.18 8.82
N GLY A 7 -21.09 -18.02 8.28
CA GLY A 7 -21.20 -17.87 6.84
C GLY A 7 -20.85 -16.47 6.36
N PRO A 8 -19.56 -16.11 6.48
CA PRO A 8 -19.06 -14.80 6.07
C PRO A 8 -19.08 -14.63 4.55
N GLY A 9 -19.31 -15.72 3.84
CA GLY A 9 -19.35 -15.67 2.39
C GLY A 9 -18.53 -16.78 1.75
N GLY A 10 -17.22 -16.72 1.93
CA GLY A 10 -16.35 -17.74 1.35
C GLY A 10 -14.98 -17.20 1.00
N PRO A 11 -14.13 -18.06 0.43
CA PRO A 11 -12.76 -17.68 0.05
C PRO A 11 -12.74 -16.73 -1.14
N GLU A 12 -13.50 -17.05 -2.18
CA GLU A 12 -13.57 -16.22 -3.37
C GLU A 12 -15.02 -16.01 -3.81
N GLU A 13 -15.74 -15.17 -3.06
CA GLU A 13 -17.14 -14.88 -3.37
C GLU A 13 -17.25 -13.64 -4.25
N GLN A 14 -16.90 -12.49 -3.68
CA GLN A 14 -16.97 -11.23 -4.42
C GLN A 14 -15.94 -11.20 -5.53
N TRP A 15 -14.74 -11.70 -5.24
CA TRP A 15 -13.66 -11.73 -6.22
C TRP A 15 -14.03 -12.58 -7.43
N GLN A 16 -14.60 -13.74 -7.16
CA GLN A 16 -15.01 -14.65 -8.23
C GLN A 16 -16.27 -14.14 -8.92
N ARG A 17 -17.10 -13.42 -8.18
CA ARG A 17 -18.34 -12.88 -8.72
C ARG A 17 -18.06 -11.85 -9.81
N ALA A 18 -17.08 -10.98 -9.55
CA ALA A 18 -16.70 -9.95 -10.49
C ALA A 18 -15.94 -10.54 -11.67
N ILE A 19 -15.32 -11.70 -11.46
CA ILE A 19 -14.56 -12.36 -12.51
C ILE A 19 -15.46 -12.78 -13.66
N HIS A 20 -16.60 -13.38 -13.34
CA HIS A 20 -17.55 -13.82 -14.35
C HIS A 20 -18.48 -12.69 -14.76
N GLU A 21 -18.84 -11.84 -13.80
CA GLU A 21 -19.72 -10.72 -14.06
C GLU A 21 -19.06 -9.70 -14.98
N ARG A 22 -17.88 -9.24 -14.59
CA ARG A 22 -17.14 -8.26 -15.39
C ARG A 22 -16.12 -8.96 -16.28
N GLY A 23 -15.06 -9.48 -15.67
CA GLY A 23 -14.02 -10.16 -16.43
C GLY A 23 -12.97 -10.79 -15.54
N GLU A 24 -12.35 -9.98 -14.69
CA GLU A 24 -11.31 -10.46 -13.79
C GLU A 24 -11.28 -9.63 -12.51
N ALA A 25 -10.66 -10.17 -11.47
CA ALA A 25 -10.56 -9.47 -10.19
C ALA A 25 -9.10 -9.20 -9.84
N VAL A 26 -8.57 -8.10 -10.38
CA VAL A 26 -7.18 -7.73 -10.12
C VAL A 26 -7.04 -7.06 -8.76
N CYS A 27 -5.85 -7.18 -8.16
CA CYS A 27 -5.59 -6.58 -6.86
C CYS A 27 -6.17 -5.18 -6.77
N PRO A 28 -7.11 -4.99 -5.82
CA PRO A 28 -7.77 -3.70 -5.61
C PRO A 28 -6.82 -2.65 -5.03
N THR A 29 -5.54 -3.01 -4.92
CA THR A 29 -4.53 -2.11 -4.38
C THR A 29 -3.63 -1.57 -5.48
N CYS A 30 -3.12 -2.47 -6.32
CA CYS A 30 -2.24 -2.08 -7.40
C CYS A 30 -2.84 -2.47 -8.76
N ASN A 31 -3.68 -3.50 -8.75
CA ASN A 31 -4.32 -3.97 -9.97
C ASN A 31 -3.32 -4.69 -10.87
N VAL A 32 -2.37 -5.38 -10.25
CA VAL A 32 -1.35 -6.11 -11.00
C VAL A 32 -1.07 -7.46 -10.35
N VAL A 33 -1.57 -8.53 -10.97
CA VAL A 33 -1.37 -9.88 -10.45
C VAL A 33 -1.65 -10.92 -11.52
N THR A 34 -1.58 -12.19 -11.14
CA THR A 34 -1.82 -13.28 -12.07
C THR A 34 -2.93 -12.94 -13.06
N ARG A 35 -2.76 -13.37 -14.31
CA ARG A 35 -3.75 -13.10 -15.35
C ARG A 35 -5.16 -13.40 -14.84
N LYS A 36 -5.30 -14.48 -14.08
CA LYS A 36 -6.59 -14.87 -13.54
C LYS A 36 -6.91 -14.09 -12.26
N THR A 37 -5.87 -13.57 -11.62
CA THR A 37 -6.03 -12.80 -10.39
C THR A 37 -6.86 -13.58 -9.38
N LEU A 38 -6.56 -14.87 -9.23
CA LEU A 38 -7.27 -15.72 -8.29
C LEU A 38 -6.32 -16.35 -7.29
N VAL A 39 -5.48 -17.26 -7.76
CA VAL A 39 -4.51 -17.94 -6.91
C VAL A 39 -3.40 -16.98 -6.48
N GLY A 40 -2.86 -16.25 -7.45
CA GLY A 40 -1.80 -15.30 -7.15
C GLY A 40 -2.30 -14.07 -6.42
N LEU A 41 -3.53 -13.68 -6.72
CA LEU A 41 -4.13 -12.51 -6.08
C LEU A 41 -4.14 -12.64 -4.56
N LYS A 42 -4.38 -13.85 -4.09
CA LYS A 42 -4.40 -14.13 -2.65
C LYS A 42 -2.99 -14.10 -2.07
N LYS A 43 -2.14 -15.01 -2.55
CA LYS A 43 -0.76 -15.09 -2.09
C LYS A 43 -0.04 -13.76 -2.28
N HIS A 44 -0.52 -12.97 -3.23
CA HIS A 44 0.09 -11.67 -3.51
C HIS A 44 -0.32 -10.64 -2.47
N MET A 45 -1.62 -10.34 -2.41
CA MET A 45 -2.14 -9.37 -1.45
C MET A 45 -1.47 -9.56 -0.07
N GLU A 46 -1.01 -10.78 0.19
CA GLU A 46 -0.36 -11.09 1.46
C GLU A 46 0.65 -10.01 1.83
N VAL A 47 1.61 -9.78 0.93
CA VAL A 47 2.64 -8.78 1.17
C VAL A 47 2.20 -7.40 0.66
N CYS A 48 1.48 -7.39 -0.45
CA CYS A 48 0.99 -6.14 -1.03
C CYS A 48 0.70 -5.11 0.07
N GLN A 49 -0.25 -5.42 0.94
CA GLN A 49 -0.61 -4.52 2.03
C GLN A 49 0.60 -4.20 2.90
N LYS A 50 1.41 -5.22 3.18
CA LYS A 50 2.60 -5.05 4.00
C LYS A 50 3.55 -4.03 3.37
N LEU A 51 3.64 -4.06 2.04
CA LEU A 51 4.51 -3.15 1.32
C LEU A 51 3.94 -1.73 1.33
N GLN A 52 2.78 -1.57 0.71
CA GLN A 52 2.13 -0.26 0.66
C GLN A 52 2.39 0.54 1.93
N ASP A 53 2.22 -0.11 3.08
CA ASP A 53 2.45 0.55 4.36
C ASP A 53 3.89 1.04 4.48
N ALA A 54 4.84 0.13 4.31
CA ALA A 54 6.24 0.48 4.39
C ALA A 54 6.61 1.58 3.39
N LEU A 55 6.48 1.27 2.11
CA LEU A 55 6.78 2.23 1.05
C LEU A 55 6.15 3.58 1.35
N LYS A 56 4.92 3.56 1.87
CA LYS A 56 4.20 4.78 2.20
C LYS A 56 4.97 5.61 3.22
N CYS A 57 5.40 6.80 2.81
CA CYS A 57 6.15 7.68 3.69
C CYS A 57 5.42 7.90 5.01
N GLN A 58 5.99 8.72 5.88
CA GLN A 58 5.38 9.00 7.17
C GLN A 58 5.25 10.51 7.39
N HIS A 59 6.23 11.26 6.90
CA HIS A 59 6.22 12.71 7.03
C HIS A 59 5.29 13.35 6.02
N CYS A 60 5.30 12.81 4.80
CA CYS A 60 4.44 13.34 3.73
C CYS A 60 3.25 12.41 3.50
N ARG A 61 3.34 11.19 4.00
CA ARG A 61 2.27 10.21 3.85
C ARG A 61 1.91 10.02 2.38
N LYS A 62 2.93 9.73 1.57
CA LYS A 62 2.73 9.51 0.14
C LYS A 62 3.39 8.22 -0.33
N GLN A 63 2.62 7.39 -1.02
CA GLN A 63 3.13 6.12 -1.51
C GLN A 63 4.09 6.34 -2.69
N PHE A 64 4.95 5.35 -2.94
CA PHE A 64 5.90 5.44 -4.03
C PHE A 64 5.89 4.17 -4.88
N LYS A 65 6.00 4.34 -6.19
CA LYS A 65 5.99 3.20 -7.11
C LYS A 65 7.34 2.48 -7.09
N SER A 66 8.39 3.21 -6.75
CA SER A 66 9.74 2.64 -6.70
C SER A 66 10.45 3.06 -5.43
N LYS A 67 10.76 2.09 -4.58
CA LYS A 67 11.46 2.36 -3.32
C LYS A 67 12.67 3.26 -3.56
N ALA A 68 13.24 3.18 -4.76
CA ALA A 68 14.40 4.00 -5.10
C ALA A 68 14.08 5.48 -4.98
N GLY A 69 12.90 5.87 -5.44
CA GLY A 69 12.50 7.26 -5.38
C GLY A 69 12.22 7.72 -3.96
N LEU A 70 11.66 6.83 -3.14
CA LEU A 70 11.34 7.15 -1.75
C LEU A 70 12.62 7.36 -0.94
N ASN A 71 13.64 6.56 -1.24
CA ASN A 71 14.91 6.66 -0.53
C ASN A 71 15.49 8.07 -0.65
N TYR A 72 15.63 8.55 -1.88
CA TYR A 72 16.17 9.88 -2.12
C TYR A 72 15.16 10.95 -1.75
N HIS A 73 13.88 10.63 -1.88
CA HIS A 73 12.81 11.57 -1.56
C HIS A 73 12.81 11.89 -0.07
N THR A 74 12.79 10.85 0.76
CA THR A 74 12.78 11.03 2.21
C THR A 74 13.95 11.89 2.66
N MET A 75 15.05 11.83 1.91
CA MET A 75 16.24 12.61 2.24
C MET A 75 16.12 14.03 1.69
N ALA A 76 15.69 14.16 0.45
CA ALA A 76 15.53 15.46 -0.18
C ALA A 76 14.38 16.25 0.46
N GLU A 77 13.17 15.68 0.38
CA GLU A 77 11.99 16.33 0.95
C GLU A 77 12.11 16.44 2.47
N HIS A 78 12.26 15.29 3.12
CA HIS A 78 12.39 15.25 4.58
C HIS A 78 13.82 14.95 4.99
N SER A 79 14.05 14.86 6.30
CA SER A 79 15.37 14.56 6.83
C SER A 79 15.31 13.47 7.88
N ALA A 80 15.26 12.22 7.43
CA ALA A 80 15.20 11.08 8.34
C ALA A 80 16.57 10.80 8.96
N LYS A 81 16.58 10.63 10.28
CA LYS A 81 17.83 10.36 10.99
C LYS A 81 18.39 9.00 10.59
N PRO A 82 19.68 8.99 10.21
CA PRO A 82 20.37 7.76 9.80
C PRO A 82 20.61 6.80 10.97
N SER A 83 19.64 5.93 11.21
CA SER A 83 19.73 4.96 12.30
C SER A 83 21.13 4.34 12.35
N ASP A 84 21.79 4.48 13.49
CA ASP A 84 23.12 3.95 13.68
C ASP A 84 23.13 2.86 14.75
N ALA A 85 23.49 1.64 14.35
CA ALA A 85 23.53 0.52 15.27
C ALA A 85 24.97 0.25 15.74
N GLU A 86 25.38 0.93 16.79
CA GLU A 86 26.72 0.77 17.33
C GLU A 86 26.69 -0.06 18.61
N ALA A 87 25.78 -1.01 18.68
CA ALA A 87 25.64 -1.88 19.84
C ALA A 87 25.67 -3.35 19.45
N SER A 88 26.83 -3.98 19.60
CA SER A 88 27.00 -5.38 19.25
C SER A 88 28.34 -5.91 19.76
N GLU A 89 28.39 -7.22 20.02
CA GLU A 89 29.61 -7.85 20.51
C GLU A 89 30.84 -7.26 19.83
N GLY A 90 31.68 -6.59 20.61
CA GLY A 90 32.88 -5.98 20.05
C GLY A 90 33.14 -4.59 20.61
N GLY A 91 33.16 -4.48 21.94
CA GLY A 91 33.39 -3.20 22.57
C GLY A 91 34.59 -3.23 23.52
N GLU A 92 34.47 -4.02 24.59
CA GLU A 92 35.53 -4.14 25.57
C GLU A 92 36.42 -5.33 25.27
N SER A 93 37.46 -5.09 24.46
CA SER A 93 38.39 -6.15 24.08
C SER A 93 39.72 -6.00 24.83
N GLY A 94 39.90 -6.84 25.85
CA GLY A 94 41.13 -6.79 26.63
C GLY A 94 42.23 -7.64 26.04
N PRO A 95 43.43 -7.05 25.91
CA PRO A 95 44.60 -7.75 25.35
C PRO A 95 45.12 -8.83 26.29
N SER A 96 44.97 -10.09 25.88
CA SER A 96 45.42 -11.22 26.68
C SER A 96 46.80 -11.69 26.23
N SER A 97 47.50 -12.39 27.11
CA SER A 97 48.84 -12.89 26.81
C SER A 97 48.76 -14.16 25.95
N GLY A 98 49.89 -14.54 25.39
CA GLY A 98 49.93 -15.74 24.55
C GLY A 98 50.77 -15.54 23.30
N GLY A 1 -22.05 -21.75 -5.92
CA GLY A 1 -22.75 -21.52 -7.18
C GLY A 1 -24.22 -21.24 -6.98
N SER A 2 -25.06 -22.21 -7.36
CA SER A 2 -26.50 -22.06 -7.22
C SER A 2 -26.88 -21.61 -5.81
N SER A 3 -27.99 -20.90 -5.70
CA SER A 3 -28.46 -20.41 -4.40
C SER A 3 -29.47 -21.36 -3.78
N GLY A 4 -29.14 -21.88 -2.60
CA GLY A 4 -30.03 -22.80 -1.92
C GLY A 4 -29.56 -23.12 -0.51
N SER A 5 -30.26 -22.58 0.47
CA SER A 5 -29.90 -22.80 1.88
C SER A 5 -28.40 -22.71 2.08
N SER A 6 -27.78 -21.71 1.45
CA SER A 6 -26.34 -21.51 1.55
C SER A 6 -26.01 -20.61 2.74
N GLY A 7 -24.72 -20.43 2.99
CA GLY A 7 -24.29 -19.59 4.09
C GLY A 7 -22.94 -18.94 3.83
N PRO A 8 -21.87 -19.56 4.36
CA PRO A 8 -20.51 -19.05 4.20
C PRO A 8 -20.00 -19.20 2.77
N GLY A 9 -19.93 -18.08 2.05
CA GLY A 9 -19.47 -18.10 0.68
C GLY A 9 -18.22 -18.93 0.51
N GLY A 10 -17.11 -18.47 1.08
CA GLY A 10 -15.86 -19.19 0.97
C GLY A 10 -14.69 -18.29 0.61
N PRO A 11 -13.64 -18.87 0.03
CA PRO A 11 -12.44 -18.14 -0.38
C PRO A 11 -12.70 -17.22 -1.57
N GLU A 12 -13.75 -17.53 -2.33
CA GLU A 12 -14.10 -16.74 -3.50
C GLU A 12 -15.60 -16.42 -3.51
N GLU A 13 -16.00 -15.43 -2.71
CA GLU A 13 -17.40 -15.04 -2.63
C GLU A 13 -17.71 -13.89 -3.60
N GLN A 14 -16.94 -12.81 -3.47
CA GLN A 14 -17.13 -11.65 -4.32
C GLN A 14 -16.32 -11.78 -5.61
N TRP A 15 -15.07 -12.19 -5.47
CA TRP A 15 -14.19 -12.37 -6.62
C TRP A 15 -14.80 -13.33 -7.63
N GLN A 16 -15.48 -14.35 -7.14
CA GLN A 16 -16.10 -15.35 -7.99
C GLN A 16 -17.27 -14.74 -8.78
N ARG A 17 -17.91 -13.74 -8.19
CA ARG A 17 -19.04 -13.07 -8.82
C ARG A 17 -18.56 -11.89 -9.66
N ALA A 18 -17.42 -11.32 -9.28
CA ALA A 18 -16.86 -10.19 -10.00
C ALA A 18 -15.96 -10.64 -11.14
N ILE A 19 -15.42 -11.85 -11.01
CA ILE A 19 -14.54 -12.40 -12.03
C ILE A 19 -15.34 -13.12 -13.11
N HIS A 20 -16.19 -14.06 -12.69
CA HIS A 20 -17.02 -14.81 -13.61
C HIS A 20 -18.03 -13.90 -14.31
N GLU A 21 -18.08 -12.64 -13.88
CA GLU A 21 -19.00 -11.68 -14.48
C GLU A 21 -18.29 -10.84 -15.53
N ARG A 22 -17.10 -10.37 -15.23
CA ARG A 22 -16.32 -9.56 -16.15
C ARG A 22 -15.20 -10.38 -16.79
N GLY A 23 -14.22 -10.75 -15.99
CA GLY A 23 -13.10 -11.54 -16.50
C GLY A 23 -12.10 -11.89 -15.42
N GLU A 24 -11.66 -10.89 -14.68
CA GLU A 24 -10.69 -11.10 -13.61
C GLU A 24 -10.78 -10.00 -12.56
N ALA A 25 -10.35 -10.31 -11.34
CA ALA A 25 -10.40 -9.34 -10.25
C ALA A 25 -8.98 -8.94 -9.82
N VAL A 26 -8.40 -7.99 -10.55
CA VAL A 26 -7.05 -7.52 -10.25
C VAL A 26 -6.95 -7.03 -8.82
N CYS A 27 -5.73 -6.70 -8.39
CA CYS A 27 -5.51 -6.21 -7.03
C CYS A 27 -6.11 -4.82 -6.85
N PRO A 28 -7.06 -4.71 -5.90
CA PRO A 28 -7.74 -3.45 -5.60
C PRO A 28 -6.81 -2.44 -4.94
N THR A 29 -5.53 -2.80 -4.81
CA THR A 29 -4.55 -1.91 -4.20
C THR A 29 -3.63 -1.30 -5.25
N CYS A 30 -2.93 -2.15 -5.98
CA CYS A 30 -2.01 -1.70 -7.02
C CYS A 30 -2.49 -2.14 -8.40
N ASN A 31 -3.44 -3.07 -8.42
CA ASN A 31 -3.99 -3.58 -9.68
C ASN A 31 -2.91 -4.26 -10.51
N VAL A 32 -2.22 -5.23 -9.89
CA VAL A 32 -1.17 -5.97 -10.57
C VAL A 32 -1.02 -7.36 -9.99
N VAL A 33 -1.42 -8.37 -10.75
CA VAL A 33 -1.33 -9.76 -10.31
C VAL A 33 -1.56 -10.71 -11.47
N THR A 34 -1.54 -12.01 -11.18
CA THR A 34 -1.74 -13.03 -12.20
C THR A 34 -2.92 -12.68 -13.10
N ARG A 35 -2.90 -13.20 -14.33
CA ARG A 35 -3.95 -12.93 -15.30
C ARG A 35 -5.30 -13.42 -14.77
N LYS A 36 -5.28 -14.54 -14.06
CA LYS A 36 -6.49 -15.12 -13.50
C LYS A 36 -6.88 -14.42 -12.20
N THR A 37 -5.88 -13.94 -11.47
CA THR A 37 -6.10 -13.26 -10.20
C THR A 37 -6.97 -14.10 -9.27
N LEU A 38 -6.67 -15.39 -9.20
CA LEU A 38 -7.42 -16.31 -8.35
C LEU A 38 -6.49 -16.97 -7.33
N VAL A 39 -5.36 -17.46 -7.80
CA VAL A 39 -4.38 -18.11 -6.92
C VAL A 39 -3.26 -17.16 -6.53
N GLY A 40 -2.84 -16.34 -7.48
CA GLY A 40 -1.78 -15.38 -7.22
C GLY A 40 -2.28 -14.15 -6.50
N LEU A 41 -3.54 -13.81 -6.70
CA LEU A 41 -4.14 -12.65 -6.06
C LEU A 41 -4.06 -12.75 -4.55
N LYS A 42 -4.49 -13.90 -4.01
CA LYS A 42 -4.47 -14.13 -2.57
C LYS A 42 -3.03 -14.13 -2.05
N LYS A 43 -2.21 -15.00 -2.62
CA LYS A 43 -0.80 -15.10 -2.21
C LYS A 43 -0.09 -13.76 -2.37
N HIS A 44 -0.65 -12.90 -3.22
CA HIS A 44 -0.07 -11.58 -3.46
C HIS A 44 -0.48 -10.59 -2.39
N MET A 45 -1.78 -10.35 -2.27
CA MET A 45 -2.32 -9.43 -1.28
C MET A 45 -1.64 -9.64 0.07
N GLU A 46 -1.10 -10.83 0.27
CA GLU A 46 -0.42 -11.16 1.52
C GLU A 46 0.66 -10.13 1.85
N VAL A 47 1.59 -9.95 0.91
CA VAL A 47 2.68 -9.00 1.09
C VAL A 47 2.26 -7.59 0.65
N CYS A 48 1.40 -7.53 -0.37
CA CYS A 48 0.93 -6.26 -0.89
C CYS A 48 0.71 -5.25 0.24
N GLN A 49 -0.37 -5.45 0.99
CA GLN A 49 -0.70 -4.56 2.11
C GLN A 49 0.55 -4.27 2.94
N LYS A 50 1.35 -5.28 3.18
CA LYS A 50 2.57 -5.13 3.97
C LYS A 50 3.56 -4.22 3.26
N LEU A 51 3.53 -4.23 1.94
CA LEU A 51 4.44 -3.39 1.15
C LEU A 51 3.90 -1.96 1.05
N GLN A 52 2.70 -1.82 0.48
CA GLN A 52 2.09 -0.50 0.33
C GLN A 52 2.21 0.30 1.62
N ASP A 53 2.33 -0.39 2.74
CA ASP A 53 2.46 0.26 4.03
C ASP A 53 3.87 0.81 4.23
N ALA A 54 4.86 0.08 3.75
CA ALA A 54 6.25 0.50 3.88
C ALA A 54 6.53 1.73 3.02
N LEU A 55 6.22 1.64 1.73
CA LEU A 55 6.43 2.76 0.82
C LEU A 55 5.67 3.99 1.27
N LYS A 56 4.49 3.78 1.83
CA LYS A 56 3.66 4.88 2.32
C LYS A 56 4.48 5.85 3.15
N CYS A 57 4.47 7.12 2.75
CA CYS A 57 5.22 8.15 3.46
C CYS A 57 4.58 8.46 4.81
N GLN A 58 5.17 9.40 5.54
CA GLN A 58 4.65 9.79 6.85
C GLN A 58 4.19 11.24 6.85
N HIS A 59 5.13 12.16 6.61
CA HIS A 59 4.82 13.58 6.58
C HIS A 59 3.60 13.86 5.70
N CYS A 60 3.59 13.27 4.51
CA CYS A 60 2.49 13.45 3.57
C CYS A 60 1.52 12.27 3.63
N ARG A 61 2.05 11.11 4.00
CA ARG A 61 1.23 9.90 4.09
C ARG A 61 0.61 9.55 2.75
N LYS A 62 1.44 9.49 1.71
CA LYS A 62 0.98 9.18 0.37
C LYS A 62 1.50 7.82 -0.09
N GLN A 63 0.71 7.13 -0.91
CA GLN A 63 1.10 5.82 -1.42
C GLN A 63 1.96 5.95 -2.67
N PHE A 64 3.02 5.16 -2.73
CA PHE A 64 3.93 5.18 -3.88
C PHE A 64 4.09 3.79 -4.48
N LYS A 65 3.72 3.67 -5.75
CA LYS A 65 3.82 2.39 -6.46
C LYS A 65 5.21 2.19 -7.04
N SER A 66 6.21 2.74 -6.36
CA SER A 66 7.60 2.64 -6.81
C SER A 66 8.56 3.09 -5.72
N LYS A 67 9.70 2.40 -5.62
CA LYS A 67 10.70 2.73 -4.62
C LYS A 67 11.46 3.99 -5.02
N ALA A 68 11.85 4.07 -6.29
CA ALA A 68 12.58 5.23 -6.80
C ALA A 68 11.79 6.52 -6.57
N GLY A 69 10.48 6.44 -6.75
CA GLY A 69 9.63 7.60 -6.56
C GLY A 69 9.71 8.16 -5.15
N LEU A 70 9.56 7.28 -4.17
CA LEU A 70 9.62 7.69 -2.77
C LEU A 70 10.97 8.29 -2.43
N ASN A 71 12.04 7.64 -2.90
CA ASN A 71 13.40 8.11 -2.64
C ASN A 71 13.53 9.60 -2.94
N TYR A 72 13.24 9.98 -4.17
CA TYR A 72 13.33 11.37 -4.59
C TYR A 72 12.26 12.21 -3.89
N HIS A 73 11.00 11.82 -4.06
CA HIS A 73 9.89 12.55 -3.43
C HIS A 73 10.25 12.98 -2.02
N THR A 74 10.59 12.00 -1.17
CA THR A 74 10.96 12.28 0.20
C THR A 74 11.76 13.57 0.32
N MET A 75 12.76 13.72 -0.53
CA MET A 75 13.59 14.91 -0.52
C MET A 75 12.87 16.08 -1.19
N ALA A 76 12.42 15.87 -2.41
CA ALA A 76 11.71 16.91 -3.16
C ALA A 76 10.68 17.61 -2.27
N GLU A 77 9.73 16.84 -1.76
CA GLU A 77 8.68 17.39 -0.89
C GLU A 77 9.22 17.64 0.51
N HIS A 78 9.81 16.61 1.11
CA HIS A 78 10.35 16.72 2.46
C HIS A 78 11.88 16.73 2.42
N SER A 79 12.44 17.82 1.92
CA SER A 79 13.89 17.97 1.82
C SER A 79 14.52 18.15 3.21
N ALA A 80 15.73 17.65 3.38
CA ALA A 80 16.43 17.76 4.65
C ALA A 80 16.72 19.22 4.99
N LYS A 81 15.70 19.93 5.45
CA LYS A 81 15.84 21.33 5.82
C LYS A 81 15.29 21.58 7.21
N PRO A 82 15.83 22.62 7.89
CA PRO A 82 15.42 22.98 9.24
C PRO A 82 14.01 23.58 9.27
N SER A 83 13.41 23.73 8.09
CA SER A 83 12.08 24.30 7.98
C SER A 83 11.06 23.42 8.72
N ASP A 84 9.91 24.02 9.06
CA ASP A 84 8.87 23.30 9.77
C ASP A 84 7.64 23.11 8.87
N ALA A 85 6.89 22.04 9.14
CA ALA A 85 5.69 21.74 8.36
C ALA A 85 4.61 21.13 9.24
N GLU A 86 3.42 20.98 8.67
CA GLU A 86 2.29 20.40 9.39
C GLU A 86 2.24 18.88 9.19
N ALA A 87 2.30 18.14 10.29
CA ALA A 87 2.25 16.69 10.23
C ALA A 87 1.23 16.14 11.22
N SER A 88 0.82 14.89 11.00
CA SER A 88 -0.16 14.24 11.88
C SER A 88 0.50 13.78 13.18
N GLU A 89 0.15 14.46 14.27
CA GLU A 89 0.70 14.13 15.58
C GLU A 89 0.30 12.71 15.99
N GLY A 90 -0.99 12.41 15.89
CA GLY A 90 -1.49 11.11 16.26
C GLY A 90 -0.82 10.57 17.51
N GLY A 91 -0.27 9.36 17.42
CA GLY A 91 0.39 8.76 18.57
C GLY A 91 1.91 8.80 18.45
N GLU A 92 2.42 8.55 17.26
CA GLU A 92 3.86 8.56 17.03
C GLU A 92 4.52 7.36 17.70
N SER A 93 3.88 6.20 17.60
CA SER A 93 4.41 4.98 18.19
C SER A 93 5.12 4.12 17.15
N GLY A 94 6.44 4.15 17.17
CA GLY A 94 7.22 3.38 16.22
C GLY A 94 7.38 1.93 16.65
N PRO A 95 7.75 1.07 15.70
CA PRO A 95 7.94 -0.37 15.96
C PRO A 95 9.17 -0.64 16.83
N SER A 96 9.07 -1.64 17.68
CA SER A 96 10.18 -2.01 18.57
C SER A 96 11.31 -2.66 17.79
N SER A 97 12.54 -2.48 18.26
CA SER A 97 13.71 -3.04 17.61
C SER A 97 13.93 -4.49 18.05
N GLY A 98 14.00 -4.69 19.36
CA GLY A 98 14.20 -6.02 19.89
C GLY A 98 15.57 -6.18 20.54
N GLY A 1 -8.61 -18.76 24.94
CA GLY A 1 -9.18 -19.38 23.76
C GLY A 1 -10.27 -18.55 23.12
N SER A 2 -9.99 -17.26 22.92
CA SER A 2 -10.96 -16.36 22.32
C SER A 2 -10.38 -15.67 21.09
N SER A 3 -10.77 -16.14 19.92
CA SER A 3 -10.28 -15.57 18.67
C SER A 3 -11.32 -15.75 17.55
N GLY A 4 -11.68 -14.64 16.92
CA GLY A 4 -12.65 -14.71 15.83
C GLY A 4 -13.20 -13.33 15.47
N SER A 5 -12.66 -12.76 14.40
CA SER A 5 -13.09 -11.44 13.94
C SER A 5 -13.44 -11.46 12.46
N SER A 6 -13.93 -10.33 11.96
CA SER A 6 -14.31 -10.23 10.55
C SER A 6 -13.08 -10.12 9.66
N GLY A 7 -13.09 -10.86 8.56
CA GLY A 7 -11.96 -10.84 7.63
C GLY A 7 -12.28 -10.12 6.34
N PRO A 8 -11.76 -10.62 5.22
CA PRO A 8 -11.98 -10.03 3.91
C PRO A 8 -13.41 -10.20 3.42
N GLY A 9 -13.72 -9.61 2.27
CA GLY A 9 -15.06 -9.72 1.72
C GLY A 9 -15.65 -11.11 1.87
N GLY A 10 -15.00 -12.10 1.26
CA GLY A 10 -15.48 -13.46 1.35
C GLY A 10 -14.68 -14.41 0.48
N PRO A 11 -14.92 -15.72 0.65
CA PRO A 11 -14.23 -16.76 -0.12
C PRO A 11 -14.64 -16.77 -1.58
N GLU A 12 -13.91 -16.03 -2.40
CA GLU A 12 -14.19 -15.95 -3.82
C GLU A 12 -15.68 -15.71 -4.07
N GLU A 13 -16.28 -14.84 -3.27
CA GLU A 13 -17.69 -14.52 -3.39
C GLU A 13 -17.90 -13.27 -4.25
N GLN A 14 -17.31 -12.16 -3.81
CA GLN A 14 -17.43 -10.90 -4.54
C GLN A 14 -16.46 -10.86 -5.71
N TRP A 15 -15.27 -11.41 -5.50
CA TRP A 15 -14.24 -11.43 -6.55
C TRP A 15 -14.75 -12.17 -7.78
N GLN A 16 -15.39 -13.31 -7.57
CA GLN A 16 -15.91 -14.10 -8.68
C GLN A 16 -17.09 -13.41 -9.34
N ARG A 17 -17.82 -12.62 -8.57
CA ARG A 17 -18.98 -11.89 -9.08
C ARG A 17 -18.57 -10.98 -10.23
N ALA A 18 -17.39 -10.38 -10.11
CA ALA A 18 -16.88 -9.48 -11.14
C ALA A 18 -16.08 -10.24 -12.19
N ILE A 19 -15.41 -11.30 -11.76
CA ILE A 19 -14.61 -12.12 -12.67
C ILE A 19 -15.46 -12.70 -13.78
N HIS A 20 -16.71 -13.02 -13.47
CA HIS A 20 -17.62 -13.58 -14.45
C HIS A 20 -18.43 -12.48 -15.15
N GLU A 21 -18.83 -11.47 -14.37
CA GLU A 21 -19.59 -10.36 -14.90
C GLU A 21 -18.77 -9.55 -15.90
N ARG A 22 -17.61 -9.08 -15.45
CA ARG A 22 -16.73 -8.29 -16.31
C ARG A 22 -15.70 -9.18 -16.99
N GLY A 23 -14.73 -9.67 -16.22
CA GLY A 23 -13.71 -10.53 -16.76
C GLY A 23 -12.79 -11.10 -15.70
N GLU A 24 -12.31 -10.23 -14.81
CA GLU A 24 -11.42 -10.65 -13.73
C GLU A 24 -11.38 -9.60 -12.62
N ALA A 25 -10.67 -9.93 -11.55
CA ALA A 25 -10.55 -9.01 -10.42
C ALA A 25 -9.10 -8.88 -9.97
N VAL A 26 -8.43 -7.84 -10.44
CA VAL A 26 -7.03 -7.60 -10.09
C VAL A 26 -6.92 -7.02 -8.67
N CYS A 27 -5.69 -6.91 -8.18
CA CYS A 27 -5.43 -6.37 -6.86
C CYS A 27 -6.03 -4.97 -6.72
N PRO A 28 -7.04 -4.84 -5.86
CA PRO A 28 -7.71 -3.56 -5.61
C PRO A 28 -6.83 -2.57 -4.87
N THR A 29 -5.54 -2.91 -4.76
CA THR A 29 -4.58 -2.04 -4.07
C THR A 29 -3.57 -1.46 -5.04
N CYS A 30 -3.00 -2.31 -5.88
CA CYS A 30 -2.01 -1.88 -6.86
C CYS A 30 -2.44 -2.27 -8.28
N ASN A 31 -3.35 -3.24 -8.36
CA ASN A 31 -3.84 -3.71 -9.65
C ASN A 31 -2.75 -4.43 -10.42
N VAL A 32 -2.06 -5.35 -9.75
CA VAL A 32 -0.99 -6.11 -10.37
C VAL A 32 -0.87 -7.51 -9.76
N VAL A 33 -1.24 -8.52 -10.52
CA VAL A 33 -1.16 -9.91 -10.05
C VAL A 33 -1.33 -10.89 -11.21
N THR A 34 -1.38 -12.17 -10.87
CA THR A 34 -1.53 -13.22 -11.88
C THR A 34 -2.55 -12.81 -12.94
N ARG A 35 -2.46 -13.45 -14.11
CA ARG A 35 -3.38 -13.16 -15.21
C ARG A 35 -4.83 -13.38 -14.77
N LYS A 36 -5.09 -14.53 -14.19
CA LYS A 36 -6.44 -14.87 -13.72
C LYS A 36 -6.80 -14.07 -12.48
N THR A 37 -5.77 -13.62 -11.75
CA THR A 37 -5.98 -12.84 -10.54
C THR A 37 -6.97 -13.54 -9.60
N LEU A 38 -6.90 -14.86 -9.56
CA LEU A 38 -7.78 -15.65 -8.70
C LEU A 38 -7.00 -16.28 -7.55
N VAL A 39 -6.00 -17.09 -7.90
CA VAL A 39 -5.18 -17.75 -6.89
C VAL A 39 -3.98 -16.90 -6.50
N GLY A 40 -3.46 -16.14 -7.47
CA GLY A 40 -2.31 -15.29 -7.21
C GLY A 40 -2.69 -14.05 -6.41
N LEU A 41 -3.93 -13.61 -6.56
CA LEU A 41 -4.41 -12.43 -5.84
C LEU A 41 -4.32 -12.64 -4.34
N LYS A 42 -4.47 -13.88 -3.91
CA LYS A 42 -4.41 -14.21 -2.48
C LYS A 42 -2.96 -14.25 -2.00
N LYS A 43 -2.17 -15.15 -2.57
CA LYS A 43 -0.77 -15.29 -2.20
C LYS A 43 -0.03 -13.98 -2.39
N HIS A 44 -0.59 -13.10 -3.22
CA HIS A 44 0.03 -11.80 -3.50
C HIS A 44 -0.32 -10.80 -2.41
N MET A 45 -1.61 -10.49 -2.27
CA MET A 45 -2.07 -9.54 -1.27
C MET A 45 -1.38 -9.78 0.06
N GLU A 46 -0.88 -11.00 0.26
CA GLU A 46 -0.20 -11.36 1.49
C GLU A 46 0.87 -10.32 1.84
N VAL A 47 1.80 -10.11 0.91
CA VAL A 47 2.89 -9.16 1.12
C VAL A 47 2.46 -7.75 0.71
N CYS A 48 1.61 -7.67 -0.30
CA CYS A 48 1.12 -6.39 -0.79
C CYS A 48 0.88 -5.42 0.37
N GLN A 49 0.00 -5.81 1.28
CA GLN A 49 -0.32 -4.98 2.44
C GLN A 49 0.95 -4.56 3.18
N LYS A 50 1.89 -5.48 3.31
CA LYS A 50 3.15 -5.22 3.99
C LYS A 50 3.95 -4.15 3.24
N LEU A 51 4.12 -4.36 1.94
CA LEU A 51 4.87 -3.42 1.11
C LEU A 51 4.11 -2.10 0.96
N GLN A 52 2.95 -2.17 0.31
CA GLN A 52 2.13 -0.98 0.10
C GLN A 52 2.22 -0.04 1.30
N ASP A 53 2.18 -0.62 2.50
CA ASP A 53 2.25 0.17 3.72
C ASP A 53 3.45 1.10 3.70
N ALA A 54 4.65 0.51 3.64
CA ALA A 54 5.87 1.29 3.61
C ALA A 54 5.75 2.50 2.69
N LEU A 55 5.44 2.24 1.42
CA LEU A 55 5.28 3.30 0.43
C LEU A 55 4.30 4.36 0.93
N LYS A 56 3.21 3.91 1.53
CA LYS A 56 2.19 4.81 2.05
C LYS A 56 2.79 5.79 3.06
N CYS A 57 2.40 7.06 2.95
CA CYS A 57 2.90 8.09 3.86
C CYS A 57 2.04 8.17 5.11
N GLN A 58 2.68 8.00 6.27
CA GLN A 58 1.97 8.06 7.55
C GLN A 58 1.88 9.50 8.05
N HIS A 59 1.94 10.45 7.13
CA HIS A 59 1.85 11.86 7.48
C HIS A 59 0.72 12.55 6.72
N CYS A 60 0.65 12.29 5.41
CA CYS A 60 -0.38 12.89 4.58
C CYS A 60 -1.48 11.87 4.27
N ARG A 61 -1.17 10.59 4.47
CA ARG A 61 -2.14 9.53 4.22
C ARG A 61 -2.51 9.48 2.74
N LYS A 62 -1.50 9.48 1.88
CA LYS A 62 -1.72 9.42 0.44
C LYS A 62 -0.86 8.33 -0.20
N GLN A 63 -1.52 7.43 -0.92
CA GLN A 63 -0.83 6.33 -1.58
C GLN A 63 0.10 6.85 -2.67
N PHE A 64 1.24 6.20 -2.84
CA PHE A 64 2.22 6.60 -3.84
C PHE A 64 2.63 5.41 -4.71
N LYS A 65 2.24 5.45 -5.97
CA LYS A 65 2.56 4.38 -6.92
C LYS A 65 3.99 4.50 -7.41
N SER A 66 4.91 4.78 -6.49
CA SER A 66 6.32 4.92 -6.83
C SER A 66 7.18 5.09 -5.57
N LYS A 67 8.37 4.52 -5.59
CA LYS A 67 9.28 4.59 -4.46
C LYS A 67 10.05 5.91 -4.48
N ALA A 68 10.68 6.21 -5.61
CA ALA A 68 11.44 7.44 -5.76
C ALA A 68 10.57 8.67 -5.50
N GLY A 69 9.33 8.62 -5.99
CA GLY A 69 8.42 9.73 -5.81
C GLY A 69 8.23 10.09 -4.34
N LEU A 70 7.90 9.08 -3.53
CA LEU A 70 7.68 9.29 -2.11
C LEU A 70 8.88 9.98 -1.46
N ASN A 71 10.07 9.57 -1.88
CA ASN A 71 11.31 10.14 -1.35
C ASN A 71 11.28 11.67 -1.45
N TYR A 72 11.18 12.18 -2.67
CA TYR A 72 11.13 13.62 -2.90
C TYR A 72 9.92 14.25 -2.22
N HIS A 73 8.78 13.59 -2.34
CA HIS A 73 7.54 14.08 -1.74
C HIS A 73 7.73 14.33 -0.24
N THR A 74 8.00 13.26 0.50
CA THR A 74 8.20 13.35 1.94
C THR A 74 9.35 14.31 2.28
N MET A 75 10.37 14.32 1.43
CA MET A 75 11.52 15.19 1.63
C MET A 75 11.13 16.66 1.46
N ALA A 76 10.25 16.92 0.52
CA ALA A 76 9.79 18.28 0.26
C ALA A 76 8.63 18.66 1.18
N GLU A 77 7.52 17.95 1.04
CA GLU A 77 6.34 18.21 1.86
C GLU A 77 6.67 18.08 3.35
N HIS A 78 6.97 16.85 3.77
CA HIS A 78 7.31 16.60 5.17
C HIS A 78 8.82 16.57 5.37
N SER A 79 9.45 17.74 5.25
CA SER A 79 10.89 17.86 5.41
C SER A 79 11.27 17.87 6.89
N ALA A 80 10.75 18.86 7.62
CA ALA A 80 11.04 18.98 9.04
C ALA A 80 9.75 19.11 9.84
N LYS A 81 9.29 17.98 10.39
CA LYS A 81 8.06 17.96 11.18
C LYS A 81 8.37 18.21 12.65
N PRO A 82 7.40 18.79 13.37
CA PRO A 82 7.54 19.10 14.80
C PRO A 82 7.56 17.84 15.66
N SER A 83 8.67 17.61 16.35
CA SER A 83 8.81 16.43 17.20
C SER A 83 9.12 16.85 18.64
N ASP A 84 8.07 17.00 19.44
CA ASP A 84 8.22 17.39 20.83
C ASP A 84 8.71 16.21 21.67
N ALA A 85 9.78 16.44 22.44
CA ALA A 85 10.34 15.40 23.28
C ALA A 85 11.42 15.96 24.20
N GLU A 86 11.26 15.74 25.50
CA GLU A 86 12.24 16.22 26.48
C GLU A 86 13.53 15.41 26.42
N ALA A 87 14.59 15.95 27.01
CA ALA A 87 15.88 15.28 27.04
C ALA A 87 16.17 14.69 28.41
N SER A 88 15.96 13.39 28.56
CA SER A 88 16.21 12.71 29.82
C SER A 88 16.45 11.23 29.60
N GLU A 89 17.18 10.60 30.52
CA GLU A 89 17.50 9.19 30.42
C GLU A 89 16.64 8.38 31.41
N GLY A 90 16.61 7.07 31.21
CA GLY A 90 15.84 6.20 32.08
C GLY A 90 16.70 5.31 32.94
N GLY A 91 17.65 4.63 32.31
CA GLY A 91 18.54 3.74 33.04
C GLY A 91 18.78 2.44 32.31
N GLU A 92 19.02 2.52 31.02
CA GLU A 92 19.27 1.34 30.20
C GLU A 92 20.60 0.69 30.56
N SER A 93 20.57 -0.25 31.49
CA SER A 93 21.78 -0.94 31.93
C SER A 93 21.43 -2.18 32.74
N GLY A 94 22.34 -3.16 32.72
CA GLY A 94 22.11 -4.40 33.45
C GLY A 94 23.38 -5.20 33.64
N PRO A 95 24.29 -4.67 34.47
CA PRO A 95 25.57 -5.34 34.74
C PRO A 95 25.40 -6.60 35.58
N SER A 96 25.20 -7.73 34.91
CA SER A 96 25.01 -9.00 35.59
C SER A 96 26.33 -9.52 36.16
N SER A 97 26.38 -9.68 37.47
CA SER A 97 27.58 -10.16 38.14
C SER A 97 27.78 -11.65 37.90
N GLY A 98 29.04 -12.07 37.81
CA GLY A 98 29.35 -13.47 37.58
C GLY A 98 28.88 -14.35 38.72
N GLY A 1 -26.16 -22.51 12.47
CA GLY A 1 -25.04 -22.86 13.33
C GLY A 1 -24.65 -21.73 14.26
N SER A 2 -23.82 -20.81 13.75
CA SER A 2 -23.37 -19.68 14.54
C SER A 2 -22.56 -18.71 13.69
N SER A 3 -23.01 -17.46 13.65
CA SER A 3 -22.33 -16.44 12.86
C SER A 3 -22.75 -15.04 13.30
N GLY A 4 -21.88 -14.06 13.08
CA GLY A 4 -22.18 -12.70 13.47
C GLY A 4 -22.52 -11.82 12.28
N SER A 5 -21.49 -11.36 11.57
CA SER A 5 -21.68 -10.50 10.41
C SER A 5 -20.37 -10.24 9.69
N SER A 6 -20.41 -10.24 8.36
CA SER A 6 -19.21 -10.00 7.57
C SER A 6 -19.56 -9.34 6.24
N GLY A 7 -18.59 -8.69 5.62
CA GLY A 7 -18.81 -8.03 4.35
C GLY A 7 -19.01 -9.01 3.22
N PRO A 8 -19.33 -8.48 2.02
CA PRO A 8 -19.56 -9.30 0.83
C PRO A 8 -18.28 -9.94 0.31
N GLY A 9 -17.18 -9.71 1.02
CA GLY A 9 -15.90 -10.27 0.62
C GLY A 9 -15.78 -11.75 0.96
N GLY A 10 -16.83 -12.51 0.68
CA GLY A 10 -16.82 -13.93 0.97
C GLY A 10 -15.75 -14.67 0.19
N PRO A 11 -15.84 -16.01 0.18
CA PRO A 11 -14.88 -16.86 -0.54
C PRO A 11 -14.99 -16.73 -2.05
N GLU A 12 -14.24 -15.78 -2.62
CA GLU A 12 -14.27 -15.56 -4.06
C GLU A 12 -15.65 -15.15 -4.53
N GLU A 13 -16.32 -14.32 -3.73
CA GLU A 13 -17.67 -13.86 -4.05
C GLU A 13 -17.61 -12.51 -4.77
N GLN A 14 -16.78 -11.61 -4.25
CA GLN A 14 -16.64 -10.29 -4.85
C GLN A 14 -15.55 -10.28 -5.91
N TRP A 15 -14.53 -11.11 -5.72
CA TRP A 15 -13.43 -11.20 -6.66
C TRP A 15 -13.85 -11.93 -7.92
N GLN A 16 -14.88 -12.76 -7.81
CA GLN A 16 -15.39 -13.53 -8.94
C GLN A 16 -16.46 -12.75 -9.69
N ARG A 17 -17.43 -12.21 -8.95
CA ARG A 17 -18.51 -11.45 -9.55
C ARG A 17 -17.98 -10.45 -10.57
N ALA A 18 -16.74 -10.00 -10.36
CA ALA A 18 -16.11 -9.04 -11.26
C ALA A 18 -15.40 -9.75 -12.41
N ILE A 19 -15.01 -10.99 -12.17
CA ILE A 19 -14.31 -11.78 -13.19
C ILE A 19 -15.24 -12.10 -14.36
N HIS A 20 -16.51 -12.35 -14.05
CA HIS A 20 -17.49 -12.67 -15.07
C HIS A 20 -18.22 -11.40 -15.54
N GLU A 21 -18.12 -10.34 -14.74
CA GLU A 21 -18.76 -9.08 -15.07
C GLU A 21 -17.88 -8.24 -16.00
N ARG A 22 -16.67 -7.97 -15.55
CA ARG A 22 -15.73 -7.17 -16.34
C ARG A 22 -14.69 -8.07 -17.00
N GLY A 23 -14.23 -9.09 -16.27
CA GLY A 23 -13.25 -10.00 -16.81
C GLY A 23 -12.37 -10.60 -15.72
N GLU A 24 -11.59 -9.75 -15.06
CA GLU A 24 -10.70 -10.21 -14.00
C GLU A 24 -10.74 -9.25 -12.81
N ALA A 25 -10.21 -9.70 -11.68
CA ALA A 25 -10.18 -8.89 -10.46
C ALA A 25 -8.75 -8.57 -10.05
N VAL A 26 -8.22 -7.47 -10.58
CA VAL A 26 -6.86 -7.05 -10.27
C VAL A 26 -6.73 -6.71 -8.78
N CYS A 27 -5.49 -6.55 -8.34
CA CYS A 27 -5.21 -6.21 -6.94
C CYS A 27 -5.80 -4.85 -6.58
N PRO A 28 -6.66 -4.83 -5.56
CA PRO A 28 -7.31 -3.60 -5.09
C PRO A 28 -6.34 -2.65 -4.42
N THR A 29 -5.04 -2.97 -4.51
CA THR A 29 -4.00 -2.14 -3.91
C THR A 29 -3.09 -1.55 -4.97
N CYS A 30 -2.49 -2.40 -5.78
CA CYS A 30 -1.59 -1.97 -6.83
C CYS A 30 -2.15 -2.30 -8.21
N ASN A 31 -3.21 -3.12 -8.23
CA ASN A 31 -3.85 -3.52 -9.47
C ASN A 31 -2.86 -4.28 -10.35
N VAL A 32 -2.24 -5.31 -9.79
CA VAL A 32 -1.27 -6.11 -10.53
C VAL A 32 -1.11 -7.49 -9.89
N VAL A 33 -1.48 -8.53 -10.63
CA VAL A 33 -1.37 -9.89 -10.14
C VAL A 33 -1.62 -10.90 -11.25
N THR A 34 -1.57 -12.19 -10.90
CA THR A 34 -1.79 -13.25 -11.87
C THR A 34 -2.81 -12.84 -12.92
N ARG A 35 -2.54 -13.17 -14.18
CA ARG A 35 -3.44 -12.83 -15.28
C ARG A 35 -4.88 -13.16 -14.92
N LYS A 36 -5.07 -14.21 -14.11
CA LYS A 36 -6.40 -14.63 -13.69
C LYS A 36 -6.81 -13.92 -12.40
N THR A 37 -5.81 -13.49 -11.63
CA THR A 37 -6.07 -12.80 -10.37
C THR A 37 -7.03 -13.59 -9.50
N LEU A 38 -6.74 -14.89 -9.34
CA LEU A 38 -7.57 -15.76 -8.52
C LEU A 38 -6.73 -16.51 -7.49
N VAL A 39 -5.86 -17.40 -7.98
CA VAL A 39 -5.00 -18.19 -7.10
C VAL A 39 -3.85 -17.33 -6.57
N GLY A 40 -3.22 -16.58 -7.45
CA GLY A 40 -2.11 -15.73 -7.05
C GLY A 40 -2.57 -14.48 -6.33
N LEU A 41 -3.73 -13.98 -6.70
CA LEU A 41 -4.29 -12.79 -6.08
C LEU A 41 -4.26 -12.90 -4.56
N LYS A 42 -4.60 -14.08 -4.05
CA LYS A 42 -4.61 -14.33 -2.61
C LYS A 42 -3.20 -14.39 -2.06
N LYS A 43 -2.36 -15.21 -2.67
CA LYS A 43 -0.97 -15.36 -2.24
C LYS A 43 -0.22 -14.04 -2.37
N HIS A 44 -0.72 -13.16 -3.22
CA HIS A 44 -0.10 -11.86 -3.43
C HIS A 44 -0.46 -10.89 -2.31
N MET A 45 -1.75 -10.58 -2.20
CA MET A 45 -2.22 -9.67 -1.17
C MET A 45 -1.51 -9.92 0.16
N GLU A 46 -1.08 -11.17 0.36
CA GLU A 46 -0.38 -11.54 1.59
C GLU A 46 0.71 -10.53 1.93
N VAL A 47 1.64 -10.33 0.99
CA VAL A 47 2.73 -9.38 1.19
C VAL A 47 2.32 -7.98 0.81
N CYS A 48 1.60 -7.85 -0.30
CA CYS A 48 1.13 -6.56 -0.78
C CYS A 48 0.86 -5.62 0.39
N GLN A 49 0.02 -6.07 1.32
CA GLN A 49 -0.33 -5.26 2.49
C GLN A 49 0.92 -4.66 3.12
N LYS A 50 1.89 -5.51 3.42
CA LYS A 50 3.14 -5.06 4.03
C LYS A 50 3.76 -3.91 3.24
N LEU A 51 3.84 -4.08 1.93
CA LEU A 51 4.41 -3.07 1.06
C LEU A 51 3.59 -1.79 1.11
N GLN A 52 2.28 -1.92 0.95
CA GLN A 52 1.37 -0.78 0.98
C GLN A 52 1.86 0.28 1.97
N ASP A 53 2.23 -0.17 3.16
CA ASP A 53 2.73 0.74 4.20
C ASP A 53 3.94 1.50 3.70
N ALA A 54 4.91 0.78 3.14
CA ALA A 54 6.13 1.40 2.63
C ALA A 54 5.80 2.49 1.61
N LEU A 55 5.02 2.13 0.61
CA LEU A 55 4.63 3.07 -0.44
C LEU A 55 3.96 4.31 0.15
N LYS A 56 3.12 4.08 1.16
CA LYS A 56 2.42 5.17 1.82
C LYS A 56 3.37 6.29 2.20
N CYS A 57 3.22 7.44 1.55
CA CYS A 57 4.09 8.59 1.82
C CYS A 57 4.01 8.99 3.29
N GLN A 58 4.67 10.10 3.63
CA GLN A 58 4.68 10.58 5.00
C GLN A 58 4.01 11.95 5.09
N HIS A 59 4.45 12.88 4.25
CA HIS A 59 3.90 14.23 4.23
C HIS A 59 2.48 14.23 3.69
N CYS A 60 2.24 13.43 2.66
CA CYS A 60 0.92 13.33 2.06
C CYS A 60 0.19 12.07 2.52
N ARG A 61 0.90 11.23 3.27
CA ARG A 61 0.32 9.99 3.77
C ARG A 61 -0.69 9.41 2.79
N LYS A 62 -0.33 9.45 1.50
CA LYS A 62 -1.20 8.93 0.46
C LYS A 62 -0.67 7.60 -0.07
N GLN A 63 -1.56 6.81 -0.68
CA GLN A 63 -1.19 5.52 -1.23
C GLN A 63 -0.74 5.66 -2.68
N PHE A 64 0.30 4.92 -3.04
CA PHE A 64 0.83 4.96 -4.41
C PHE A 64 0.91 3.57 -5.00
N LYS A 65 0.61 3.45 -6.29
CA LYS A 65 0.66 2.16 -6.97
C LYS A 65 1.92 2.06 -7.83
N SER A 66 3.01 2.66 -7.37
CA SER A 66 4.26 2.63 -8.10
C SER A 66 5.41 3.18 -7.24
N LYS A 67 6.47 2.39 -7.12
CA LYS A 67 7.63 2.79 -6.32
C LYS A 67 8.34 3.98 -6.97
N ALA A 68 8.57 3.89 -8.28
CA ALA A 68 9.24 4.96 -9.01
C ALA A 68 8.47 6.27 -8.88
N GLY A 69 7.14 6.19 -8.93
CA GLY A 69 6.32 7.37 -8.82
C GLY A 69 6.50 8.09 -7.50
N LEU A 70 6.45 7.34 -6.41
CA LEU A 70 6.61 7.91 -5.08
C LEU A 70 7.89 8.72 -4.98
N ASN A 71 8.94 8.26 -5.67
CA ASN A 71 10.22 8.94 -5.67
C ASN A 71 10.10 10.32 -6.30
N TYR A 72 9.70 10.37 -7.56
CA TYR A 72 9.55 11.63 -8.28
C TYR A 72 8.49 12.50 -7.63
N HIS A 73 7.50 11.86 -7.02
CA HIS A 73 6.42 12.58 -6.36
C HIS A 73 6.91 13.23 -5.07
N THR A 74 7.40 12.40 -4.14
CA THR A 74 7.90 12.89 -2.87
C THR A 74 8.88 14.05 -3.06
N MET A 75 9.65 13.98 -4.15
CA MET A 75 10.62 15.03 -4.46
C MET A 75 9.94 16.23 -5.10
N ALA A 76 9.04 15.95 -6.04
CA ALA A 76 8.31 17.01 -6.74
C ALA A 76 7.30 17.69 -5.81
N GLU A 77 6.33 16.92 -5.34
CA GLU A 77 5.30 17.46 -4.45
C GLU A 77 5.92 17.99 -3.16
N HIS A 78 6.60 17.11 -2.44
CA HIS A 78 7.24 17.51 -1.18
C HIS A 78 8.70 17.85 -1.41
N SER A 79 8.97 19.08 -1.83
CA SER A 79 10.33 19.53 -2.09
C SER A 79 10.88 20.30 -0.89
N ALA A 80 12.17 20.11 -0.61
CA ALA A 80 12.81 20.79 0.51
C ALA A 80 13.94 21.70 0.02
N LYS A 81 13.59 22.63 -0.87
CA LYS A 81 14.58 23.55 -1.41
C LYS A 81 13.91 24.85 -1.86
N PRO A 82 14.72 25.91 -2.02
CA PRO A 82 14.22 27.23 -2.45
C PRO A 82 13.77 27.22 -3.91
N SER A 83 13.81 26.05 -4.54
CA SER A 83 13.41 25.93 -5.93
C SER A 83 12.06 25.24 -6.04
N ASP A 84 11.13 25.64 -5.19
CA ASP A 84 9.79 25.07 -5.18
C ASP A 84 8.80 26.00 -4.47
N ALA A 85 7.73 26.36 -5.17
CA ALA A 85 6.71 27.24 -4.61
C ALA A 85 7.25 28.66 -4.42
N GLU A 86 8.00 29.14 -5.42
CA GLU A 86 8.57 30.48 -5.37
C GLU A 86 7.47 31.54 -5.24
N ALA A 87 7.80 32.63 -4.57
CA ALA A 87 6.85 33.72 -4.38
C ALA A 87 6.33 34.24 -5.72
N SER A 88 5.24 35.00 -5.67
CA SER A 88 4.65 35.55 -6.88
C SER A 88 5.37 36.83 -7.31
N GLU A 89 5.20 37.20 -8.58
CA GLU A 89 5.84 38.39 -9.11
C GLU A 89 5.73 39.56 -8.13
N GLY A 90 6.87 39.96 -7.57
CA GLY A 90 6.87 41.06 -6.62
C GLY A 90 7.53 42.30 -7.18
N GLY A 91 7.68 43.32 -6.33
CA GLY A 91 8.30 44.56 -6.76
C GLY A 91 9.69 44.35 -7.31
N GLU A 92 9.93 44.83 -8.53
CA GLU A 92 11.24 44.69 -9.17
C GLU A 92 11.59 45.95 -9.95
N SER A 93 12.81 45.97 -10.49
CA SER A 93 13.28 47.11 -11.26
C SER A 93 12.94 46.96 -12.74
N GLY A 94 12.46 48.03 -13.36
CA GLY A 94 12.11 47.98 -14.77
C GLY A 94 12.30 49.32 -15.46
N PRO A 95 13.52 49.58 -15.95
CA PRO A 95 13.85 50.82 -16.64
C PRO A 95 13.17 50.94 -18.00
N SER A 96 13.45 52.02 -18.71
CA SER A 96 12.86 52.25 -20.03
C SER A 96 13.83 53.01 -20.93
N SER A 97 13.96 52.55 -22.18
CA SER A 97 14.85 53.19 -23.13
C SER A 97 14.12 53.48 -24.44
N GLY A 98 14.76 54.27 -25.30
CA GLY A 98 14.15 54.61 -26.57
C GLY A 98 15.15 55.21 -27.55
N GLY A 1 -35.00 -44.23 -2.00
CA GLY A 1 -34.99 -42.88 -2.54
C GLY A 1 -33.73 -42.12 -2.19
N SER A 2 -33.60 -40.90 -2.71
CA SER A 2 -32.43 -40.07 -2.44
C SER A 2 -32.60 -38.68 -3.06
N SER A 3 -32.03 -37.68 -2.39
CA SER A 3 -32.12 -36.31 -2.87
C SER A 3 -30.98 -35.47 -2.31
N GLY A 4 -30.32 -34.71 -3.19
CA GLY A 4 -29.22 -33.87 -2.76
C GLY A 4 -28.68 -33.00 -3.89
N SER A 5 -27.77 -32.11 -3.56
CA SER A 5 -27.17 -31.21 -4.55
C SER A 5 -25.88 -30.60 -4.03
N SER A 6 -25.19 -29.85 -4.89
CA SER A 6 -23.94 -29.22 -4.52
C SER A 6 -23.79 -27.87 -5.23
N GLY A 7 -22.83 -27.07 -4.77
CA GLY A 7 -22.59 -25.77 -5.37
C GLY A 7 -21.55 -24.97 -4.62
N PRO A 8 -20.60 -24.39 -5.37
CA PRO A 8 -19.52 -23.58 -4.79
C PRO A 8 -20.02 -22.26 -4.22
N GLY A 9 -19.14 -21.55 -3.53
CA GLY A 9 -19.50 -20.27 -2.95
C GLY A 9 -18.51 -19.79 -1.91
N GLY A 10 -17.35 -19.33 -2.38
CA GLY A 10 -16.32 -18.86 -1.47
C GLY A 10 -16.06 -17.37 -1.63
N PRO A 11 -14.87 -16.93 -1.21
CA PRO A 11 -14.48 -15.52 -1.29
C PRO A 11 -14.25 -15.05 -2.72
N GLU A 12 -14.56 -15.93 -3.68
CA GLU A 12 -14.40 -15.61 -5.09
C GLU A 12 -15.75 -15.28 -5.73
N GLU A 13 -16.63 -14.66 -4.95
CA GLU A 13 -17.95 -14.29 -5.44
C GLU A 13 -17.95 -12.87 -6.01
N GLN A 14 -17.38 -11.94 -5.26
CA GLN A 14 -17.31 -10.56 -5.68
C GLN A 14 -16.16 -10.33 -6.66
N TRP A 15 -15.09 -11.09 -6.48
CA TRP A 15 -13.93 -10.99 -7.35
C TRP A 15 -14.21 -11.61 -8.72
N GLN A 16 -14.91 -12.75 -8.71
CA GLN A 16 -15.24 -13.44 -9.95
C GLN A 16 -16.27 -12.65 -10.76
N ARG A 17 -17.27 -12.12 -10.07
CA ARG A 17 -18.32 -11.34 -10.73
C ARG A 17 -17.73 -10.44 -11.81
N ALA A 18 -16.49 -10.01 -11.60
CA ALA A 18 -15.81 -9.13 -12.55
C ALA A 18 -14.99 -9.95 -13.55
N ILE A 19 -14.36 -11.01 -13.05
CA ILE A 19 -13.54 -11.88 -13.90
C ILE A 19 -14.35 -12.42 -15.07
N HIS A 20 -15.61 -12.77 -14.81
CA HIS A 20 -16.48 -13.29 -15.85
C HIS A 20 -17.18 -12.17 -16.60
N GLU A 21 -17.45 -11.07 -15.90
CA GLU A 21 -18.11 -9.92 -16.51
C GLU A 21 -17.20 -9.25 -17.53
N ARG A 22 -16.02 -8.82 -17.09
CA ARG A 22 -15.07 -8.17 -17.98
C ARG A 22 -13.98 -9.14 -18.43
N GLY A 23 -13.10 -9.52 -17.50
CA GLY A 23 -12.03 -10.44 -17.83
C GLY A 23 -11.33 -10.98 -16.60
N GLU A 24 -10.70 -10.09 -15.84
CA GLU A 24 -10.00 -10.48 -14.63
C GLU A 24 -10.19 -9.43 -13.53
N ALA A 25 -9.90 -9.84 -12.29
CA ALA A 25 -10.03 -8.94 -11.15
C ALA A 25 -8.68 -8.62 -10.54
N VAL A 26 -8.01 -7.60 -11.10
CA VAL A 26 -6.71 -7.19 -10.62
C VAL A 26 -6.76 -6.79 -9.14
N CYS A 27 -5.60 -6.77 -8.50
CA CYS A 27 -5.52 -6.40 -7.09
C CYS A 27 -6.18 -5.05 -6.84
N PRO A 28 -7.10 -5.00 -5.87
CA PRO A 28 -7.82 -3.78 -5.51
C PRO A 28 -6.92 -2.75 -4.84
N THR A 29 -5.63 -3.07 -4.75
CA THR A 29 -4.66 -2.17 -4.14
C THR A 29 -3.75 -1.53 -5.18
N CYS A 30 -3.01 -2.37 -5.90
CA CYS A 30 -2.09 -1.90 -6.93
C CYS A 30 -2.59 -2.29 -8.32
N ASN A 31 -3.49 -3.27 -8.35
CA ASN A 31 -4.04 -3.75 -9.62
C ASN A 31 -2.97 -4.41 -10.47
N VAL A 32 -2.20 -5.29 -9.85
CA VAL A 32 -1.12 -6.00 -10.55
C VAL A 32 -0.94 -7.41 -9.98
N VAL A 33 -1.39 -8.41 -10.74
CA VAL A 33 -1.28 -9.80 -10.31
C VAL A 33 -1.52 -10.75 -11.48
N THR A 34 -1.54 -12.04 -11.18
CA THR A 34 -1.77 -13.05 -12.21
C THR A 34 -2.96 -12.69 -13.08
N ARG A 35 -3.10 -13.39 -14.20
CA ARG A 35 -4.20 -13.14 -15.13
C ARG A 35 -5.54 -13.43 -14.47
N LYS A 36 -5.65 -14.59 -13.84
CA LYS A 36 -6.88 -15.00 -13.18
C LYS A 36 -7.11 -14.17 -11.92
N THR A 37 -6.04 -13.58 -11.40
CA THR A 37 -6.12 -12.76 -10.19
C THR A 37 -6.84 -13.50 -9.07
N LEU A 38 -6.53 -14.78 -8.91
CA LEU A 38 -7.15 -15.60 -7.88
C LEU A 38 -6.10 -16.41 -7.13
N VAL A 39 -5.35 -17.22 -7.87
CA VAL A 39 -4.31 -18.04 -7.27
C VAL A 39 -3.17 -17.19 -6.73
N GLY A 40 -2.74 -16.20 -7.50
CA GLY A 40 -1.67 -15.33 -7.07
C GLY A 40 -2.17 -14.13 -6.27
N LEU A 41 -3.40 -13.70 -6.57
CA LEU A 41 -3.99 -12.56 -5.88
C LEU A 41 -4.05 -12.82 -4.37
N LYS A 42 -4.37 -14.05 -3.99
CA LYS A 42 -4.45 -14.42 -2.58
C LYS A 42 -3.07 -14.47 -1.95
N LYS A 43 -2.10 -15.00 -2.69
CA LYS A 43 -0.73 -15.10 -2.20
C LYS A 43 -0.01 -13.76 -2.31
N HIS A 44 -0.52 -12.89 -3.17
CA HIS A 44 0.08 -11.57 -3.36
C HIS A 44 -0.52 -10.56 -2.38
N MET A 45 -1.83 -10.66 -2.16
CA MET A 45 -2.53 -9.76 -1.24
C MET A 45 -1.97 -9.88 0.17
N GLU A 46 -1.35 -11.02 0.45
CA GLU A 46 -0.78 -11.26 1.78
C GLU A 46 0.44 -10.38 2.02
N VAL A 47 1.19 -10.13 0.95
CA VAL A 47 2.38 -9.29 1.04
C VAL A 47 2.10 -7.87 0.57
N CYS A 48 1.07 -7.72 -0.26
CA CYS A 48 0.70 -6.40 -0.77
C CYS A 48 0.66 -5.37 0.35
N GLN A 49 -0.19 -5.61 1.33
CA GLN A 49 -0.33 -4.69 2.46
C GLN A 49 1.03 -4.37 3.06
N LYS A 50 1.85 -5.40 3.27
CA LYS A 50 3.19 -5.22 3.84
C LYS A 50 3.97 -4.19 3.04
N LEU A 51 3.83 -4.23 1.72
CA LEU A 51 4.54 -3.29 0.85
C LEU A 51 3.88 -1.91 0.88
N GLN A 52 2.56 -1.90 0.66
CA GLN A 52 1.81 -0.65 0.66
C GLN A 52 2.20 0.23 1.85
N ASP A 53 2.28 -0.40 3.02
CA ASP A 53 2.65 0.32 4.24
C ASP A 53 3.99 1.04 4.08
N ALA A 54 5.01 0.28 3.68
CA ALA A 54 6.34 0.83 3.48
C ALA A 54 6.30 2.06 2.57
N LEU A 55 5.90 1.85 1.32
CA LEU A 55 5.82 2.93 0.34
C LEU A 55 4.95 4.06 0.87
N LYS A 56 3.89 3.70 1.60
CA LYS A 56 2.97 4.68 2.16
C LYS A 56 3.71 5.66 3.06
N CYS A 57 3.46 6.95 2.85
CA CYS A 57 4.10 8.00 3.65
C CYS A 57 3.41 8.16 5.00
N GLN A 58 3.97 9.01 5.85
CA GLN A 58 3.40 9.25 7.16
C GLN A 58 3.00 10.72 7.33
N HIS A 59 3.86 11.62 6.85
CA HIS A 59 3.59 13.05 6.94
C HIS A 59 2.40 13.44 6.06
N CYS A 60 2.34 12.86 4.87
CA CYS A 60 1.25 13.15 3.94
C CYS A 60 0.25 12.01 3.91
N ARG A 61 0.69 10.82 4.31
CA ARG A 61 -0.17 9.64 4.32
C ARG A 61 -0.65 9.30 2.92
N LYS A 62 0.28 9.26 1.98
CA LYS A 62 -0.04 8.94 0.59
C LYS A 62 0.78 7.76 0.09
N GLN A 63 0.13 6.82 -0.58
CA GLN A 63 0.79 5.64 -1.12
C GLN A 63 1.45 5.94 -2.46
N PHE A 64 2.68 5.47 -2.63
CA PHE A 64 3.42 5.69 -3.87
C PHE A 64 3.70 4.38 -4.58
N LYS A 65 3.53 4.37 -5.90
CA LYS A 65 3.77 3.16 -6.69
C LYS A 65 5.21 3.13 -7.21
N SER A 66 6.13 3.66 -6.41
CA SER A 66 7.54 3.70 -6.79
C SER A 66 8.41 4.01 -5.59
N LYS A 67 9.39 3.15 -5.33
CA LYS A 67 10.30 3.34 -4.20
C LYS A 67 11.13 4.61 -4.38
N ALA A 68 11.68 4.78 -5.58
CA ALA A 68 12.50 5.95 -5.88
C ALA A 68 11.67 7.23 -5.79
N GLY A 69 10.45 7.17 -6.30
CA GLY A 69 9.58 8.34 -6.26
C GLY A 69 9.34 8.85 -4.85
N LEU A 70 9.28 7.92 -3.90
CA LEU A 70 9.05 8.28 -2.50
C LEU A 70 10.23 9.09 -1.95
N ASN A 71 11.42 8.49 -1.99
CA ASN A 71 12.63 9.16 -1.50
C ASN A 71 12.62 10.64 -1.88
N TYR A 72 12.48 10.91 -3.18
CA TYR A 72 12.47 12.28 -3.66
C TYR A 72 11.26 13.04 -3.12
N HIS A 73 10.09 12.42 -3.22
CA HIS A 73 8.86 13.04 -2.75
C HIS A 73 9.02 13.54 -1.31
N THR A 74 9.39 12.63 -0.41
CA THR A 74 9.58 12.98 0.99
C THR A 74 10.73 13.97 1.17
N MET A 75 11.85 13.69 0.49
CA MET A 75 13.02 14.56 0.57
C MET A 75 12.67 15.98 0.13
N ALA A 76 11.77 16.08 -0.84
CA ALA A 76 11.35 17.39 -1.35
C ALA A 76 10.25 17.99 -0.50
N GLU A 77 9.10 17.30 -0.47
CA GLU A 77 7.96 17.76 0.30
C GLU A 77 8.30 17.82 1.79
N HIS A 78 8.50 16.65 2.39
CA HIS A 78 8.84 16.56 3.82
C HIS A 78 10.35 16.58 4.01
N SER A 79 10.96 17.76 3.84
CA SER A 79 12.40 17.90 4.01
C SER A 79 12.76 18.17 5.47
N ALA A 80 14.03 18.03 5.79
CA ALA A 80 14.50 18.26 7.15
C ALA A 80 15.96 18.73 7.15
N LYS A 81 16.16 20.02 7.43
CA LYS A 81 17.50 20.59 7.46
C LYS A 81 18.08 20.54 8.87
N PRO A 82 19.41 20.61 8.97
CA PRO A 82 20.11 20.58 10.26
C PRO A 82 19.89 21.85 11.07
N SER A 83 19.05 22.74 10.55
CA SER A 83 18.75 24.00 11.22
C SER A 83 17.87 23.76 12.45
N ASP A 84 18.14 24.51 13.51
CA ASP A 84 17.38 24.39 14.76
C ASP A 84 17.56 25.63 15.62
N ALA A 85 16.49 26.42 15.73
CA ALA A 85 16.51 27.63 16.53
C ALA A 85 15.18 27.85 17.24
N GLU A 86 15.25 28.29 18.51
CA GLU A 86 14.05 28.53 19.29
C GLU A 86 14.11 29.90 19.95
N ALA A 87 15.21 30.17 20.66
CA ALA A 87 15.38 31.46 21.33
C ALA A 87 15.76 32.56 20.35
N SER A 88 15.83 33.78 20.83
CA SER A 88 16.19 34.92 19.99
C SER A 88 17.17 35.85 20.70
N GLU A 89 18.40 35.92 20.19
CA GLU A 89 19.42 36.76 20.78
C GLU A 89 20.60 36.93 19.82
N GLY A 90 21.51 37.83 20.18
CA GLY A 90 22.68 38.07 19.34
C GLY A 90 22.71 39.49 18.81
N GLY A 91 21.88 39.78 17.81
CA GLY A 91 21.84 41.10 17.24
C GLY A 91 21.65 42.19 18.28
N GLU A 92 22.72 42.91 18.56
CA GLU A 92 22.67 44.00 19.54
C GLU A 92 21.43 44.85 19.36
N SER A 93 20.59 44.90 20.39
CA SER A 93 19.36 45.68 20.34
C SER A 93 19.64 47.12 19.95
N GLY A 94 18.60 47.85 19.55
CA GLY A 94 18.76 49.23 19.16
C GLY A 94 17.45 49.88 18.76
N PRO A 95 16.66 50.29 19.77
CA PRO A 95 15.36 50.93 19.55
C PRO A 95 15.49 52.33 18.95
N SER A 96 14.49 52.74 18.17
CA SER A 96 14.51 54.04 17.54
C SER A 96 13.96 55.11 18.49
N SER A 97 14.19 56.38 18.15
CA SER A 97 13.72 57.49 18.96
C SER A 97 12.81 58.40 18.16
N GLY A 98 12.15 59.33 18.86
CA GLY A 98 11.25 60.25 18.20
C GLY A 98 11.83 61.64 18.08
N GLY A 1 -45.29 -22.77 8.02
CA GLY A 1 -43.96 -22.24 8.23
C GLY A 1 -43.07 -22.40 7.02
N SER A 2 -41.95 -21.69 7.00
CA SER A 2 -41.01 -21.75 5.88
C SER A 2 -39.72 -21.00 6.21
N SER A 3 -38.59 -21.68 6.06
CA SER A 3 -37.29 -21.08 6.33
C SER A 3 -37.03 -19.91 5.40
N GLY A 4 -36.02 -19.11 5.74
CA GLY A 4 -35.67 -17.96 4.92
C GLY A 4 -34.42 -17.26 5.40
N SER A 5 -33.27 -17.68 4.88
CA SER A 5 -32.00 -17.08 5.27
C SER A 5 -31.06 -16.96 4.06
N SER A 6 -30.23 -15.92 4.07
CA SER A 6 -29.30 -15.69 2.98
C SER A 6 -28.12 -14.85 3.45
N GLY A 7 -26.91 -15.39 3.31
CA GLY A 7 -25.73 -14.68 3.73
C GLY A 7 -24.57 -14.84 2.74
N PRO A 8 -24.17 -13.72 2.11
CA PRO A 8 -23.08 -13.72 1.14
C PRO A 8 -21.72 -13.97 1.79
N GLY A 9 -20.66 -13.86 0.99
CA GLY A 9 -19.32 -14.07 1.51
C GLY A 9 -18.77 -15.43 1.12
N GLY A 10 -18.71 -15.71 -0.18
CA GLY A 10 -18.20 -16.98 -0.65
C GLY A 10 -16.74 -16.90 -1.06
N PRO A 11 -16.09 -18.05 -1.19
CA PRO A 11 -14.68 -18.14 -1.60
C PRO A 11 -14.47 -17.75 -3.05
N GLU A 12 -14.16 -16.47 -3.28
CA GLU A 12 -13.93 -15.98 -4.64
C GLU A 12 -15.24 -15.95 -5.43
N GLU A 13 -16.33 -15.61 -4.74
CA GLU A 13 -17.64 -15.54 -5.39
C GLU A 13 -17.77 -14.25 -6.20
N GLN A 14 -17.62 -13.11 -5.53
CA GLN A 14 -17.74 -11.82 -6.19
C GLN A 14 -16.55 -11.58 -7.13
N TRP A 15 -15.37 -11.98 -6.69
CA TRP A 15 -14.15 -11.81 -7.49
C TRP A 15 -14.28 -12.52 -8.83
N GLN A 16 -14.80 -13.76 -8.78
CA GLN A 16 -14.97 -14.55 -9.99
C GLN A 16 -16.13 -14.03 -10.83
N ARG A 17 -17.26 -13.79 -10.17
CA ARG A 17 -18.46 -13.28 -10.85
C ARG A 17 -18.10 -12.13 -11.78
N ALA A 18 -17.03 -11.42 -11.45
CA ALA A 18 -16.58 -10.29 -12.26
C ALA A 18 -15.51 -10.72 -13.25
N ILE A 19 -14.71 -11.69 -12.86
CA ILE A 19 -13.64 -12.19 -13.72
C ILE A 19 -14.19 -12.76 -15.02
N HIS A 20 -15.40 -13.33 -14.95
CA HIS A 20 -16.05 -13.90 -16.12
C HIS A 20 -16.94 -12.88 -16.80
N GLU A 21 -17.45 -11.93 -16.04
CA GLU A 21 -18.31 -10.89 -16.56
C GLU A 21 -17.50 -9.84 -17.33
N ARG A 22 -16.54 -9.24 -16.64
CA ARG A 22 -15.69 -8.22 -17.25
C ARG A 22 -14.47 -8.85 -17.91
N GLY A 23 -13.51 -9.26 -17.09
CA GLY A 23 -12.30 -9.87 -17.60
C GLY A 23 -11.45 -10.49 -16.50
N GLU A 24 -11.00 -9.65 -15.57
CA GLU A 24 -10.17 -10.12 -14.48
C GLU A 24 -10.41 -9.29 -13.21
N ALA A 25 -9.86 -9.75 -12.09
CA ALA A 25 -10.01 -9.05 -10.83
C ALA A 25 -8.66 -8.73 -10.20
N VAL A 26 -8.01 -7.69 -10.72
CA VAL A 26 -6.70 -7.28 -10.21
C VAL A 26 -6.79 -6.87 -8.75
N CYS A 27 -5.63 -6.72 -8.12
CA CYS A 27 -5.56 -6.34 -6.71
C CYS A 27 -6.14 -4.94 -6.51
N PRO A 28 -7.14 -4.84 -5.63
CA PRO A 28 -7.80 -3.57 -5.31
C PRO A 28 -6.89 -2.61 -4.53
N THR A 29 -5.65 -3.04 -4.31
CA THR A 29 -4.68 -2.23 -3.58
C THR A 29 -3.66 -1.61 -4.53
N CYS A 30 -3.10 -2.44 -5.40
CA CYS A 30 -2.11 -1.97 -6.36
C CYS A 30 -2.57 -2.23 -7.79
N ASN A 31 -3.44 -3.23 -7.96
CA ASN A 31 -3.95 -3.57 -9.27
C ASN A 31 -2.89 -4.27 -10.12
N VAL A 32 -2.02 -5.03 -9.45
CA VAL A 32 -0.95 -5.75 -10.14
C VAL A 32 -0.75 -7.13 -9.55
N VAL A 33 -1.18 -8.15 -10.28
CA VAL A 33 -1.04 -9.53 -9.83
C VAL A 33 -1.24 -10.51 -10.98
N THR A 34 -1.20 -11.80 -10.66
CA THR A 34 -1.36 -12.84 -11.67
C THR A 34 -2.45 -12.46 -12.67
N ARG A 35 -2.17 -12.67 -13.96
CA ARG A 35 -3.12 -12.35 -15.01
C ARG A 35 -4.54 -12.74 -14.60
N LYS A 36 -4.68 -13.93 -14.02
CA LYS A 36 -5.98 -14.42 -13.58
C LYS A 36 -6.41 -13.72 -12.29
N THR A 37 -5.44 -13.32 -11.49
CA THR A 37 -5.72 -12.63 -10.23
C THR A 37 -6.65 -13.46 -9.35
N LEU A 38 -6.47 -14.77 -9.38
CA LEU A 38 -7.29 -15.68 -8.59
C LEU A 38 -6.43 -16.45 -7.59
N VAL A 39 -5.51 -17.25 -8.11
CA VAL A 39 -4.62 -18.05 -7.26
C VAL A 39 -3.50 -17.19 -6.68
N GLY A 40 -2.97 -16.30 -7.51
CA GLY A 40 -1.89 -15.43 -7.07
C GLY A 40 -2.39 -14.24 -6.26
N LEU A 41 -3.61 -13.79 -6.57
CA LEU A 41 -4.20 -12.67 -5.87
C LEU A 41 -4.37 -12.98 -4.37
N LYS A 42 -4.56 -14.25 -4.06
CA LYS A 42 -4.73 -14.68 -2.67
C LYS A 42 -3.39 -14.72 -1.95
N LYS A 43 -2.40 -15.35 -2.60
CA LYS A 43 -1.07 -15.47 -2.02
C LYS A 43 -0.34 -14.12 -2.04
N HIS A 44 -0.81 -13.21 -2.89
CA HIS A 44 -0.21 -11.90 -3.01
C HIS A 44 -0.82 -10.92 -2.01
N MET A 45 -2.15 -10.83 -2.01
CA MET A 45 -2.86 -9.95 -1.10
C MET A 45 -2.38 -10.15 0.34
N GLU A 46 -1.83 -11.32 0.60
CA GLU A 46 -1.33 -11.65 1.94
C GLU A 46 -0.11 -10.81 2.28
N VAL A 47 0.69 -10.50 1.27
CA VAL A 47 1.90 -9.69 1.47
C VAL A 47 1.70 -8.26 0.99
N CYS A 48 0.72 -8.08 0.10
CA CYS A 48 0.42 -6.76 -0.45
C CYS A 48 0.64 -5.68 0.60
N GLN A 49 0.04 -5.86 1.77
CA GLN A 49 0.18 -4.89 2.86
C GLN A 49 1.62 -4.44 3.00
N LYS A 50 2.54 -5.39 3.00
CA LYS A 50 3.97 -5.09 3.13
C LYS A 50 4.39 -4.04 2.10
N LEU A 51 3.88 -4.17 0.88
CA LEU A 51 4.21 -3.24 -0.19
C LEU A 51 3.46 -1.92 -0.01
N GLN A 52 2.15 -2.00 0.20
CA GLN A 52 1.33 -0.81 0.39
C GLN A 52 2.00 0.16 1.37
N ASP A 53 2.34 -0.34 2.55
CA ASP A 53 2.98 0.50 3.56
C ASP A 53 4.27 1.12 3.01
N ALA A 54 5.17 0.28 2.53
CA ALA A 54 6.43 0.75 1.98
C ALA A 54 6.24 2.03 1.16
N LEU A 55 5.26 2.01 0.27
CA LEU A 55 4.96 3.17 -0.57
C LEU A 55 4.59 4.38 0.29
N LYS A 56 3.84 4.13 1.36
CA LYS A 56 3.42 5.20 2.25
C LYS A 56 4.63 5.92 2.84
N CYS A 57 4.60 7.25 2.79
CA CYS A 57 5.69 8.06 3.33
C CYS A 57 5.71 8.01 4.85
N GLN A 58 6.63 8.77 5.45
CA GLN A 58 6.74 8.81 6.90
C GLN A 58 6.72 10.25 7.41
N HIS A 59 7.42 11.13 6.71
CA HIS A 59 7.47 12.54 7.08
C HIS A 59 6.13 13.22 6.83
N CYS A 60 5.47 12.84 5.75
CA CYS A 60 4.18 13.42 5.39
C CYS A 60 3.05 12.40 5.58
N ARG A 61 3.43 11.13 5.70
CA ARG A 61 2.46 10.05 5.88
C ARG A 61 1.46 10.02 4.73
N LYS A 62 1.97 10.04 3.50
CA LYS A 62 1.13 10.01 2.32
C LYS A 62 1.13 8.62 1.69
N GLN A 63 -0.05 8.15 1.30
CA GLN A 63 -0.19 6.83 0.68
C GLN A 63 0.00 6.93 -0.83
N PHE A 64 0.85 6.05 -1.36
CA PHE A 64 1.13 6.03 -2.79
C PHE A 64 0.90 4.64 -3.37
N LYS A 65 0.45 4.59 -4.61
CA LYS A 65 0.18 3.33 -5.29
C LYS A 65 1.09 3.16 -6.51
N SER A 66 2.32 3.63 -6.38
CA SER A 66 3.29 3.53 -7.47
C SER A 66 4.68 3.97 -7.02
N LYS A 67 5.61 3.02 -7.00
CA LYS A 67 6.98 3.31 -6.59
C LYS A 67 7.49 4.60 -7.21
N ALA A 68 7.30 4.73 -8.53
CA ALA A 68 7.73 5.92 -9.25
C ALA A 68 7.13 7.18 -8.63
N GLY A 69 5.87 7.09 -8.21
CA GLY A 69 5.20 8.22 -7.62
C GLY A 69 5.89 8.71 -6.36
N LEU A 70 6.22 7.79 -5.47
CA LEU A 70 6.90 8.13 -4.22
C LEU A 70 8.29 8.69 -4.49
N ASN A 71 9.02 8.05 -5.39
CA ASN A 71 10.37 8.48 -5.73
C ASN A 71 10.37 9.95 -6.16
N TYR A 72 9.35 10.35 -6.92
CA TYR A 72 9.23 11.71 -7.39
C TYR A 72 8.69 12.62 -6.29
N HIS A 73 7.68 12.14 -5.58
CA HIS A 73 7.07 12.91 -4.50
C HIS A 73 8.10 13.25 -3.43
N THR A 74 8.71 12.22 -2.85
CA THR A 74 9.71 12.41 -1.81
C THR A 74 10.58 13.62 -2.11
N MET A 75 11.28 13.58 -3.25
CA MET A 75 12.15 14.67 -3.65
C MET A 75 11.34 15.94 -3.94
N ALA A 76 10.26 15.79 -4.69
CA ALA A 76 9.41 16.92 -5.03
C ALA A 76 9.09 17.75 -3.79
N GLU A 77 8.42 17.14 -2.83
CA GLU A 77 8.04 17.82 -1.60
C GLU A 77 9.21 17.85 -0.61
N HIS A 78 9.71 16.67 -0.27
CA HIS A 78 10.82 16.55 0.67
C HIS A 78 12.16 16.59 -0.07
N SER A 79 12.72 17.80 -0.17
CA SER A 79 14.00 17.98 -0.87
C SER A 79 15.06 18.51 0.10
N ALA A 80 14.84 19.71 0.61
CA ALA A 80 15.79 20.32 1.55
C ALA A 80 16.44 19.26 2.43
N LYS A 81 17.77 19.15 2.32
CA LYS A 81 18.52 18.19 3.12
C LYS A 81 18.49 18.55 4.59
N PRO A 82 18.63 17.54 5.46
CA PRO A 82 18.63 17.73 6.91
C PRO A 82 19.88 18.45 7.40
N SER A 83 19.70 19.37 8.34
CA SER A 83 20.82 20.12 8.90
C SER A 83 21.44 19.39 10.08
N ASP A 84 22.54 19.93 10.58
CA ASP A 84 23.23 19.33 11.72
C ASP A 84 23.61 20.39 12.76
N ALA A 85 22.67 20.68 13.66
CA ALA A 85 22.89 21.67 14.70
C ALA A 85 24.19 21.39 15.45
N GLU A 86 24.41 20.12 15.81
CA GLU A 86 25.61 19.72 16.53
C GLU A 86 26.85 20.38 15.92
N ALA A 87 27.06 20.15 14.63
CA ALA A 87 28.21 20.72 13.93
C ALA A 87 28.40 22.19 14.29
N SER A 88 29.63 22.56 14.62
CA SER A 88 29.94 23.94 14.99
C SER A 88 29.15 24.91 14.14
N GLU A 89 28.55 25.91 14.79
CA GLU A 89 27.76 26.92 14.10
C GLU A 89 28.45 28.27 14.13
N GLY A 90 28.10 29.14 13.19
CA GLY A 90 28.70 30.46 13.14
C GLY A 90 28.72 31.15 14.49
N GLY A 91 27.53 31.50 15.00
CA GLY A 91 27.44 32.15 16.29
C GLY A 91 26.52 33.36 16.26
N GLU A 92 26.96 34.44 16.89
CA GLU A 92 26.16 35.66 16.94
C GLU A 92 27.02 36.86 17.38
N SER A 93 27.11 37.86 16.50
CA SER A 93 27.90 39.05 16.79
C SER A 93 27.22 39.90 17.87
N GLY A 94 27.95 40.90 18.36
CA GLY A 94 27.41 41.76 19.39
C GLY A 94 27.55 43.23 19.05
N PRO A 95 26.44 43.86 18.64
CA PRO A 95 26.42 45.27 18.27
C PRO A 95 26.62 46.20 19.47
N SER A 96 26.89 47.47 19.20
CA SER A 96 27.11 48.44 20.25
C SER A 96 25.92 49.38 20.38
N SER A 97 25.55 49.71 21.62
CA SER A 97 24.42 50.59 21.88
C SER A 97 24.90 52.00 22.23
N GLY A 98 23.97 52.94 22.29
CA GLY A 98 24.31 54.31 22.61
C GLY A 98 23.67 54.78 23.90
N GLY A 1 -43.62 -18.42 7.65
CA GLY A 1 -42.93 -19.56 8.23
C GLY A 1 -41.47 -19.62 7.85
N SER A 2 -40.63 -20.04 8.79
CA SER A 2 -39.19 -20.13 8.55
C SER A 2 -38.53 -21.07 9.54
N SER A 3 -37.57 -21.86 9.05
CA SER A 3 -36.87 -22.82 9.90
C SER A 3 -35.42 -22.38 10.12
N GLY A 4 -34.72 -22.11 9.03
CA GLY A 4 -33.33 -21.69 9.11
C GLY A 4 -32.68 -21.55 7.75
N SER A 5 -31.69 -20.66 7.67
CA SER A 5 -30.98 -20.43 6.40
C SER A 5 -29.58 -19.88 6.66
N SER A 6 -28.57 -20.68 6.33
CA SER A 6 -27.19 -20.28 6.52
C SER A 6 -26.49 -20.05 5.18
N GLY A 7 -25.35 -19.37 5.22
CA GLY A 7 -24.60 -19.09 4.01
C GLY A 7 -23.65 -17.92 4.16
N PRO A 8 -22.42 -18.21 4.60
CA PRO A 8 -21.40 -17.18 4.80
C PRO A 8 -20.89 -16.60 3.49
N GLY A 9 -20.03 -15.59 3.59
CA GLY A 9 -19.49 -14.97 2.39
C GLY A 9 -18.90 -15.98 1.42
N GLY A 10 -17.64 -16.32 1.61
CA GLY A 10 -16.97 -17.28 0.75
C GLY A 10 -15.60 -16.81 0.30
N PRO A 11 -15.03 -17.53 -0.67
CA PRO A 11 -13.69 -17.20 -1.21
C PRO A 11 -13.69 -15.91 -2.02
N GLU A 12 -14.78 -15.70 -2.78
CA GLU A 12 -14.90 -14.51 -3.60
C GLU A 12 -16.29 -13.89 -3.46
N GLU A 13 -16.41 -12.93 -2.56
CA GLU A 13 -17.69 -12.26 -2.33
C GLU A 13 -17.85 -11.05 -3.25
N GLN A 14 -16.81 -10.21 -3.29
CA GLN A 14 -16.83 -9.02 -4.13
C GLN A 14 -16.15 -9.28 -5.47
N TRP A 15 -15.07 -10.05 -5.44
CA TRP A 15 -14.32 -10.37 -6.65
C TRP A 15 -15.18 -11.17 -7.62
N GLN A 16 -15.95 -12.11 -7.08
CA GLN A 16 -16.82 -12.95 -7.89
C GLN A 16 -17.84 -12.10 -8.66
N ARG A 17 -18.13 -10.91 -8.13
CA ARG A 17 -19.09 -10.01 -8.75
C ARG A 17 -18.38 -9.07 -9.72
N ALA A 18 -17.09 -8.86 -9.50
CA ALA A 18 -16.30 -7.97 -10.35
C ALA A 18 -15.66 -8.75 -11.50
N ILE A 19 -15.62 -10.07 -11.38
CA ILE A 19 -15.04 -10.92 -12.40
C ILE A 19 -16.08 -11.34 -13.43
N HIS A 20 -17.25 -11.77 -12.94
CA HIS A 20 -18.34 -12.20 -13.81
C HIS A 20 -19.04 -11.00 -14.42
N GLU A 21 -18.72 -9.80 -13.92
CA GLU A 21 -19.32 -8.57 -14.42
C GLU A 21 -18.51 -7.99 -15.57
N ARG A 22 -17.22 -7.78 -15.33
CA ARG A 22 -16.34 -7.23 -16.35
C ARG A 22 -15.51 -8.33 -17.01
N GLY A 23 -14.54 -8.86 -16.28
CA GLY A 23 -13.69 -9.91 -16.79
C GLY A 23 -12.76 -10.48 -15.75
N GLU A 24 -12.10 -9.60 -15.00
CA GLU A 24 -11.17 -10.02 -13.97
C GLU A 24 -11.06 -8.96 -12.87
N ALA A 25 -10.60 -9.39 -11.69
CA ALA A 25 -10.46 -8.48 -10.57
C ALA A 25 -9.02 -8.48 -10.04
N VAL A 26 -8.16 -7.70 -10.69
CA VAL A 26 -6.76 -7.61 -10.29
C VAL A 26 -6.62 -7.12 -8.85
N CYS A 27 -5.39 -6.98 -8.40
CA CYS A 27 -5.12 -6.51 -7.05
C CYS A 27 -5.68 -5.11 -6.82
N PRO A 28 -6.64 -5.00 -5.89
CA PRO A 28 -7.28 -3.73 -5.55
C PRO A 28 -6.32 -2.76 -4.85
N THR A 29 -5.10 -3.22 -4.61
CA THR A 29 -4.10 -2.40 -3.94
C THR A 29 -3.15 -1.75 -4.94
N CYS A 30 -2.45 -2.58 -5.71
CA CYS A 30 -1.51 -2.10 -6.71
C CYS A 30 -1.92 -2.55 -8.10
N ASN A 31 -2.84 -3.50 -8.17
CA ASN A 31 -3.32 -4.03 -9.44
C ASN A 31 -2.20 -4.73 -10.20
N VAL A 32 -1.39 -5.49 -9.47
CA VAL A 32 -0.28 -6.23 -10.08
C VAL A 32 -0.29 -7.69 -9.65
N VAL A 33 -1.06 -8.51 -10.36
CA VAL A 33 -1.16 -9.93 -10.05
C VAL A 33 -1.41 -10.74 -11.31
N THR A 34 -1.62 -12.05 -11.13
CA THR A 34 -1.88 -12.94 -12.25
C THR A 34 -3.16 -12.55 -12.98
N ARG A 35 -3.17 -12.74 -14.30
CA ARG A 35 -4.34 -12.41 -15.10
C ARG A 35 -5.62 -12.94 -14.46
N LYS A 36 -5.55 -14.15 -13.93
CA LYS A 36 -6.70 -14.77 -13.27
C LYS A 36 -7.05 -14.05 -11.98
N THR A 37 -6.04 -13.46 -11.34
CA THR A 37 -6.23 -12.73 -10.09
C THR A 37 -7.03 -13.56 -9.09
N LEU A 38 -6.90 -14.88 -9.19
CA LEU A 38 -7.61 -15.79 -8.30
C LEU A 38 -6.63 -16.55 -7.41
N VAL A 39 -5.67 -17.22 -8.03
CA VAL A 39 -4.67 -18.00 -7.30
C VAL A 39 -3.49 -17.12 -6.89
N GLY A 40 -3.20 -16.11 -7.72
CA GLY A 40 -2.09 -15.22 -7.42
C GLY A 40 -2.53 -13.98 -6.66
N LEU A 41 -3.82 -13.67 -6.74
CA LEU A 41 -4.37 -12.50 -6.06
C LEU A 41 -4.41 -12.72 -4.55
N LYS A 42 -4.42 -14.00 -4.15
CA LYS A 42 -4.46 -14.35 -2.73
C LYS A 42 -3.05 -14.47 -2.17
N LYS A 43 -2.22 -15.27 -2.82
CA LYS A 43 -0.84 -15.47 -2.39
C LYS A 43 -0.04 -14.18 -2.49
N HIS A 44 -0.62 -13.19 -3.16
CA HIS A 44 0.03 -11.89 -3.34
C HIS A 44 -0.40 -10.91 -2.25
N MET A 45 -1.72 -10.76 -2.09
CA MET A 45 -2.26 -9.85 -1.09
C MET A 45 -1.64 -10.11 0.27
N GLU A 46 -1.09 -11.31 0.46
CA GLU A 46 -0.47 -11.67 1.72
C GLU A 46 0.54 -10.62 2.16
N VAL A 47 1.54 -10.38 1.31
CA VAL A 47 2.57 -9.40 1.61
C VAL A 47 2.20 -8.02 1.06
N CYS A 48 1.34 -8.01 0.04
CA CYS A 48 0.91 -6.76 -0.59
C CYS A 48 0.82 -5.65 0.46
N GLN A 49 0.24 -5.96 1.61
CA GLN A 49 0.09 -4.99 2.68
C GLN A 49 1.41 -4.29 2.98
N LYS A 50 2.44 -5.09 3.27
CA LYS A 50 3.76 -4.54 3.56
C LYS A 50 4.14 -3.45 2.57
N LEU A 51 3.76 -3.64 1.31
CA LEU A 51 4.06 -2.67 0.26
C LEU A 51 3.19 -1.43 0.42
N GLN A 52 1.87 -1.62 0.35
CA GLN A 52 0.93 -0.52 0.48
C GLN A 52 1.30 0.38 1.66
N ASP A 53 1.67 -0.24 2.77
CA ASP A 53 2.04 0.50 3.97
C ASP A 53 3.42 1.14 3.80
N ALA A 54 4.37 0.37 3.28
CA ALA A 54 5.73 0.87 3.06
C ALA A 54 5.71 2.13 2.21
N LEU A 55 5.24 2.01 0.98
CA LEU A 55 5.18 3.15 0.07
C LEU A 55 4.41 4.31 0.69
N LYS A 56 3.49 3.98 1.58
CA LYS A 56 2.69 5.00 2.26
C LYS A 56 3.49 5.68 3.38
N CYS A 57 3.50 7.01 3.37
CA CYS A 57 4.22 7.77 4.37
C CYS A 57 3.49 7.73 5.72
N GLN A 58 4.05 8.43 6.70
CA GLN A 58 3.45 8.47 8.04
C GLN A 58 3.03 9.90 8.39
N HIS A 59 3.91 10.86 8.10
CA HIS A 59 3.63 12.26 8.38
C HIS A 59 2.54 12.80 7.47
N CYS A 60 2.62 12.43 6.19
CA CYS A 60 1.63 12.88 5.21
C CYS A 60 0.63 11.77 4.90
N ARG A 61 0.89 10.59 5.44
CA ARG A 61 0.02 9.44 5.21
C ARG A 61 -0.53 9.44 3.79
N LYS A 62 0.36 9.54 2.81
CA LYS A 62 -0.02 9.55 1.41
C LYS A 62 0.54 8.34 0.68
N GLN A 63 -0.23 7.82 -0.27
CA GLN A 63 0.19 6.66 -1.05
C GLN A 63 0.98 7.09 -2.29
N PHE A 64 2.16 6.51 -2.46
CA PHE A 64 3.00 6.83 -3.61
C PHE A 64 3.06 5.67 -4.59
N LYS A 65 3.53 5.94 -5.80
CA LYS A 65 3.64 4.92 -6.83
C LYS A 65 5.05 4.88 -7.41
N SER A 66 6.04 5.05 -6.55
CA SER A 66 7.43 5.03 -6.97
C SER A 66 8.37 5.10 -5.77
N LYS A 67 9.02 3.99 -5.46
CA LYS A 67 9.95 3.92 -4.34
C LYS A 67 10.82 5.16 -4.28
N ALA A 68 11.53 5.44 -5.36
CA ALA A 68 12.41 6.60 -5.44
C ALA A 68 11.66 7.87 -5.07
N GLY A 69 10.41 7.96 -5.50
CA GLY A 69 9.60 9.13 -5.20
C GLY A 69 9.41 9.34 -3.71
N LEU A 70 9.26 8.25 -2.97
CA LEU A 70 9.08 8.31 -1.53
C LEU A 70 10.39 8.60 -0.82
N ASN A 71 11.41 7.80 -1.13
CA ASN A 71 12.73 7.98 -0.51
C ASN A 71 13.16 9.44 -0.57
N TYR A 72 12.83 10.10 -1.67
CA TYR A 72 13.18 11.50 -1.85
C TYR A 72 12.21 12.42 -1.12
N HIS A 73 10.92 12.23 -1.40
CA HIS A 73 9.88 13.04 -0.78
C HIS A 73 10.09 13.12 0.74
N THR A 74 10.10 11.96 1.39
CA THR A 74 10.30 11.90 2.83
C THR A 74 11.29 12.95 3.30
N MET A 75 12.45 12.98 2.67
CA MET A 75 13.49 13.95 3.01
C MET A 75 13.14 15.33 2.49
N ALA A 76 12.50 15.38 1.34
CA ALA A 76 12.10 16.65 0.73
C ALA A 76 11.15 17.42 1.63
N GLU A 77 9.99 16.83 1.92
CA GLU A 77 9.00 17.46 2.77
C GLU A 77 9.33 17.25 4.25
N HIS A 78 9.33 16.01 4.68
CA HIS A 78 9.64 15.67 6.07
C HIS A 78 11.14 15.57 6.27
N SER A 79 11.81 16.71 6.34
CA SER A 79 13.26 16.74 6.53
C SER A 79 13.60 16.79 8.02
N ALA A 80 14.88 16.61 8.33
CA ALA A 80 15.35 16.64 9.71
C ALA A 80 15.79 18.04 10.12
N LYS A 81 14.83 18.94 10.24
CA LYS A 81 15.11 20.33 10.63
C LYS A 81 16.16 20.37 11.73
N PRO A 82 17.17 21.23 11.55
CA PRO A 82 18.25 21.40 12.52
C PRO A 82 17.78 22.07 13.81
N SER A 83 18.67 22.14 14.79
CA SER A 83 18.35 22.76 16.08
C SER A 83 18.92 24.17 16.16
N ASP A 84 18.09 25.12 16.58
CA ASP A 84 18.52 26.51 16.72
C ASP A 84 17.93 27.14 17.97
N ALA A 85 18.58 28.19 18.45
CA ALA A 85 18.13 28.89 19.65
C ALA A 85 18.57 30.34 19.65
N GLU A 86 18.11 31.11 20.63
CA GLU A 86 18.46 32.52 20.73
C GLU A 86 19.24 32.79 22.02
N ALA A 87 19.96 33.91 22.03
CA ALA A 87 20.74 34.29 23.20
C ALA A 87 19.86 34.91 24.29
N SER A 88 19.63 34.14 25.34
CA SER A 88 18.80 34.61 26.46
C SER A 88 19.28 35.98 26.95
N GLU A 89 18.38 36.69 27.62
CA GLU A 89 18.72 38.01 28.15
C GLU A 89 18.72 37.99 29.68
N GLY A 90 19.57 38.84 30.27
CA GLY A 90 19.65 38.90 31.73
C GLY A 90 19.89 40.32 32.22
N GLY A 91 19.28 40.65 33.36
CA GLY A 91 19.44 41.97 33.92
C GLY A 91 19.09 42.02 35.39
N GLU A 92 19.51 43.09 36.06
CA GLU A 92 19.24 43.24 37.49
C GLU A 92 18.63 44.62 37.78
N SER A 93 17.86 44.69 38.87
CA SER A 93 17.21 45.94 39.25
C SER A 93 17.25 46.13 40.76
N GLY A 94 17.49 47.37 41.19
CA GLY A 94 17.55 47.66 42.61
C GLY A 94 16.78 48.91 42.98
N PRO A 95 16.80 49.27 44.27
CA PRO A 95 16.10 50.45 44.78
C PRO A 95 16.74 51.75 44.31
N SER A 96 16.18 52.88 44.75
CA SER A 96 16.70 54.18 44.37
C SER A 96 16.22 55.26 45.34
N SER A 97 16.71 56.48 45.16
CA SER A 97 16.34 57.60 46.02
C SER A 97 15.19 58.39 45.42
N GLY A 98 14.69 59.36 46.17
CA GLY A 98 13.60 60.18 45.69
C GLY A 98 13.59 61.56 46.31
N GLY A 1 -26.81 -32.18 24.18
CA GLY A 1 -26.48 -30.90 23.57
C GLY A 1 -26.71 -30.92 22.07
N SER A 2 -26.76 -29.72 21.48
CA SER A 2 -26.99 -29.60 20.05
C SER A 2 -26.53 -28.23 19.55
N SER A 3 -25.66 -28.23 18.53
CA SER A 3 -25.15 -26.98 17.97
C SER A 3 -24.96 -27.12 16.46
N GLY A 4 -24.69 -25.99 15.80
CA GLY A 4 -24.49 -26.00 14.37
C GLY A 4 -24.66 -24.63 13.75
N SER A 5 -23.56 -23.91 13.57
CA SER A 5 -23.60 -22.58 12.99
C SER A 5 -22.76 -22.52 11.71
N SER A 6 -23.31 -21.88 10.68
CA SER A 6 -22.63 -21.75 9.41
C SER A 6 -23.32 -20.73 8.51
N GLY A 7 -22.57 -20.15 7.58
CA GLY A 7 -23.13 -19.17 6.67
C GLY A 7 -22.26 -18.94 5.45
N PRO A 8 -22.70 -18.02 4.59
CA PRO A 8 -21.96 -17.68 3.36
C PRO A 8 -20.65 -16.96 3.64
N GLY A 9 -19.75 -16.97 2.67
CA GLY A 9 -18.47 -16.31 2.83
C GLY A 9 -17.31 -17.16 2.35
N GLY A 10 -17.50 -17.83 1.21
CA GLY A 10 -16.46 -18.69 0.67
C GLY A 10 -15.17 -17.92 0.40
N PRO A 11 -14.16 -18.63 -0.12
CA PRO A 11 -12.86 -18.03 -0.43
C PRO A 11 -12.93 -17.09 -1.63
N GLU A 12 -13.53 -17.57 -2.72
CA GLU A 12 -13.66 -16.77 -3.93
C GLU A 12 -15.13 -16.53 -4.27
N GLU A 13 -15.77 -15.65 -3.50
CA GLU A 13 -17.18 -15.33 -3.72
C GLU A 13 -17.33 -14.13 -4.65
N GLN A 14 -16.72 -13.01 -4.26
CA GLN A 14 -16.79 -11.80 -5.06
C GLN A 14 -15.79 -11.84 -6.21
N TRP A 15 -14.64 -12.44 -5.95
CA TRP A 15 -13.59 -12.55 -6.97
C TRP A 15 -14.05 -13.43 -8.12
N GLN A 16 -14.69 -14.54 -7.80
CA GLN A 16 -15.18 -15.47 -8.81
C GLN A 16 -16.33 -14.85 -9.61
N ARG A 17 -17.15 -14.06 -8.94
CA ARG A 17 -18.29 -13.41 -9.59
C ARG A 17 -17.82 -12.23 -10.44
N ALA A 18 -17.16 -11.27 -9.80
CA ALA A 18 -16.66 -10.09 -10.50
C ALA A 18 -15.85 -10.49 -11.73
N ILE A 19 -15.24 -11.66 -11.68
CA ILE A 19 -14.43 -12.16 -12.79
C ILE A 19 -15.28 -12.32 -14.05
N HIS A 20 -16.20 -13.29 -14.02
CA HIS A 20 -17.07 -13.55 -15.15
C HIS A 20 -18.03 -12.38 -15.38
N GLU A 21 -18.29 -11.62 -14.32
CA GLU A 21 -19.19 -10.47 -14.41
C GLU A 21 -18.74 -9.51 -15.49
N ARG A 22 -17.47 -9.09 -15.42
CA ARG A 22 -16.91 -8.16 -16.38
C ARG A 22 -15.73 -8.79 -17.12
N GLY A 23 -14.73 -9.24 -16.36
CA GLY A 23 -13.57 -9.85 -16.96
C GLY A 23 -12.73 -10.61 -15.95
N GLU A 24 -12.14 -9.87 -15.01
CA GLU A 24 -11.30 -10.49 -13.97
C GLU A 24 -11.26 -9.61 -12.73
N ALA A 25 -10.83 -10.20 -11.61
CA ALA A 25 -10.74 -9.49 -10.35
C ALA A 25 -9.30 -9.33 -9.90
N VAL A 26 -8.64 -8.27 -10.37
CA VAL A 26 -7.25 -8.01 -10.02
C VAL A 26 -7.14 -7.47 -8.61
N CYS A 27 -5.90 -7.17 -8.20
CA CYS A 27 -5.66 -6.64 -6.86
C CYS A 27 -6.42 -5.32 -6.65
N PRO A 28 -7.35 -5.33 -5.69
CA PRO A 28 -8.15 -4.14 -5.36
C PRO A 28 -7.33 -3.05 -4.70
N THR A 29 -6.01 -3.24 -4.66
CA THR A 29 -5.12 -2.26 -4.05
C THR A 29 -4.26 -1.58 -5.11
N CYS A 30 -3.41 -2.36 -5.77
CA CYS A 30 -2.54 -1.83 -6.80
C CYS A 30 -2.80 -2.50 -8.14
N ASN A 31 -3.75 -3.42 -8.16
CA ASN A 31 -4.10 -4.15 -9.37
C ASN A 31 -2.85 -4.66 -10.08
N VAL A 32 -2.00 -5.36 -9.34
CA VAL A 32 -0.77 -5.92 -9.89
C VAL A 32 -0.56 -7.36 -9.46
N VAL A 33 -1.21 -8.28 -10.16
CA VAL A 33 -1.10 -9.70 -9.85
C VAL A 33 -1.15 -10.55 -11.12
N THR A 34 -1.15 -11.87 -10.95
CA THR A 34 -1.21 -12.79 -12.07
C THR A 34 -2.24 -12.35 -13.10
N ARG A 35 -2.19 -12.95 -14.28
CA ARG A 35 -3.12 -12.62 -15.35
C ARG A 35 -4.55 -13.04 -14.99
N LYS A 36 -4.66 -14.19 -14.34
CA LYS A 36 -5.96 -14.71 -13.93
C LYS A 36 -6.42 -14.06 -12.63
N THR A 37 -5.46 -13.54 -11.87
CA THR A 37 -5.78 -12.90 -10.59
C THR A 37 -6.73 -13.74 -9.76
N LEU A 38 -6.48 -15.04 -9.72
CA LEU A 38 -7.31 -15.96 -8.96
C LEU A 38 -6.53 -16.59 -7.80
N VAL A 39 -5.39 -17.18 -8.13
CA VAL A 39 -4.54 -17.81 -7.13
C VAL A 39 -3.50 -16.84 -6.59
N GLY A 40 -3.08 -15.89 -7.44
CA GLY A 40 -2.09 -14.92 -7.03
C GLY A 40 -2.70 -13.77 -6.27
N LEU A 41 -3.96 -13.44 -6.58
CA LEU A 41 -4.65 -12.35 -5.92
C LEU A 41 -4.51 -12.45 -4.41
N LYS A 42 -4.47 -13.67 -3.89
CA LYS A 42 -4.33 -13.91 -2.46
C LYS A 42 -2.86 -13.88 -2.05
N LYS A 43 -2.07 -14.77 -2.63
CA LYS A 43 -0.65 -14.85 -2.33
C LYS A 43 0.02 -13.49 -2.51
N HIS A 44 -0.67 -12.58 -3.20
CA HIS A 44 -0.14 -11.24 -3.44
C HIS A 44 -0.64 -10.26 -2.39
N MET A 45 -1.93 -10.35 -2.07
CA MET A 45 -2.53 -9.46 -1.08
C MET A 45 -1.88 -9.65 0.29
N GLU A 46 -1.55 -10.91 0.61
CA GLU A 46 -0.91 -11.23 1.89
C GLU A 46 0.22 -10.24 2.20
N VAL A 47 1.13 -10.08 1.24
CA VAL A 47 2.25 -9.17 1.41
C VAL A 47 1.90 -7.76 0.96
N CYS A 48 1.05 -7.67 -0.07
CA CYS A 48 0.64 -6.39 -0.60
C CYS A 48 0.50 -5.35 0.51
N GLN A 49 -0.42 -5.60 1.43
CA GLN A 49 -0.65 -4.70 2.55
C GLN A 49 0.67 -4.29 3.20
N LYS A 50 1.53 -5.26 3.45
CA LYS A 50 2.83 -5.01 4.06
C LYS A 50 3.68 -4.10 3.17
N LEU A 51 3.68 -4.39 1.88
CA LEU A 51 4.45 -3.60 0.92
C LEU A 51 3.91 -2.18 0.82
N GLN A 52 2.66 -2.06 0.39
CA GLN A 52 2.02 -0.75 0.25
C GLN A 52 2.53 0.22 1.32
N ASP A 53 2.61 -0.28 2.56
CA ASP A 53 3.07 0.55 3.67
C ASP A 53 4.50 1.03 3.44
N ALA A 54 5.39 0.08 3.17
CA ALA A 54 6.80 0.40 2.93
C ALA A 54 6.93 1.57 1.96
N LEU A 55 6.41 1.38 0.74
CA LEU A 55 6.47 2.41 -0.28
C LEU A 55 6.04 3.76 0.28
N LYS A 56 4.96 3.76 1.05
CA LYS A 56 4.45 4.99 1.67
C LYS A 56 5.52 5.65 2.52
N CYS A 57 5.73 6.95 2.30
CA CYS A 57 6.72 7.71 3.05
C CYS A 57 6.22 7.98 4.47
N GLN A 58 7.05 8.66 5.26
CA GLN A 58 6.71 8.98 6.64
C GLN A 58 6.74 10.49 6.87
N HIS A 59 7.83 11.12 6.45
CA HIS A 59 7.98 12.57 6.61
C HIS A 59 6.87 13.31 5.88
N CYS A 60 6.61 12.92 4.64
CA CYS A 60 5.58 13.55 3.83
C CYS A 60 4.28 12.75 3.88
N ARG A 61 4.39 11.47 4.23
CA ARG A 61 3.23 10.60 4.32
C ARG A 61 2.52 10.51 2.98
N LYS A 62 3.27 10.13 1.94
CA LYS A 62 2.71 10.00 0.60
C LYS A 62 2.97 8.60 0.04
N GLN A 63 2.06 8.13 -0.79
CA GLN A 63 2.20 6.81 -1.40
C GLN A 63 2.95 6.88 -2.72
N PHE A 64 3.94 6.02 -2.89
CA PHE A 64 4.74 5.99 -4.11
C PHE A 64 4.65 4.63 -4.79
N LYS A 65 4.10 4.62 -6.00
CA LYS A 65 3.94 3.38 -6.76
C LYS A 65 5.23 3.04 -7.49
N SER A 66 6.37 3.30 -6.85
CA SER A 66 7.67 3.02 -7.45
C SER A 66 8.77 3.07 -6.39
N LYS A 67 9.52 1.98 -6.28
CA LYS A 67 10.61 1.88 -5.32
C LYS A 67 11.70 2.91 -5.63
N ALA A 68 12.14 2.92 -6.88
CA ALA A 68 13.18 3.85 -7.32
C ALA A 68 12.77 5.29 -7.06
N GLY A 69 11.49 5.59 -7.31
CA GLY A 69 10.99 6.94 -7.10
C GLY A 69 11.07 7.38 -5.66
N LEU A 70 10.68 6.48 -4.75
CA LEU A 70 10.72 6.78 -3.32
C LEU A 70 12.12 7.13 -2.87
N ASN A 71 13.11 6.41 -3.41
CA ASN A 71 14.50 6.66 -3.05
C ASN A 71 14.93 8.07 -3.46
N TYR A 72 14.77 8.39 -4.74
CA TYR A 72 15.15 9.70 -5.25
C TYR A 72 14.31 10.79 -4.60
N HIS A 73 13.07 10.46 -4.26
CA HIS A 73 12.16 11.41 -3.62
C HIS A 73 12.60 11.70 -2.19
N THR A 74 12.83 10.65 -1.42
CA THR A 74 13.25 10.80 -0.04
C THR A 74 14.62 11.46 0.06
N MET A 75 15.58 10.94 -0.71
CA MET A 75 16.94 11.48 -0.71
C MET A 75 16.92 12.96 -1.06
N ALA A 76 16.09 13.33 -2.03
CA ALA A 76 15.97 14.72 -2.46
C ALA A 76 15.20 15.55 -1.44
N GLU A 77 13.94 15.20 -1.24
CA GLU A 77 13.09 15.91 -0.29
C GLU A 77 13.61 15.77 1.13
N HIS A 78 13.51 14.55 1.67
CA HIS A 78 13.98 14.28 3.03
C HIS A 78 15.41 13.76 3.01
N SER A 79 16.36 14.67 2.80
CA SER A 79 17.77 14.31 2.77
C SER A 79 18.12 13.34 3.89
N ALA A 80 18.46 12.12 3.53
CA ALA A 80 18.82 11.09 4.50
C ALA A 80 19.70 11.68 5.61
N LYS A 81 19.23 11.55 6.85
CA LYS A 81 19.98 12.06 7.99
C LYS A 81 21.28 11.29 8.19
N PRO A 82 22.35 12.02 8.56
CA PRO A 82 23.67 11.42 8.79
C PRO A 82 23.70 10.55 10.04
N SER A 83 22.60 10.56 10.79
CA SER A 83 22.51 9.77 12.02
C SER A 83 22.53 8.28 11.71
N ASP A 84 23.01 7.49 12.67
CA ASP A 84 23.08 6.05 12.50
C ASP A 84 21.73 5.48 12.08
N ALA A 85 21.77 4.38 11.34
CA ALA A 85 20.54 3.73 10.88
C ALA A 85 19.81 3.05 12.02
N GLU A 86 20.57 2.32 12.85
CA GLU A 86 19.99 1.62 13.99
C GLU A 86 18.97 2.50 14.72
N ALA A 87 17.93 1.87 15.24
CA ALA A 87 16.89 2.59 15.96
C ALA A 87 17.49 3.46 17.07
N SER A 88 18.35 2.86 17.89
CA SER A 88 18.99 3.58 18.98
C SER A 88 17.96 4.01 20.03
N GLU A 89 17.05 3.09 20.36
CA GLU A 89 16.01 3.38 21.34
C GLU A 89 16.59 4.05 22.58
N GLY A 90 17.65 3.46 23.13
CA GLY A 90 18.28 4.02 24.30
C GLY A 90 18.90 2.95 25.19
N GLY A 91 19.69 2.07 24.58
CA GLY A 91 20.34 1.01 25.34
C GLY A 91 21.80 0.86 25.00
N GLU A 92 22.47 -0.12 25.60
CA GLU A 92 23.88 -0.36 25.36
C GLU A 92 24.20 -1.85 25.41
N SER A 93 25.42 -2.21 25.01
CA SER A 93 25.84 -3.60 25.01
C SER A 93 27.34 -3.70 25.28
N GLY A 94 27.71 -4.60 26.19
CA GLY A 94 29.11 -4.79 26.52
C GLY A 94 29.79 -5.78 25.60
N PRO A 95 31.07 -6.09 25.90
CA PRO A 95 31.86 -7.03 25.11
C PRO A 95 31.37 -8.46 25.26
N SER A 96 31.54 -9.26 24.21
CA SER A 96 31.11 -10.65 24.21
C SER A 96 32.31 -11.58 24.37
N SER A 97 32.06 -12.78 24.88
CA SER A 97 33.11 -13.77 25.08
C SER A 97 33.13 -14.79 23.95
N GLY A 98 34.11 -15.69 23.97
CA GLY A 98 34.21 -16.71 22.94
C GLY A 98 35.20 -17.79 23.31
N GLY A 1 -33.19 -20.46 -15.24
CA GLY A 1 -33.32 -19.35 -14.33
C GLY A 1 -32.33 -18.23 -14.61
N SER A 2 -32.71 -17.00 -14.29
CA SER A 2 -31.84 -15.85 -14.52
C SER A 2 -30.50 -16.03 -13.83
N SER A 3 -30.55 -16.34 -12.53
CA SER A 3 -29.33 -16.53 -11.75
C SER A 3 -29.10 -18.02 -11.47
N GLY A 4 -27.83 -18.42 -11.45
CA GLY A 4 -27.49 -19.80 -11.20
C GLY A 4 -26.10 -19.97 -10.62
N SER A 5 -26.02 -20.41 -9.37
CA SER A 5 -24.74 -20.61 -8.71
C SER A 5 -24.01 -19.27 -8.53
N SER A 6 -24.76 -18.25 -8.13
CA SER A 6 -24.19 -16.92 -7.92
C SER A 6 -24.38 -16.46 -6.49
N GLY A 7 -23.49 -16.89 -5.61
CA GLY A 7 -23.58 -16.52 -4.22
C GLY A 7 -22.23 -16.60 -3.51
N PRO A 8 -22.27 -16.71 -2.17
CA PRO A 8 -21.06 -16.79 -1.34
C PRO A 8 -20.32 -18.11 -1.54
N GLY A 9 -19.41 -18.14 -2.50
CA GLY A 9 -18.64 -19.35 -2.76
C GLY A 9 -17.18 -19.19 -2.42
N GLY A 10 -16.90 -18.71 -1.21
CA GLY A 10 -15.53 -18.53 -0.79
C GLY A 10 -15.15 -17.06 -0.67
N PRO A 11 -13.87 -16.80 -0.39
CA PRO A 11 -13.35 -15.44 -0.24
C PRO A 11 -13.32 -14.68 -1.57
N GLU A 12 -13.81 -15.33 -2.62
CA GLU A 12 -13.84 -14.72 -3.95
C GLU A 12 -15.27 -14.65 -4.49
N GLU A 13 -16.17 -14.07 -3.69
CA GLU A 13 -17.56 -13.95 -4.09
C GLU A 13 -17.80 -12.64 -4.84
N GLN A 14 -17.06 -11.60 -4.46
CA GLN A 14 -17.19 -10.29 -5.10
C GLN A 14 -16.06 -10.06 -6.09
N TRP A 15 -14.89 -10.64 -5.81
CA TRP A 15 -13.74 -10.49 -6.67
C TRP A 15 -13.93 -11.26 -7.98
N GLN A 16 -14.76 -12.29 -7.93
CA GLN A 16 -15.02 -13.11 -9.11
C GLN A 16 -16.22 -12.57 -9.88
N ARG A 17 -17.30 -12.27 -9.17
CA ARG A 17 -18.51 -11.75 -9.80
C ARG A 17 -18.16 -10.71 -10.85
N ALA A 18 -17.04 -10.03 -10.66
CA ALA A 18 -16.60 -9.01 -11.59
C ALA A 18 -15.79 -9.61 -12.74
N ILE A 19 -15.08 -10.69 -12.45
CA ILE A 19 -14.26 -11.36 -13.45
C ILE A 19 -15.12 -11.83 -14.63
N HIS A 20 -16.30 -12.34 -14.32
CA HIS A 20 -17.22 -12.82 -15.35
C HIS A 20 -18.10 -11.69 -15.88
N GLU A 21 -18.44 -10.76 -15.00
CA GLU A 21 -19.28 -9.63 -15.36
C GLU A 21 -18.52 -8.67 -16.28
N ARG A 22 -17.39 -8.16 -15.79
CA ARG A 22 -16.57 -7.23 -16.56
C ARG A 22 -15.48 -7.98 -17.33
N GLY A 23 -14.48 -8.46 -16.61
CA GLY A 23 -13.39 -9.18 -17.25
C GLY A 23 -12.49 -9.88 -16.24
N GLU A 24 -11.87 -9.09 -15.37
CA GLU A 24 -10.98 -9.65 -14.35
C GLU A 24 -10.95 -8.75 -13.11
N ALA A 25 -10.44 -9.30 -12.01
CA ALA A 25 -10.35 -8.56 -10.76
C ALA A 25 -8.92 -8.51 -10.24
N VAL A 26 -8.19 -7.47 -10.65
CA VAL A 26 -6.80 -7.31 -10.23
C VAL A 26 -6.72 -6.68 -8.84
N CYS A 27 -5.59 -6.90 -8.17
CA CYS A 27 -5.38 -6.36 -6.83
C CYS A 27 -5.94 -4.94 -6.73
N PRO A 28 -6.96 -4.76 -5.86
CA PRO A 28 -7.60 -3.46 -5.65
C PRO A 28 -6.69 -2.48 -4.93
N THR A 29 -5.44 -2.88 -4.74
CA THR A 29 -4.46 -2.03 -4.06
C THR A 29 -3.45 -1.46 -5.04
N CYS A 30 -2.87 -2.34 -5.85
CA CYS A 30 -1.88 -1.92 -6.84
C CYS A 30 -2.28 -2.38 -8.24
N ASN A 31 -3.20 -3.33 -8.30
CA ASN A 31 -3.66 -3.87 -9.57
C ASN A 31 -2.52 -4.54 -10.33
N VAL A 32 -1.72 -5.32 -9.61
CA VAL A 32 -0.59 -6.02 -10.22
C VAL A 32 -0.53 -7.47 -9.74
N VAL A 33 -1.20 -8.35 -10.47
CA VAL A 33 -1.23 -9.78 -10.13
C VAL A 33 -1.47 -10.63 -11.36
N THR A 34 -1.61 -11.94 -11.15
CA THR A 34 -1.84 -12.87 -12.24
C THR A 34 -3.15 -12.55 -12.97
N ARG A 35 -3.20 -12.87 -14.25
CA ARG A 35 -4.39 -12.62 -15.06
C ARG A 35 -5.65 -13.15 -14.37
N LYS A 36 -5.56 -14.37 -13.84
CA LYS A 36 -6.67 -14.99 -13.15
C LYS A 36 -7.03 -14.21 -11.88
N THR A 37 -6.02 -13.72 -11.18
CA THR A 37 -6.23 -12.96 -9.96
C THR A 37 -6.90 -13.82 -8.89
N LEU A 38 -6.56 -15.09 -8.85
CA LEU A 38 -7.13 -16.01 -7.88
C LEU A 38 -6.03 -16.78 -7.14
N VAL A 39 -5.15 -17.40 -7.89
CA VAL A 39 -4.04 -18.16 -7.31
C VAL A 39 -2.87 -17.26 -6.95
N GLY A 40 -2.75 -16.14 -7.68
CA GLY A 40 -1.68 -15.20 -7.43
C GLY A 40 -2.14 -14.00 -6.63
N LEU A 41 -3.40 -13.65 -6.77
CA LEU A 41 -3.97 -12.50 -6.06
C LEU A 41 -4.00 -12.76 -4.56
N LYS A 42 -4.40 -13.96 -4.17
CA LYS A 42 -4.48 -14.33 -2.76
C LYS A 42 -3.09 -14.42 -2.15
N LYS A 43 -2.17 -15.07 -2.87
CA LYS A 43 -0.80 -15.22 -2.40
C LYS A 43 -0.07 -13.87 -2.41
N HIS A 44 -0.39 -13.03 -3.39
CA HIS A 44 0.23 -11.72 -3.51
C HIS A 44 -0.26 -10.79 -2.41
N MET A 45 -1.58 -10.59 -2.35
CA MET A 45 -2.18 -9.72 -1.35
C MET A 45 -1.58 -9.96 0.02
N GLU A 46 -1.05 -11.17 0.22
CA GLU A 46 -0.44 -11.54 1.49
C GLU A 46 0.54 -10.46 1.96
N VAL A 47 1.51 -10.17 1.10
CA VAL A 47 2.52 -9.16 1.42
C VAL A 47 2.04 -7.76 1.03
N CYS A 48 1.27 -7.69 -0.05
CA CYS A 48 0.74 -6.41 -0.53
C CYS A 48 0.37 -5.50 0.63
N GLN A 49 -0.49 -6.00 1.51
CA GLN A 49 -0.92 -5.22 2.67
C GLN A 49 0.27 -4.59 3.38
N LYS A 50 1.37 -5.34 3.45
CA LYS A 50 2.58 -4.86 4.12
C LYS A 50 3.26 -3.79 3.28
N LEU A 51 3.46 -4.08 2.00
CA LEU A 51 4.09 -3.13 1.09
C LEU A 51 3.35 -1.80 1.07
N GLN A 52 2.03 -1.87 0.89
CA GLN A 52 1.22 -0.66 0.85
C GLN A 52 1.76 0.39 1.80
N ASP A 53 2.13 -0.03 3.00
CA ASP A 53 2.66 0.88 4.00
C ASP A 53 4.07 1.34 3.63
N ALA A 54 4.93 0.39 3.28
CA ALA A 54 6.31 0.71 2.90
C ALA A 54 6.33 1.62 1.68
N LEU A 55 5.75 1.16 0.58
CA LEU A 55 5.72 1.93 -0.65
C LEU A 55 5.15 3.33 -0.40
N LYS A 56 4.16 3.41 0.48
CA LYS A 56 3.54 4.69 0.81
C LYS A 56 4.60 5.72 1.22
N CYS A 57 4.47 6.93 0.69
CA CYS A 57 5.41 8.00 1.00
C CYS A 57 5.03 8.69 2.31
N GLN A 58 5.79 9.72 2.67
CA GLN A 58 5.53 10.47 3.90
C GLN A 58 5.40 11.96 3.60
N HIS A 59 6.40 12.51 2.94
CA HIS A 59 6.40 13.93 2.59
C HIS A 59 5.15 14.31 1.81
N CYS A 60 4.79 13.46 0.84
CA CYS A 60 3.61 13.71 0.03
C CYS A 60 2.41 12.89 0.53
N ARG A 61 2.71 11.82 1.27
CA ARG A 61 1.67 10.96 1.81
C ARG A 61 0.83 10.34 0.69
N LYS A 62 1.51 9.66 -0.24
CA LYS A 62 0.83 9.02 -1.37
C LYS A 62 1.37 7.61 -1.58
N GLN A 63 0.48 6.70 -1.95
CA GLN A 63 0.86 5.31 -2.18
C GLN A 63 1.25 5.10 -3.64
N PHE A 64 2.40 4.45 -3.86
CA PHE A 64 2.88 4.19 -5.21
C PHE A 64 2.84 2.69 -5.52
N LYS A 65 2.31 2.35 -6.68
CA LYS A 65 2.21 0.96 -7.10
C LYS A 65 3.50 0.50 -7.79
N SER A 66 4.63 0.94 -7.24
CA SER A 66 5.93 0.57 -7.79
C SER A 66 7.06 1.06 -6.90
N LYS A 67 7.80 0.11 -6.31
CA LYS A 67 8.90 0.44 -5.43
C LYS A 67 9.94 1.30 -6.15
N ALA A 68 10.32 0.87 -7.34
CA ALA A 68 11.31 1.61 -8.14
C ALA A 68 10.84 3.03 -8.39
N GLY A 69 9.56 3.19 -8.69
CA GLY A 69 9.01 4.51 -8.95
C GLY A 69 9.13 5.44 -7.76
N LEU A 70 8.98 4.88 -6.56
CA LEU A 70 9.06 5.67 -5.33
C LEU A 70 10.46 6.27 -5.17
N ASN A 71 11.47 5.47 -5.49
CA ASN A 71 12.86 5.93 -5.38
C ASN A 71 13.10 7.17 -6.24
N TYR A 72 12.68 7.09 -7.50
CA TYR A 72 12.85 8.21 -8.43
C TYR A 72 11.86 9.33 -8.11
N HIS A 73 10.74 8.97 -7.50
CA HIS A 73 9.71 9.95 -7.14
C HIS A 73 10.18 10.82 -5.98
N THR A 74 10.69 10.17 -4.93
CA THR A 74 11.16 10.88 -3.75
C THR A 74 12.44 11.66 -4.06
N MET A 75 13.37 11.02 -4.76
CA MET A 75 14.62 11.66 -5.13
C MET A 75 14.39 12.84 -6.08
N ALA A 76 13.27 12.80 -6.79
CA ALA A 76 12.92 13.87 -7.73
C ALA A 76 12.06 14.92 -7.05
N GLU A 77 10.88 14.52 -6.60
CA GLU A 77 9.96 15.45 -5.94
C GLU A 77 10.55 15.96 -4.63
N HIS A 78 10.85 15.04 -3.73
CA HIS A 78 11.42 15.41 -2.43
C HIS A 78 12.94 15.34 -2.48
N SER A 79 13.56 16.41 -2.97
CA SER A 79 15.01 16.47 -3.06
C SER A 79 15.47 17.86 -3.48
N ALA A 80 16.59 18.31 -2.92
CA ALA A 80 17.13 19.62 -3.23
C ALA A 80 16.87 19.98 -4.69
N LYS A 81 16.23 21.14 -4.91
CA LYS A 81 15.92 21.59 -6.25
C LYS A 81 16.79 22.79 -6.63
N PRO A 82 17.03 22.95 -7.94
CA PRO A 82 17.84 24.06 -8.46
C PRO A 82 17.15 25.40 -8.32
N SER A 83 17.73 26.43 -8.95
CA SER A 83 17.16 27.77 -8.90
C SER A 83 15.64 27.72 -8.93
N ASP A 84 15.00 28.74 -8.37
CA ASP A 84 13.54 28.82 -8.34
C ASP A 84 12.96 27.67 -7.53
N ALA A 85 13.53 27.43 -6.36
CA ALA A 85 13.06 26.36 -5.49
C ALA A 85 13.79 26.38 -4.15
N GLU A 86 13.50 25.39 -3.31
CA GLU A 86 14.12 25.31 -1.99
C GLU A 86 13.81 26.55 -1.16
N ALA A 87 12.54 26.95 -1.15
CA ALA A 87 12.11 28.12 -0.39
C ALA A 87 12.80 28.17 0.98
N SER A 88 12.76 29.34 1.60
CA SER A 88 13.39 29.53 2.90
C SER A 88 13.27 28.26 3.75
N GLU A 89 14.41 27.60 3.97
CA GLU A 89 14.43 26.37 4.75
C GLU A 89 15.15 26.60 6.09
N GLY A 90 14.88 25.72 7.05
CA GLY A 90 15.51 25.84 8.35
C GLY A 90 16.89 26.47 8.28
N GLY A 91 17.73 25.91 7.42
CA GLY A 91 19.08 26.44 7.28
C GLY A 91 20.04 25.43 6.65
N GLU A 92 19.89 25.21 5.35
CA GLU A 92 20.73 24.26 4.64
C GLU A 92 20.43 24.29 3.14
N SER A 93 21.36 23.77 2.35
CA SER A 93 21.20 23.74 0.89
C SER A 93 21.14 25.15 0.32
N GLY A 94 22.01 26.02 0.82
CA GLY A 94 22.05 27.40 0.34
C GLY A 94 21.80 27.50 -1.15
N PRO A 95 20.79 28.30 -1.53
CA PRO A 95 20.42 28.50 -2.93
C PRO A 95 21.47 29.29 -3.70
N SER A 96 21.16 29.63 -4.94
CA SER A 96 22.08 30.39 -5.78
C SER A 96 21.32 31.38 -6.67
N SER A 97 22.07 32.19 -7.41
CA SER A 97 21.47 33.18 -8.30
C SER A 97 21.30 32.60 -9.71
N GLY A 98 20.19 32.95 -10.36
CA GLY A 98 19.94 32.47 -11.70
C GLY A 98 18.72 33.13 -12.33
N GLY A 1 -41.63 -28.62 11.55
CA GLY A 1 -40.33 -28.09 11.93
C GLY A 1 -39.95 -26.85 11.16
N SER A 2 -38.75 -26.84 10.60
CA SER A 2 -38.27 -25.69 9.84
C SER A 2 -36.96 -26.03 9.12
N SER A 3 -36.99 -25.96 7.79
CA SER A 3 -35.81 -26.25 6.98
C SER A 3 -35.03 -24.99 6.66
N GLY A 4 -33.71 -25.06 6.78
CA GLY A 4 -32.87 -23.91 6.50
C GLY A 4 -32.16 -24.02 5.17
N SER A 5 -31.13 -23.20 4.98
CA SER A 5 -30.37 -23.21 3.74
C SER A 5 -28.86 -23.19 4.03
N SER A 6 -28.10 -23.87 3.17
CA SER A 6 -26.65 -23.95 3.34
C SER A 6 -25.97 -24.13 1.98
N GLY A 7 -24.66 -23.85 1.95
CA GLY A 7 -23.91 -23.99 0.72
C GLY A 7 -23.43 -22.66 0.18
N PRO A 8 -22.42 -22.08 0.84
CA PRO A 8 -21.86 -20.78 0.44
C PRO A 8 -21.07 -20.87 -0.86
N GLY A 9 -20.83 -19.72 -1.48
CA GLY A 9 -20.09 -19.69 -2.73
C GLY A 9 -18.60 -19.92 -2.54
N GLY A 10 -18.01 -19.18 -1.61
CA GLY A 10 -16.58 -19.33 -1.35
C GLY A 10 -15.87 -17.99 -1.26
N PRO A 11 -14.56 -18.04 -1.03
CA PRO A 11 -13.74 -16.82 -0.92
C PRO A 11 -13.57 -16.11 -2.26
N GLU A 12 -14.23 -16.63 -3.28
CA GLU A 12 -14.16 -16.04 -4.62
C GLU A 12 -15.54 -15.61 -5.09
N GLU A 13 -16.25 -14.87 -4.25
CA GLU A 13 -17.58 -14.40 -4.58
C GLU A 13 -17.53 -12.98 -5.17
N GLN A 14 -16.99 -12.05 -4.39
CA GLN A 14 -16.89 -10.66 -4.83
C GLN A 14 -15.76 -10.51 -5.85
N TRP A 15 -14.79 -11.42 -5.81
CA TRP A 15 -13.67 -11.39 -6.73
C TRP A 15 -14.02 -12.06 -8.05
N GLN A 16 -14.92 -13.04 -7.98
CA GLN A 16 -15.34 -13.77 -9.18
C GLN A 16 -16.46 -13.03 -9.90
N ARG A 17 -17.44 -12.55 -9.13
CA ARG A 17 -18.57 -11.83 -9.69
C ARG A 17 -18.10 -10.80 -10.72
N ALA A 18 -16.92 -10.24 -10.49
CA ALA A 18 -16.35 -9.24 -11.38
C ALA A 18 -15.58 -9.90 -12.52
N ILE A 19 -15.10 -11.12 -12.28
CA ILE A 19 -14.34 -11.85 -13.28
C ILE A 19 -15.22 -12.24 -14.46
N HIS A 20 -16.46 -12.61 -14.17
CA HIS A 20 -17.41 -12.99 -15.22
C HIS A 20 -18.22 -11.79 -15.69
N GLU A 21 -18.27 -10.75 -14.87
CA GLU A 21 -19.00 -9.54 -15.21
C GLU A 21 -18.19 -8.66 -16.16
N ARG A 22 -16.96 -8.33 -15.75
CA ARG A 22 -16.09 -7.50 -16.56
C ARG A 22 -15.03 -8.35 -17.27
N GLY A 23 -14.06 -8.84 -16.49
CA GLY A 23 -13.00 -9.65 -17.07
C GLY A 23 -12.17 -10.33 -16.00
N GLU A 24 -11.42 -9.54 -15.24
CA GLU A 24 -10.56 -10.07 -14.19
C GLU A 24 -10.57 -9.15 -12.97
N ALA A 25 -10.33 -9.74 -11.80
CA ALA A 25 -10.31 -8.98 -10.56
C ALA A 25 -8.88 -8.71 -10.10
N VAL A 26 -8.28 -7.64 -10.64
CA VAL A 26 -6.91 -7.27 -10.29
C VAL A 26 -6.82 -6.81 -8.85
N CYS A 27 -5.65 -6.99 -8.23
CA CYS A 27 -5.43 -6.59 -6.85
C CYS A 27 -6.12 -5.25 -6.56
N PRO A 28 -6.97 -5.24 -5.52
CA PRO A 28 -7.70 -4.04 -5.12
C PRO A 28 -6.79 -2.99 -4.50
N THR A 29 -5.49 -3.26 -4.49
CA THR A 29 -4.51 -2.34 -3.94
C THR A 29 -3.71 -1.65 -5.03
N CYS A 30 -2.87 -2.42 -5.71
CA CYS A 30 -2.05 -1.89 -6.80
C CYS A 30 -2.59 -2.30 -8.15
N ASN A 31 -3.44 -3.32 -8.16
CA ASN A 31 -4.04 -3.82 -9.39
C ASN A 31 -2.99 -4.49 -10.27
N VAL A 32 -2.18 -5.35 -9.66
CA VAL A 32 -1.14 -6.05 -10.39
C VAL A 32 -0.94 -7.47 -9.84
N VAL A 33 -1.41 -8.46 -10.58
CA VAL A 33 -1.29 -9.85 -10.17
C VAL A 33 -1.43 -10.80 -11.35
N THR A 34 -1.42 -12.10 -11.07
CA THR A 34 -1.55 -13.10 -12.12
C THR A 34 -2.60 -12.70 -13.14
N ARG A 35 -2.52 -13.27 -14.34
CA ARG A 35 -3.46 -12.97 -15.41
C ARG A 35 -4.89 -13.31 -14.98
N LYS A 36 -5.03 -14.40 -14.23
CA LYS A 36 -6.34 -14.84 -13.76
C LYS A 36 -6.73 -14.08 -12.50
N THR A 37 -5.74 -13.64 -11.74
CA THR A 37 -5.99 -12.91 -10.51
C THR A 37 -6.95 -13.68 -9.59
N LEU A 38 -6.72 -14.97 -9.45
CA LEU A 38 -7.56 -15.82 -8.62
C LEU A 38 -6.74 -16.50 -7.54
N VAL A 39 -5.67 -17.17 -7.94
CA VAL A 39 -4.79 -17.87 -7.00
C VAL A 39 -3.73 -16.94 -6.45
N GLY A 40 -3.02 -16.25 -7.34
CA GLY A 40 -1.98 -15.33 -6.93
C GLY A 40 -2.53 -14.12 -6.20
N LEU A 41 -3.69 -13.65 -6.65
CA LEU A 41 -4.32 -12.48 -6.05
C LEU A 41 -4.35 -12.61 -4.52
N LYS A 42 -4.41 -13.84 -4.04
CA LYS A 42 -4.45 -14.10 -2.61
C LYS A 42 -3.03 -14.16 -2.03
N LYS A 43 -2.17 -14.94 -2.68
CA LYS A 43 -0.79 -15.08 -2.23
C LYS A 43 -0.01 -13.78 -2.44
N HIS A 44 -0.60 -12.87 -3.22
CA HIS A 44 0.04 -11.58 -3.49
C HIS A 44 -0.43 -10.52 -2.50
N MET A 45 -1.71 -10.55 -2.16
CA MET A 45 -2.28 -9.59 -1.22
C MET A 45 -1.73 -9.83 0.18
N GLU A 46 -1.49 -11.09 0.52
CA GLU A 46 -0.97 -11.45 1.84
C GLU A 46 0.18 -10.52 2.23
N VAL A 47 1.06 -10.25 1.27
CA VAL A 47 2.21 -9.39 1.50
C VAL A 47 1.97 -7.98 0.95
N CYS A 48 1.14 -7.89 -0.08
CA CYS A 48 0.83 -6.62 -0.70
C CYS A 48 0.66 -5.52 0.35
N GLN A 49 -0.17 -5.80 1.35
CA GLN A 49 -0.42 -4.83 2.43
C GLN A 49 0.89 -4.42 3.10
N LYS A 50 1.77 -5.39 3.31
CA LYS A 50 3.05 -5.13 3.95
C LYS A 50 3.89 -4.18 3.10
N LEU A 51 3.81 -4.33 1.80
CA LEU A 51 4.57 -3.49 0.87
C LEU A 51 4.01 -2.07 0.87
N GLN A 52 2.80 -1.91 0.34
CA GLN A 52 2.15 -0.60 0.28
C GLN A 52 2.51 0.23 1.50
N ASP A 53 2.63 -0.41 2.65
CA ASP A 53 2.97 0.27 3.88
C ASP A 53 4.22 1.11 3.72
N ALA A 54 5.27 0.50 3.18
CA ALA A 54 6.54 1.20 2.96
C ALA A 54 6.33 2.48 2.16
N LEU A 55 5.58 2.36 1.06
CA LEU A 55 5.29 3.51 0.21
C LEU A 55 4.48 4.56 0.95
N LYS A 56 3.54 4.09 1.77
CA LYS A 56 2.69 4.99 2.54
C LYS A 56 3.52 5.90 3.44
N CYS A 57 3.43 7.21 3.19
CA CYS A 57 4.17 8.18 3.98
C CYS A 57 3.75 8.13 5.45
N GLN A 58 4.43 8.92 6.28
CA GLN A 58 4.14 8.97 7.71
C GLN A 58 3.67 10.35 8.12
N HIS A 59 4.48 11.37 7.80
CA HIS A 59 4.15 12.75 8.14
C HIS A 59 2.79 13.13 7.57
N CYS A 60 2.54 12.74 6.32
CA CYS A 60 1.28 13.05 5.66
C CYS A 60 0.38 11.82 5.60
N ARG A 61 0.95 10.66 5.91
CA ARG A 61 0.19 9.42 5.89
C ARG A 61 -0.61 9.27 4.61
N LYS A 62 0.08 9.39 3.48
CA LYS A 62 -0.56 9.27 2.17
C LYS A 62 0.05 8.14 1.36
N GLN A 63 -0.80 7.29 0.79
CA GLN A 63 -0.34 6.17 -0.01
C GLN A 63 0.28 6.65 -1.32
N PHE A 64 1.30 5.93 -1.78
CA PHE A 64 1.99 6.28 -3.02
C PHE A 64 2.14 5.06 -3.93
N LYS A 65 1.60 5.16 -5.14
CA LYS A 65 1.68 4.08 -6.10
C LYS A 65 2.96 4.17 -6.94
N SER A 66 4.05 4.55 -6.30
CA SER A 66 5.34 4.67 -6.98
C SER A 66 6.45 4.99 -5.98
N LYS A 67 7.48 4.13 -5.97
CA LYS A 67 8.61 4.32 -5.07
C LYS A 67 9.34 5.63 -5.36
N ALA A 68 9.58 5.88 -6.64
CA ALA A 68 10.27 7.10 -7.06
C ALA A 68 9.45 8.34 -6.70
N GLY A 69 8.13 8.25 -6.87
CA GLY A 69 7.26 9.37 -6.56
C GLY A 69 7.33 9.76 -5.10
N LEU A 70 7.42 8.77 -4.22
CA LEU A 70 7.47 9.01 -2.79
C LEU A 70 8.73 9.81 -2.43
N ASN A 71 9.89 9.29 -2.83
CA ASN A 71 11.16 9.95 -2.55
C ASN A 71 11.05 11.46 -2.76
N TYR A 72 10.62 11.84 -3.96
CA TYR A 72 10.47 13.27 -4.29
C TYR A 72 9.55 13.97 -3.29
N HIS A 73 8.27 13.65 -3.37
CA HIS A 73 7.28 14.25 -2.47
C HIS A 73 7.89 14.51 -1.09
N THR A 74 8.44 13.46 -0.48
CA THR A 74 9.05 13.57 0.83
C THR A 74 9.97 14.78 0.91
N MET A 75 10.97 14.81 0.01
CA MET A 75 11.93 15.91 -0.02
C MET A 75 11.22 17.23 -0.33
N ALA A 76 10.07 17.14 -0.98
CA ALA A 76 9.30 18.33 -1.32
C ALA A 76 8.61 18.93 -0.10
N GLU A 77 7.72 18.14 0.50
CA GLU A 77 7.00 18.59 1.69
C GLU A 77 7.80 18.34 2.96
N HIS A 78 7.98 17.06 3.30
CA HIS A 78 8.73 16.69 4.49
C HIS A 78 10.23 16.70 4.21
N SER A 79 10.82 17.89 4.22
CA SER A 79 12.25 18.04 3.97
C SER A 79 12.99 18.43 5.24
N ALA A 80 13.17 17.46 6.14
CA ALA A 80 13.86 17.69 7.39
C ALA A 80 13.56 19.09 7.94
N LYS A 81 12.31 19.53 7.75
CA LYS A 81 11.89 20.84 8.23
C LYS A 81 11.45 20.77 9.68
N PRO A 82 11.89 21.76 10.48
CA PRO A 82 11.55 21.84 11.90
C PRO A 82 10.08 22.17 12.13
N SER A 83 9.70 22.30 13.40
CA SER A 83 8.32 22.62 13.75
C SER A 83 8.25 23.37 15.08
N ASP A 84 7.06 23.84 15.44
CA ASP A 84 6.87 24.56 16.69
C ASP A 84 7.83 25.76 16.77
N ALA A 85 7.97 26.47 15.66
CA ALA A 85 8.86 27.63 15.60
C ALA A 85 8.16 28.87 16.14
N GLU A 86 8.92 29.75 16.77
CA GLU A 86 8.37 30.99 17.32
C GLU A 86 8.85 32.20 16.53
N ALA A 87 8.04 33.25 16.52
CA ALA A 87 8.39 34.47 15.81
C ALA A 87 8.97 35.51 16.76
N SER A 88 8.18 35.93 17.74
CA SER A 88 8.61 36.93 18.71
C SER A 88 8.36 36.44 20.14
N GLU A 89 9.33 36.67 21.01
CA GLU A 89 9.22 36.26 22.40
C GLU A 89 8.37 37.23 23.19
N GLY A 90 7.65 36.73 24.18
CA GLY A 90 6.80 37.57 25.00
C GLY A 90 7.33 37.75 26.41
N GLY A 91 6.59 37.26 27.39
CA GLY A 91 7.00 37.39 28.77
C GLY A 91 6.32 38.53 29.49
N GLU A 92 5.93 38.30 30.74
CA GLU A 92 5.26 39.31 31.54
C GLU A 92 6.26 40.16 32.32
N SER A 93 5.87 41.37 32.67
CA SER A 93 6.75 42.27 33.41
C SER A 93 6.32 42.35 34.87
N GLY A 94 5.05 42.69 35.10
CA GLY A 94 4.54 42.79 36.46
C GLY A 94 4.32 44.23 36.88
N PRO A 95 3.07 44.58 37.19
CA PRO A 95 2.71 45.93 37.62
C PRO A 95 3.25 46.26 39.02
N SER A 96 3.08 47.52 39.42
CA SER A 96 3.55 47.96 40.73
C SER A 96 2.82 47.23 41.85
N SER A 97 3.51 47.03 42.97
CA SER A 97 2.92 46.34 44.11
C SER A 97 3.19 47.10 45.41
N GLY A 98 2.27 46.98 46.35
CA GLY A 98 2.42 47.67 47.63
C GLY A 98 2.38 46.72 48.81
N GLY A 1 -35.77 -29.31 19.69
CA GLY A 1 -35.58 -28.53 18.48
C GLY A 1 -34.25 -27.81 18.46
N SER A 2 -33.34 -28.28 17.61
CA SER A 2 -32.02 -27.68 17.50
C SER A 2 -32.11 -26.28 16.88
N SER A 3 -31.01 -25.54 16.95
CA SER A 3 -30.96 -24.19 16.40
C SER A 3 -29.52 -23.69 16.30
N GLY A 4 -29.20 -23.08 15.17
CA GLY A 4 -27.85 -22.57 14.96
C GLY A 4 -27.43 -22.59 13.50
N SER A 5 -27.82 -21.56 12.76
CA SER A 5 -27.47 -21.47 11.35
C SER A 5 -26.39 -20.44 11.11
N SER A 6 -25.26 -20.89 10.58
CA SER A 6 -24.13 -20.01 10.30
C SER A 6 -23.48 -20.36 8.97
N GLY A 7 -22.56 -19.51 8.52
CA GLY A 7 -21.88 -19.74 7.27
C GLY A 7 -21.05 -18.55 6.83
N PRO A 8 -19.77 -18.80 6.50
CA PRO A 8 -18.84 -17.76 6.06
C PRO A 8 -19.19 -17.22 4.68
N GLY A 9 -18.42 -16.24 4.22
CA GLY A 9 -18.66 -15.65 2.91
C GLY A 9 -18.21 -16.56 1.78
N GLY A 10 -16.97 -17.02 1.84
CA GLY A 10 -16.44 -17.89 0.81
C GLY A 10 -15.04 -17.52 0.39
N PRO A 11 -14.36 -18.43 -0.32
CA PRO A 11 -12.99 -18.21 -0.80
C PRO A 11 -12.91 -17.16 -1.89
N GLU A 12 -13.78 -17.27 -2.89
CA GLU A 12 -13.81 -16.33 -4.00
C GLU A 12 -15.24 -15.91 -4.32
N GLU A 13 -15.78 -15.00 -3.52
CA GLU A 13 -17.14 -14.52 -3.72
C GLU A 13 -17.15 -13.27 -4.60
N GLN A 14 -16.54 -12.19 -4.10
CA GLN A 14 -16.49 -10.95 -4.84
C GLN A 14 -15.38 -10.98 -5.89
N TRP A 15 -14.36 -11.78 -5.63
CA TRP A 15 -13.23 -11.90 -6.55
C TRP A 15 -13.59 -12.81 -7.73
N GLN A 16 -14.70 -13.52 -7.60
CA GLN A 16 -15.16 -14.43 -8.65
C GLN A 16 -16.35 -13.84 -9.40
N ARG A 17 -17.36 -13.43 -8.64
CA ARG A 17 -18.57 -12.85 -9.23
C ARG A 17 -18.21 -11.83 -10.31
N ALA A 18 -17.01 -11.27 -10.21
CA ALA A 18 -16.55 -10.28 -11.17
C ALA A 18 -15.80 -10.95 -12.32
N ILE A 19 -15.12 -12.05 -12.02
CA ILE A 19 -14.36 -12.77 -13.04
C ILE A 19 -15.28 -13.26 -14.16
N HIS A 20 -16.46 -13.74 -13.79
CA HIS A 20 -17.42 -14.23 -14.76
C HIS A 20 -18.25 -13.08 -15.33
N GLU A 21 -18.54 -12.09 -14.49
CA GLU A 21 -19.32 -10.94 -14.91
C GLU A 21 -18.54 -10.07 -15.88
N ARG A 22 -17.38 -9.59 -15.44
CA ARG A 22 -16.54 -8.75 -16.28
C ARG A 22 -15.44 -9.56 -16.95
N GLY A 23 -14.47 -10.01 -16.16
CA GLY A 23 -13.37 -10.79 -16.69
C GLY A 23 -12.47 -11.34 -15.62
N GLU A 24 -11.74 -10.45 -14.95
CA GLU A 24 -10.83 -10.85 -13.88
C GLU A 24 -10.95 -9.92 -12.68
N ALA A 25 -10.32 -10.31 -11.58
CA ALA A 25 -10.36 -9.50 -10.36
C ALA A 25 -8.94 -9.09 -9.94
N VAL A 26 -8.49 -7.96 -10.46
CA VAL A 26 -7.16 -7.45 -10.14
C VAL A 26 -7.06 -7.05 -8.67
N CYS A 27 -5.87 -6.63 -8.26
CA CYS A 27 -5.65 -6.23 -6.87
C CYS A 27 -6.33 -4.89 -6.59
N PRO A 28 -7.16 -4.87 -5.54
CA PRO A 28 -7.88 -3.66 -5.14
C PRO A 28 -6.96 -2.60 -4.54
N THR A 29 -5.66 -2.86 -4.59
CA THR A 29 -4.67 -1.94 -4.06
C THR A 29 -3.85 -1.30 -5.19
N CYS A 30 -3.23 -2.14 -6.01
CA CYS A 30 -2.42 -1.66 -7.12
C CYS A 30 -2.89 -2.28 -8.44
N ASN A 31 -3.97 -3.05 -8.37
CA ASN A 31 -4.51 -3.71 -9.56
C ASN A 31 -3.40 -4.35 -10.39
N VAL A 32 -2.47 -5.02 -9.70
CA VAL A 32 -1.36 -5.69 -10.36
C VAL A 32 -1.11 -7.07 -9.76
N VAL A 33 -1.54 -8.10 -10.48
CA VAL A 33 -1.36 -9.47 -10.02
C VAL A 33 -1.42 -10.45 -11.19
N THR A 34 -1.35 -11.74 -10.87
CA THR A 34 -1.39 -12.78 -11.90
C THR A 34 -2.47 -12.48 -12.93
N ARG A 35 -2.40 -13.18 -14.07
CA ARG A 35 -3.37 -12.98 -15.14
C ARG A 35 -4.76 -13.41 -14.69
N LYS A 36 -4.84 -14.56 -14.03
CA LYS A 36 -6.12 -15.07 -13.55
C LYS A 36 -6.55 -14.37 -12.27
N THR A 37 -5.58 -13.78 -11.58
CA THR A 37 -5.86 -13.07 -10.33
C THR A 37 -6.72 -13.90 -9.40
N LEU A 38 -6.33 -15.15 -9.19
CA LEU A 38 -7.07 -16.06 -8.32
C LEU A 38 -6.13 -16.74 -7.33
N VAL A 39 -5.08 -17.38 -7.85
CA VAL A 39 -4.12 -18.08 -7.01
C VAL A 39 -3.02 -17.12 -6.54
N GLY A 40 -2.58 -16.24 -7.43
CA GLY A 40 -1.54 -15.29 -7.09
C GLY A 40 -2.09 -14.08 -6.37
N LEU A 41 -3.32 -13.71 -6.69
CA LEU A 41 -3.95 -12.54 -6.07
C LEU A 41 -4.08 -12.73 -4.57
N LYS A 42 -4.22 -13.98 -4.13
CA LYS A 42 -4.35 -14.30 -2.73
C LYS A 42 -2.99 -14.24 -2.03
N LYS A 43 -1.96 -14.72 -2.71
CA LYS A 43 -0.60 -14.70 -2.16
C LYS A 43 0.05 -13.34 -2.34
N HIS A 44 -0.48 -12.55 -3.28
CA HIS A 44 0.05 -11.22 -3.55
C HIS A 44 -0.59 -10.18 -2.63
N MET A 45 -1.88 -10.38 -2.34
CA MET A 45 -2.61 -9.47 -1.47
C MET A 45 -2.17 -9.61 -0.02
N GLU A 46 -1.96 -10.85 0.40
CA GLU A 46 -1.53 -11.13 1.76
C GLU A 46 -0.28 -10.32 2.13
N VAL A 47 0.53 -10.01 1.12
CA VAL A 47 1.75 -9.25 1.33
C VAL A 47 1.58 -7.82 0.83
N CYS A 48 0.79 -7.63 -0.22
CA CYS A 48 0.55 -6.31 -0.78
C CYS A 48 0.37 -5.28 0.32
N GLN A 49 -0.64 -5.47 1.16
CA GLN A 49 -0.93 -4.56 2.25
C GLN A 49 0.34 -4.28 3.06
N LYS A 50 1.14 -5.32 3.27
CA LYS A 50 2.38 -5.18 4.03
C LYS A 50 3.42 -4.40 3.24
N LEU A 51 3.40 -4.57 1.93
CA LEU A 51 4.35 -3.87 1.05
C LEU A 51 3.99 -2.39 0.93
N GLN A 52 2.82 -2.12 0.39
CA GLN A 52 2.36 -0.74 0.23
C GLN A 52 2.80 0.13 1.40
N ASP A 53 2.92 -0.49 2.57
CA ASP A 53 3.33 0.23 3.77
C ASP A 53 4.76 0.73 3.64
N ALA A 54 5.68 -0.16 3.26
CA ALA A 54 7.08 0.20 3.09
C ALA A 54 7.22 1.40 2.16
N LEU A 55 6.35 1.49 1.17
CA LEU A 55 6.38 2.60 0.21
C LEU A 55 5.20 3.53 0.42
N LYS A 56 4.86 3.78 1.69
CA LYS A 56 3.75 4.67 2.02
C LYS A 56 4.25 5.88 2.80
N CYS A 57 3.87 7.06 2.34
CA CYS A 57 4.27 8.30 2.99
C CYS A 57 3.54 8.48 4.32
N GLN A 58 3.82 9.59 4.99
CA GLN A 58 3.19 9.88 6.28
C GLN A 58 2.55 11.27 6.26
N HIS A 59 3.34 12.27 5.89
CA HIS A 59 2.85 13.65 5.84
C HIS A 59 1.62 13.76 4.94
N CYS A 60 1.67 13.08 3.80
CA CYS A 60 0.56 13.10 2.86
C CYS A 60 -0.23 11.80 2.93
N ARG A 61 0.40 10.75 3.42
CA ARG A 61 -0.24 9.45 3.53
C ARG A 61 -0.74 8.97 2.18
N LYS A 62 0.15 8.95 1.20
CA LYS A 62 -0.20 8.51 -0.15
C LYS A 62 0.64 7.31 -0.56
N GLN A 63 0.06 6.46 -1.41
CA GLN A 63 0.75 5.27 -1.88
C GLN A 63 1.66 5.60 -3.07
N PHE A 64 2.83 4.97 -3.10
CA PHE A 64 3.78 5.20 -4.18
C PHE A 64 4.30 3.88 -4.75
N LYS A 65 3.98 3.62 -6.01
CA LYS A 65 4.41 2.40 -6.67
C LYS A 65 5.78 2.57 -7.32
N SER A 66 6.64 3.37 -6.68
CA SER A 66 7.98 3.62 -7.20
C SER A 66 8.90 4.12 -6.10
N LYS A 67 10.13 3.60 -6.09
CA LYS A 67 11.12 4.00 -5.09
C LYS A 67 11.63 5.41 -5.36
N ALA A 68 12.16 5.62 -6.56
CA ALA A 68 12.69 6.93 -6.94
C ALA A 68 11.61 8.01 -6.85
N GLY A 69 10.37 7.61 -7.12
CA GLY A 69 9.27 8.56 -7.06
C GLY A 69 8.97 9.02 -5.65
N LEU A 70 8.97 8.08 -4.71
CA LEU A 70 8.70 8.40 -3.31
C LEU A 70 9.79 9.29 -2.74
N ASN A 71 11.05 8.96 -3.05
CA ASN A 71 12.19 9.74 -2.56
C ASN A 71 12.10 11.19 -3.03
N TYR A 72 11.92 11.38 -4.33
CA TYR A 72 11.82 12.72 -4.90
C TYR A 72 10.62 13.46 -4.32
N HIS A 73 9.48 12.78 -4.26
CA HIS A 73 8.26 13.39 -3.74
C HIS A 73 8.45 13.81 -2.27
N THR A 74 8.82 12.84 -1.44
CA THR A 74 9.03 13.10 -0.02
C THR A 74 9.67 14.47 0.20
N MET A 75 10.80 14.69 -0.45
CA MET A 75 11.52 15.97 -0.32
C MET A 75 10.78 17.07 -1.07
N ALA A 76 10.44 16.80 -2.32
CA ALA A 76 9.73 17.77 -3.15
C ALA A 76 8.58 18.42 -2.37
N GLU A 77 7.62 17.60 -1.96
CA GLU A 77 6.47 18.09 -1.21
C GLU A 77 6.84 18.33 0.25
N HIS A 78 7.36 17.30 0.90
CA HIS A 78 7.75 17.39 2.31
C HIS A 78 9.26 17.57 2.43
N SER A 79 9.73 18.80 2.21
CA SER A 79 11.15 19.10 2.29
C SER A 79 11.76 18.50 3.55
N ALA A 80 12.93 17.91 3.42
CA ALA A 80 13.63 17.30 4.54
C ALA A 80 14.35 18.35 5.37
N LYS A 81 13.64 19.42 5.71
CA LYS A 81 14.22 20.50 6.51
C LYS A 81 14.81 19.96 7.81
N PRO A 82 16.03 20.42 8.14
CA PRO A 82 16.73 19.99 9.35
C PRO A 82 16.07 20.54 10.62
N SER A 83 15.34 21.65 10.48
CA SER A 83 14.67 22.26 11.61
C SER A 83 13.94 21.22 12.45
N ASP A 84 13.44 21.64 13.61
CA ASP A 84 12.72 20.74 14.50
C ASP A 84 11.64 21.49 15.27
N ALA A 85 10.57 20.78 15.62
CA ALA A 85 9.47 21.38 16.36
C ALA A 85 9.86 21.64 17.82
N GLU A 86 10.19 22.89 18.12
CA GLU A 86 10.58 23.27 19.47
C GLU A 86 9.44 23.95 20.20
N ALA A 87 9.36 23.75 21.51
CA ALA A 87 8.32 24.35 22.32
C ALA A 87 8.90 25.01 23.58
N SER A 88 8.29 26.11 24.01
CA SER A 88 8.74 26.83 25.18
C SER A 88 8.00 26.37 26.43
N GLU A 89 8.73 25.73 27.33
CA GLU A 89 8.15 25.23 28.57
C GLU A 89 8.03 26.34 29.61
N GLY A 90 9.16 26.99 29.90
CA GLY A 90 9.16 28.07 30.87
C GLY A 90 10.49 28.19 31.60
N GLY A 91 10.44 28.13 32.92
CA GLY A 91 11.65 28.23 33.71
C GLY A 91 12.26 26.88 34.03
N GLU A 92 13.36 26.88 34.76
CA GLU A 92 14.04 25.65 35.13
C GLU A 92 14.17 25.52 36.65
N SER A 93 13.15 24.94 37.27
CA SER A 93 13.14 24.77 38.72
C SER A 93 14.28 23.85 39.16
N GLY A 94 14.70 24.00 40.41
CA GLY A 94 15.78 23.19 40.94
C GLY A 94 15.44 21.70 40.94
N PRO A 95 16.42 20.86 40.59
CA PRO A 95 16.24 19.41 40.54
C PRO A 95 16.08 18.80 41.93
N SER A 96 15.11 17.89 42.06
CA SER A 96 14.85 17.24 43.34
C SER A 96 14.77 15.73 43.17
N SER A 97 15.36 15.00 44.12
CA SER A 97 15.37 13.55 44.06
C SER A 97 15.94 12.96 45.36
N GLY A 98 15.73 11.67 45.56
CA GLY A 98 16.22 11.01 46.76
C GLY A 98 15.49 9.71 47.05
N GLY A 1 -39.87 -17.24 -8.40
CA GLY A 1 -38.47 -17.62 -8.59
C GLY A 1 -37.53 -16.80 -7.74
N SER A 2 -36.66 -17.48 -6.99
CA SER A 2 -35.70 -16.81 -6.12
C SER A 2 -34.33 -17.47 -6.21
N SER A 3 -33.39 -16.80 -6.85
CA SER A 3 -32.04 -17.33 -7.00
C SER A 3 -31.16 -16.92 -5.82
N GLY A 4 -31.19 -17.73 -4.76
CA GLY A 4 -30.39 -17.43 -3.58
C GLY A 4 -30.19 -18.65 -2.70
N SER A 5 -29.79 -19.76 -3.30
CA SER A 5 -29.57 -21.00 -2.56
C SER A 5 -28.37 -20.86 -1.63
N SER A 6 -27.28 -20.31 -2.14
CA SER A 6 -26.07 -20.13 -1.35
C SER A 6 -26.36 -19.28 -0.10
N GLY A 7 -25.52 -19.43 0.91
CA GLY A 7 -25.70 -18.68 2.14
C GLY A 7 -24.78 -17.47 2.21
N PRO A 8 -23.55 -17.70 2.69
CA PRO A 8 -22.55 -16.63 2.82
C PRO A 8 -22.04 -16.13 1.47
N GLY A 9 -21.13 -15.17 1.50
CA GLY A 9 -20.58 -14.62 0.27
C GLY A 9 -19.92 -15.68 -0.59
N GLY A 10 -18.79 -16.20 -0.12
CA GLY A 10 -18.09 -17.23 -0.87
C GLY A 10 -16.62 -16.88 -1.07
N PRO A 11 -15.92 -17.73 -1.85
CA PRO A 11 -14.50 -17.53 -2.13
C PRO A 11 -14.24 -16.33 -3.04
N GLU A 12 -14.98 -16.25 -4.13
CA GLU A 12 -14.84 -15.16 -5.07
C GLU A 12 -16.20 -14.59 -5.47
N GLU A 13 -16.74 -13.72 -4.64
CA GLU A 13 -18.04 -13.11 -4.90
C GLU A 13 -17.89 -11.82 -5.72
N GLN A 14 -16.94 -10.99 -5.32
CA GLN A 14 -16.70 -9.73 -6.01
C GLN A 14 -15.63 -9.90 -7.08
N TRP A 15 -14.62 -10.70 -6.79
CA TRP A 15 -13.54 -10.95 -7.74
C TRP A 15 -14.07 -11.58 -9.01
N GLN A 16 -14.94 -12.59 -8.85
CA GLN A 16 -15.52 -13.27 -10.00
C GLN A 16 -16.40 -12.34 -10.81
N ARG A 17 -17.19 -11.53 -10.13
CA ARG A 17 -18.09 -10.59 -10.78
C ARG A 17 -17.35 -9.78 -11.84
N ALA A 18 -16.10 -9.45 -11.55
CA ALA A 18 -15.27 -8.67 -12.47
C ALA A 18 -14.54 -9.59 -13.45
N ILE A 19 -14.20 -10.80 -12.99
CA ILE A 19 -13.50 -11.76 -13.82
C ILE A 19 -14.33 -12.12 -15.05
N HIS A 20 -15.64 -12.08 -14.91
CA HIS A 20 -16.54 -12.40 -16.01
C HIS A 20 -17.06 -11.13 -16.68
N GLU A 21 -17.20 -10.07 -15.89
CA GLU A 21 -17.68 -8.79 -16.41
C GLU A 21 -16.66 -8.17 -17.36
N ARG A 22 -15.45 -7.96 -16.86
CA ARG A 22 -14.38 -7.36 -17.66
C ARG A 22 -13.42 -8.43 -18.15
N GLY A 23 -13.03 -9.33 -17.25
CA GLY A 23 -12.11 -10.39 -17.61
C GLY A 23 -11.39 -10.96 -16.40
N GLU A 24 -10.81 -10.08 -15.59
CA GLU A 24 -10.08 -10.50 -14.40
C GLU A 24 -10.10 -9.41 -13.34
N ALA A 25 -9.99 -9.82 -12.07
CA ALA A 25 -9.99 -8.87 -10.96
C ALA A 25 -8.62 -8.80 -10.30
N VAL A 26 -7.80 -7.84 -10.75
CA VAL A 26 -6.47 -7.67 -10.20
C VAL A 26 -6.52 -7.16 -8.77
N CYS A 27 -5.35 -6.93 -8.19
CA CYS A 27 -5.26 -6.44 -6.82
C CYS A 27 -5.95 -5.09 -6.68
N PRO A 28 -6.91 -5.00 -5.75
CA PRO A 28 -7.66 -3.76 -5.50
C PRO A 28 -6.80 -2.68 -4.85
N THR A 29 -5.50 -2.94 -4.76
CA THR A 29 -4.56 -1.99 -4.17
C THR A 29 -3.60 -1.44 -5.22
N CYS A 30 -2.89 -2.33 -5.87
CA CYS A 30 -1.93 -1.94 -6.91
C CYS A 30 -2.49 -2.19 -8.30
N ASN A 31 -3.33 -3.21 -8.42
CA ASN A 31 -3.95 -3.57 -9.70
C ASN A 31 -2.93 -4.26 -10.60
N VAL A 32 -2.23 -5.25 -10.05
CA VAL A 32 -1.23 -6.00 -10.81
C VAL A 32 -1.00 -7.37 -10.20
N VAL A 33 -1.40 -8.41 -10.92
CA VAL A 33 -1.21 -9.79 -10.45
C VAL A 33 -1.55 -10.79 -11.54
N THR A 34 -1.52 -12.08 -11.18
CA THR A 34 -1.82 -13.13 -12.14
C THR A 34 -2.98 -12.74 -13.05
N ARG A 35 -3.08 -13.41 -14.19
CA ARG A 35 -4.14 -13.14 -15.14
C ARG A 35 -5.52 -13.36 -14.52
N LYS A 36 -5.79 -14.60 -14.11
CA LYS A 36 -7.05 -14.94 -13.49
C LYS A 36 -7.21 -14.26 -12.14
N THR A 37 -6.08 -13.99 -11.49
CA THR A 37 -6.08 -13.35 -10.19
C THR A 37 -6.84 -14.17 -9.15
N LEU A 38 -6.75 -15.50 -9.28
CA LEU A 38 -7.42 -16.40 -8.37
C LEU A 38 -6.46 -16.89 -7.27
N VAL A 39 -5.36 -17.49 -7.70
CA VAL A 39 -4.36 -18.00 -6.76
C VAL A 39 -3.31 -16.94 -6.46
N GLY A 40 -3.00 -16.13 -7.45
CA GLY A 40 -2.00 -15.08 -7.27
C GLY A 40 -2.53 -13.91 -6.48
N LEU A 41 -3.78 -13.55 -6.72
CA LEU A 41 -4.42 -12.43 -6.02
C LEU A 41 -4.24 -12.56 -4.52
N LYS A 42 -4.66 -13.69 -3.97
CA LYS A 42 -4.55 -13.94 -2.54
C LYS A 42 -3.09 -14.06 -2.13
N LYS A 43 -2.40 -15.05 -2.67
CA LYS A 43 -0.99 -15.28 -2.37
C LYS A 43 -0.19 -13.98 -2.50
N HIS A 44 -0.71 -13.05 -3.28
CA HIS A 44 -0.05 -11.76 -3.48
C HIS A 44 -0.42 -10.79 -2.36
N MET A 45 -1.68 -10.38 -2.33
CA MET A 45 -2.15 -9.46 -1.31
C MET A 45 -1.51 -9.75 0.04
N GLU A 46 -1.10 -11.00 0.24
CA GLU A 46 -0.47 -11.41 1.49
C GLU A 46 0.65 -10.45 1.87
N VAL A 47 1.50 -10.11 0.90
CA VAL A 47 2.61 -9.20 1.14
C VAL A 47 2.24 -7.77 0.74
N CYS A 48 1.45 -7.65 -0.31
CA CYS A 48 1.02 -6.33 -0.80
C CYS A 48 0.74 -5.39 0.37
N GLN A 49 -0.11 -5.83 1.29
CA GLN A 49 -0.46 -5.03 2.46
C GLN A 49 0.80 -4.48 3.14
N LYS A 50 1.83 -5.31 3.21
CA LYS A 50 3.09 -4.91 3.83
C LYS A 50 3.79 -3.85 3.01
N LEU A 51 3.73 -3.98 1.69
CA LEU A 51 4.36 -3.02 0.79
C LEU A 51 3.72 -1.64 0.93
N GLN A 52 2.45 -1.54 0.57
CA GLN A 52 1.72 -0.28 0.66
C GLN A 52 2.09 0.47 1.94
N ASP A 53 2.29 -0.27 3.02
CA ASP A 53 2.64 0.32 4.29
C ASP A 53 4.04 0.94 4.24
N ALA A 54 5.00 0.18 3.73
CA ALA A 54 6.37 0.66 3.62
C ALA A 54 6.43 1.96 2.84
N LEU A 55 5.80 1.98 1.67
CA LEU A 55 5.79 3.16 0.82
C LEU A 55 4.95 4.28 1.46
N LYS A 56 3.89 3.89 2.16
CA LYS A 56 3.01 4.85 2.80
C LYS A 56 3.77 5.67 3.83
N CYS A 57 3.76 6.99 3.67
CA CYS A 57 4.45 7.89 4.58
C CYS A 57 3.73 7.95 5.93
N GLN A 58 4.48 8.27 6.98
CA GLN A 58 3.91 8.37 8.33
C GLN A 58 3.81 9.83 8.76
N HIS A 59 4.74 10.64 8.30
CA HIS A 59 4.74 12.07 8.65
C HIS A 59 3.53 12.77 8.06
N CYS A 60 3.20 12.44 6.82
CA CYS A 60 2.06 13.05 6.14
C CYS A 60 0.89 12.08 6.06
N ARG A 61 1.20 10.79 6.12
CA ARG A 61 0.18 9.75 6.05
C ARG A 61 -0.48 9.73 4.67
N LYS A 62 0.34 9.78 3.62
CA LYS A 62 -0.17 9.77 2.25
C LYS A 62 0.31 8.53 1.50
N GLN A 63 -0.63 7.69 1.08
CA GLN A 63 -0.30 6.48 0.35
C GLN A 63 0.41 6.80 -0.96
N PHE A 64 1.45 6.04 -1.28
CA PHE A 64 2.21 6.25 -2.51
C PHE A 64 2.28 4.97 -3.32
N LYS A 65 1.93 5.06 -4.60
CA LYS A 65 1.97 3.91 -5.49
C LYS A 65 3.14 3.99 -6.46
N SER A 66 4.31 4.37 -5.93
CA SER A 66 5.51 4.49 -6.73
C SER A 66 6.72 4.83 -5.87
N LYS A 67 7.68 3.92 -5.82
CA LYS A 67 8.89 4.11 -5.03
C LYS A 67 9.51 5.48 -5.31
N ALA A 68 9.66 5.80 -6.60
CA ALA A 68 10.24 7.08 -7.00
C ALA A 68 9.46 8.25 -6.40
N GLY A 69 8.14 8.10 -6.34
CA GLY A 69 7.30 9.15 -5.78
C GLY A 69 7.70 9.52 -4.36
N LEU A 70 7.81 8.52 -3.50
CA LEU A 70 8.18 8.74 -2.11
C LEU A 70 9.54 9.42 -2.01
N ASN A 71 10.51 8.92 -2.77
CA ASN A 71 11.85 9.48 -2.77
C ASN A 71 11.80 11.01 -2.88
N TYR A 72 11.21 11.50 -3.95
CA TYR A 72 11.10 12.93 -4.18
C TYR A 72 10.16 13.57 -3.16
N HIS A 73 8.98 13.00 -3.01
CA HIS A 73 7.99 13.51 -2.07
C HIS A 73 8.65 13.89 -0.74
N THR A 74 9.34 12.93 -0.12
CA THR A 74 10.01 13.17 1.13
C THR A 74 11.00 14.33 1.02
N MET A 75 11.94 14.21 0.09
CA MET A 75 12.94 15.25 -0.12
C MET A 75 12.28 16.57 -0.48
N ALA A 76 10.99 16.53 -0.79
CA ALA A 76 10.24 17.72 -1.15
C ALA A 76 9.58 18.35 0.08
N GLU A 77 8.68 17.60 0.72
CA GLU A 77 7.98 18.08 1.90
C GLU A 77 8.83 17.86 3.15
N HIS A 78 8.92 16.61 3.58
CA HIS A 78 9.69 16.26 4.77
C HIS A 78 11.19 16.22 4.45
N SER A 79 11.85 17.36 4.60
CA SER A 79 13.28 17.45 4.32
C SER A 79 13.82 18.83 4.68
N ALA A 80 15.14 18.94 4.79
CA ALA A 80 15.78 20.21 5.12
C ALA A 80 16.32 20.89 3.87
N LYS A 81 15.54 21.81 3.32
CA LYS A 81 15.95 22.54 2.11
C LYS A 81 17.29 23.21 2.32
N PRO A 82 18.24 22.94 1.41
CA PRO A 82 19.59 23.50 1.47
C PRO A 82 19.60 25.00 1.17
N SER A 83 18.42 25.57 0.97
CA SER A 83 18.28 26.99 0.68
C SER A 83 19.16 27.82 1.62
N ASP A 84 20.13 28.52 1.05
CA ASP A 84 21.04 29.36 1.84
C ASP A 84 20.26 30.18 2.86
N ALA A 85 20.43 29.84 4.13
CA ALA A 85 19.75 30.55 5.21
C ALA A 85 20.49 30.38 6.53
N GLU A 86 20.31 31.35 7.43
CA GLU A 86 20.97 31.30 8.73
C GLU A 86 21.08 29.88 9.25
N ALA A 87 19.94 29.21 9.38
CA ALA A 87 19.91 27.84 9.85
C ALA A 87 20.19 26.85 8.73
N SER A 88 21.45 26.49 8.57
CA SER A 88 21.86 25.55 7.52
C SER A 88 22.97 24.62 8.02
N GLU A 89 23.21 23.56 7.26
CA GLU A 89 24.24 22.59 7.63
C GLU A 89 25.22 22.38 6.47
N GLY A 90 26.39 21.83 6.78
CA GLY A 90 27.39 21.59 5.77
C GLY A 90 27.94 20.18 5.82
N GLY A 91 29.21 20.03 5.48
CA GLY A 91 29.85 18.72 5.49
C GLY A 91 31.20 18.74 6.17
N GLU A 92 32.10 17.87 5.71
CA GLU A 92 33.44 17.79 6.29
C GLU A 92 34.46 17.43 5.21
N SER A 93 35.70 17.87 5.41
CA SER A 93 36.77 17.62 4.46
C SER A 93 38.00 17.06 5.17
N GLY A 94 38.96 16.57 4.38
CA GLY A 94 40.18 16.02 4.95
C GLY A 94 41.34 16.07 3.98
N PRO A 95 41.89 17.27 3.75
CA PRO A 95 43.02 17.48 2.85
C PRO A 95 44.31 16.88 3.39
N SER A 96 45.40 17.08 2.66
CA SER A 96 46.70 16.56 3.05
C SER A 96 47.75 17.67 3.08
N SER A 97 48.82 17.45 3.83
CA SER A 97 49.90 18.43 3.95
C SER A 97 51.08 18.04 3.07
N GLY A 98 51.46 16.77 3.12
CA GLY A 98 52.58 16.29 2.33
C GLY A 98 53.88 16.25 3.12
N GLY A 1 -44.44 -17.38 9.37
CA GLY A 1 -43.32 -16.47 9.24
C GLY A 1 -42.17 -17.07 8.48
N SER A 2 -41.75 -16.41 7.41
CA SER A 2 -40.65 -16.89 6.58
C SER A 2 -39.38 -16.09 6.86
N SER A 3 -38.39 -16.76 7.43
CA SER A 3 -37.12 -16.12 7.75
C SER A 3 -36.16 -16.19 6.57
N GLY A 4 -35.28 -15.20 6.48
CA GLY A 4 -34.32 -15.16 5.39
C GLY A 4 -32.92 -15.51 5.84
N SER A 5 -31.96 -15.43 4.92
CA SER A 5 -30.57 -15.74 5.23
C SER A 5 -29.78 -14.48 5.55
N SER A 6 -28.82 -14.61 6.47
CA SER A 6 -27.99 -13.48 6.86
C SER A 6 -27.00 -13.11 5.77
N GLY A 7 -26.22 -14.10 5.34
CA GLY A 7 -25.24 -13.86 4.29
C GLY A 7 -24.16 -12.87 4.71
N PRO A 8 -23.10 -13.38 5.34
CA PRO A 8 -21.99 -12.54 5.81
C PRO A 8 -21.16 -11.98 4.65
N GLY A 9 -21.20 -12.65 3.52
CA GLY A 9 -20.45 -12.22 2.36
C GLY A 9 -19.58 -13.30 1.78
N GLY A 10 -18.46 -13.58 2.44
CA GLY A 10 -17.54 -14.60 1.98
C GLY A 10 -16.20 -14.04 1.58
N PRO A 11 -15.25 -14.93 1.25
CA PRO A 11 -13.89 -14.54 0.84
C PRO A 11 -13.88 -13.87 -0.52
N GLU A 12 -14.53 -14.49 -1.50
CA GLU A 12 -14.58 -13.94 -2.85
C GLU A 12 -16.01 -13.51 -3.21
N GLU A 13 -16.52 -12.52 -2.50
CA GLU A 13 -17.87 -12.02 -2.75
C GLU A 13 -17.85 -10.87 -3.75
N GLN A 14 -16.85 -10.00 -3.62
CA GLN A 14 -16.72 -8.86 -4.51
C GLN A 14 -15.63 -9.09 -5.55
N TRP A 15 -14.67 -9.94 -5.21
CA TRP A 15 -13.57 -10.26 -6.11
C TRP A 15 -14.03 -11.19 -7.23
N GLN A 16 -15.12 -11.91 -6.98
CA GLN A 16 -15.66 -12.84 -7.97
C GLN A 16 -16.78 -12.18 -8.78
N ARG A 17 -17.64 -11.43 -8.09
CA ARG A 17 -18.75 -10.75 -8.73
C ARG A 17 -18.28 -10.01 -9.98
N ALA A 18 -17.01 -9.61 -9.98
CA ALA A 18 -16.43 -8.89 -11.11
C ALA A 18 -15.87 -9.86 -12.15
N ILE A 19 -15.32 -10.97 -11.68
CA ILE A 19 -14.75 -11.98 -12.57
C ILE A 19 -15.78 -12.45 -13.59
N HIS A 20 -17.06 -12.35 -13.24
CA HIS A 20 -18.13 -12.76 -14.12
C HIS A 20 -18.85 -11.55 -14.71
N GLU A 21 -18.87 -10.45 -13.97
CA GLU A 21 -19.52 -9.23 -14.42
C GLU A 21 -18.76 -8.61 -15.59
N ARG A 22 -17.48 -8.30 -15.35
CA ARG A 22 -16.65 -7.69 -16.39
C ARG A 22 -15.68 -8.73 -16.97
N GLY A 23 -14.88 -9.33 -16.11
CA GLY A 23 -13.92 -10.33 -16.55
C GLY A 23 -13.09 -10.89 -15.41
N GLU A 24 -12.25 -10.03 -14.83
CA GLU A 24 -11.38 -10.45 -13.73
C GLU A 24 -11.34 -9.37 -12.65
N ALA A 25 -10.73 -9.71 -11.50
CA ALA A 25 -10.62 -8.77 -10.39
C ALA A 25 -9.16 -8.61 -9.96
N VAL A 26 -8.42 -7.81 -10.71
CA VAL A 26 -7.01 -7.57 -10.42
C VAL A 26 -6.85 -6.86 -9.07
N CYS A 27 -5.68 -7.02 -8.46
CA CYS A 27 -5.39 -6.39 -7.18
C CYS A 27 -5.95 -4.98 -7.13
N PRO A 28 -6.89 -4.74 -6.19
CA PRO A 28 -7.52 -3.43 -6.01
C PRO A 28 -6.55 -2.40 -5.45
N THR A 29 -5.30 -2.80 -5.28
CA THR A 29 -4.27 -1.90 -4.75
C THR A 29 -3.36 -1.39 -5.85
N CYS A 30 -2.69 -2.31 -6.54
CA CYS A 30 -1.79 -1.96 -7.62
C CYS A 30 -2.29 -2.51 -8.95
N ASN A 31 -3.17 -3.50 -8.88
CA ASN A 31 -3.73 -4.11 -10.09
C ASN A 31 -2.64 -4.81 -10.90
N VAL A 32 -1.79 -5.56 -10.20
CA VAL A 32 -0.71 -6.29 -10.85
C VAL A 32 -0.62 -7.72 -10.34
N VAL A 33 -1.41 -8.61 -10.93
CA VAL A 33 -1.42 -10.01 -10.54
C VAL A 33 -1.78 -10.91 -11.71
N THR A 34 -1.91 -12.21 -11.44
CA THR A 34 -2.26 -13.17 -12.47
C THR A 34 -3.63 -12.89 -13.06
N ARG A 35 -3.81 -13.23 -14.34
CA ARG A 35 -5.08 -13.00 -15.01
C ARG A 35 -6.24 -13.53 -14.18
N LYS A 36 -6.04 -14.71 -13.59
CA LYS A 36 -7.07 -15.33 -12.77
C LYS A 36 -7.31 -14.53 -11.49
N THR A 37 -6.25 -13.90 -10.99
CA THR A 37 -6.35 -13.10 -9.77
C THR A 37 -7.00 -13.89 -8.64
N LEU A 38 -6.69 -15.19 -8.57
CA LEU A 38 -7.24 -16.06 -7.54
C LEU A 38 -6.14 -16.83 -6.83
N VAL A 39 -5.28 -17.47 -7.62
CA VAL A 39 -4.17 -18.25 -7.07
C VAL A 39 -2.96 -17.36 -6.77
N GLY A 40 -2.85 -16.27 -7.52
CA GLY A 40 -1.74 -15.35 -7.31
C GLY A 40 -2.16 -14.07 -6.61
N LEU A 41 -3.42 -13.69 -6.80
CA LEU A 41 -3.94 -12.47 -6.17
C LEU A 41 -3.97 -12.63 -4.64
N LYS A 42 -4.27 -13.83 -4.18
CA LYS A 42 -4.32 -14.10 -2.74
C LYS A 42 -2.92 -14.19 -2.15
N LYS A 43 -2.01 -14.81 -2.90
CA LYS A 43 -0.63 -14.97 -2.44
C LYS A 43 0.13 -13.65 -2.58
N HIS A 44 -0.24 -12.84 -3.56
CA HIS A 44 0.40 -11.56 -3.80
C HIS A 44 -0.05 -10.53 -2.76
N MET A 45 -1.35 -10.41 -2.58
CA MET A 45 -1.91 -9.46 -1.62
C MET A 45 -1.26 -9.63 -0.25
N GLU A 46 -0.79 -10.85 0.03
CA GLU A 46 -0.15 -11.13 1.31
C GLU A 46 0.87 -10.05 1.66
N VAL A 47 1.79 -9.80 0.74
CA VAL A 47 2.82 -8.79 0.95
C VAL A 47 2.34 -7.41 0.50
N CYS A 48 1.58 -7.38 -0.58
CA CYS A 48 1.07 -6.12 -1.12
C CYS A 48 0.74 -5.14 0.01
N GLN A 49 -0.26 -5.49 0.81
CA GLN A 49 -0.67 -4.65 1.93
C GLN A 49 0.51 -4.33 2.84
N LYS A 50 1.33 -5.35 3.11
CA LYS A 50 2.51 -5.18 3.97
C LYS A 50 3.44 -4.13 3.40
N LEU A 51 3.52 -4.06 2.07
CA LEU A 51 4.38 -3.10 1.41
C LEU A 51 3.79 -1.69 1.48
N GLN A 52 2.60 -1.53 0.91
CA GLN A 52 1.92 -0.24 0.91
C GLN A 52 2.12 0.48 2.23
N ASP A 53 1.99 -0.26 3.33
CA ASP A 53 2.15 0.31 4.66
C ASP A 53 3.58 0.84 4.85
N ALA A 54 4.56 0.02 4.50
CA ALA A 54 5.96 0.40 4.64
C ALA A 54 6.27 1.66 3.82
N LEU A 55 5.87 1.65 2.55
CA LEU A 55 6.09 2.79 1.68
C LEU A 55 5.39 4.04 2.20
N LYS A 56 4.20 3.84 2.75
CA LYS A 56 3.42 4.96 3.30
C LYS A 56 4.07 5.51 4.55
N CYS A 57 4.43 6.80 4.52
CA CYS A 57 5.07 7.45 5.65
C CYS A 57 4.15 7.45 6.87
N GLN A 58 4.68 7.85 8.01
CA GLN A 58 3.90 7.90 9.24
C GLN A 58 3.83 9.32 9.78
N HIS A 59 4.93 10.05 9.68
CA HIS A 59 4.99 11.43 10.15
C HIS A 59 4.05 12.32 9.34
N CYS A 60 4.04 12.11 8.03
CA CYS A 60 3.20 12.90 7.14
C CYS A 60 2.03 12.07 6.61
N ARG A 61 2.18 10.74 6.69
CA ARG A 61 1.13 9.84 6.23
C ARG A 61 0.92 9.99 4.73
N LYS A 62 2.00 9.92 3.96
CA LYS A 62 1.93 10.05 2.52
C LYS A 62 2.06 8.68 1.85
N GLN A 63 1.79 8.64 0.55
CA GLN A 63 1.89 7.40 -0.21
C GLN A 63 3.08 7.42 -1.16
N PHE A 64 3.73 6.27 -1.31
CA PHE A 64 4.90 6.16 -2.17
C PHE A 64 4.94 4.79 -2.84
N LYS A 65 5.40 4.76 -4.10
CA LYS A 65 5.49 3.52 -4.85
C LYS A 65 6.93 3.26 -5.27
N SER A 66 7.88 3.67 -4.44
CA SER A 66 9.29 3.47 -4.74
C SER A 66 10.15 3.73 -3.49
N LYS A 67 10.86 2.70 -3.05
CA LYS A 67 11.71 2.81 -1.87
C LYS A 67 12.65 4.02 -1.99
N ALA A 68 13.27 4.16 -3.15
CA ALA A 68 14.18 5.28 -3.39
C ALA A 68 13.51 6.62 -3.10
N GLY A 69 12.24 6.73 -3.47
CA GLY A 69 11.49 7.95 -3.25
C GLY A 69 11.26 8.22 -1.78
N LEU A 70 10.78 7.22 -1.06
CA LEU A 70 10.51 7.36 0.38
C LEU A 70 11.77 7.80 1.12
N ASN A 71 12.91 7.26 0.72
CA ASN A 71 14.18 7.61 1.35
C ASN A 71 14.49 9.08 1.16
N TYR A 72 14.36 9.56 -0.07
CA TYR A 72 14.64 10.96 -0.38
C TYR A 72 13.63 11.87 0.31
N HIS A 73 12.37 11.45 0.34
CA HIS A 73 11.31 12.23 0.95
C HIS A 73 11.50 12.30 2.47
N THR A 74 11.78 11.15 3.08
CA THR A 74 11.99 11.08 4.52
C THR A 74 13.12 11.99 4.95
N MET A 75 14.10 12.19 4.07
CA MET A 75 15.24 13.04 4.38
C MET A 75 14.97 14.49 3.96
N ALA A 76 14.20 14.65 2.89
CA ALA A 76 13.87 15.97 2.39
C ALA A 76 12.78 16.61 3.24
N GLU A 77 11.61 15.98 3.30
CA GLU A 77 10.50 16.49 4.07
C GLU A 77 10.82 16.46 5.57
N HIS A 78 11.22 15.30 6.06
CA HIS A 78 11.56 15.14 7.48
C HIS A 78 13.05 14.95 7.65
N SER A 79 13.47 14.71 8.89
CA SER A 79 14.89 14.51 9.19
C SER A 79 15.68 15.81 8.97
N ALA A 80 15.10 16.92 9.40
CA ALA A 80 15.76 18.22 9.25
C ALA A 80 15.08 19.28 10.09
N LYS A 81 15.86 19.96 10.94
CA LYS A 81 15.34 21.00 11.81
C LYS A 81 14.32 21.87 11.07
N PRO A 82 13.38 22.45 11.82
CA PRO A 82 12.35 23.33 11.26
C PRO A 82 12.90 24.65 10.75
N SER A 83 12.06 25.41 10.06
CA SER A 83 12.48 26.70 9.52
C SER A 83 12.80 27.68 10.65
N ASP A 84 11.88 27.80 11.59
CA ASP A 84 12.07 28.71 12.73
C ASP A 84 13.46 28.54 13.33
N ALA A 85 14.24 29.62 13.29
CA ALA A 85 15.60 29.60 13.82
C ALA A 85 15.61 29.09 15.26
N GLU A 86 14.68 29.60 16.07
CA GLU A 86 14.59 29.19 17.47
C GLU A 86 13.58 28.05 17.64
N ALA A 87 13.95 27.05 18.43
CA ALA A 87 13.08 25.91 18.67
C ALA A 87 13.31 25.33 20.07
N SER A 88 12.23 24.89 20.70
CA SER A 88 12.32 24.32 22.04
C SER A 88 13.52 23.40 22.17
N GLU A 89 14.21 23.48 23.30
CA GLU A 89 15.39 22.66 23.54
C GLU A 89 15.02 21.18 23.52
N GLY A 90 15.72 20.41 22.69
CA GLY A 90 15.46 18.99 22.59
C GLY A 90 15.60 18.47 21.17
N GLY A 91 16.81 18.55 20.64
CA GLY A 91 17.05 18.08 19.28
C GLY A 91 18.42 17.44 19.12
N GLU A 92 18.83 17.23 17.87
CA GLU A 92 20.13 16.63 17.59
C GLU A 92 21.19 17.69 17.36
N SER A 93 22.44 17.34 17.62
CA SER A 93 23.56 18.26 17.45
C SER A 93 24.54 17.74 16.39
N GLY A 94 24.44 18.28 15.19
CA GLY A 94 25.33 17.87 14.11
C GLY A 94 25.60 18.99 13.12
N PRO A 95 25.66 18.63 11.83
CA PRO A 95 25.92 19.59 10.76
C PRO A 95 24.76 20.55 10.55
N SER A 96 25.05 21.72 9.99
CA SER A 96 24.02 22.73 9.74
C SER A 96 24.35 23.53 8.48
N SER A 97 23.50 23.39 7.47
CA SER A 97 23.69 24.10 6.20
C SER A 97 23.76 25.61 6.43
N GLY A 98 22.72 26.16 7.03
CA GLY A 98 22.68 27.58 7.29
C GLY A 98 21.86 28.34 6.27
N GLY A 1 -18.25 -24.14 -20.64
CA GLY A 1 -17.59 -25.21 -19.92
C GLY A 1 -16.35 -24.74 -19.19
N SER A 2 -16.29 -25.01 -17.89
CA SER A 2 -15.15 -24.61 -17.07
C SER A 2 -14.64 -25.77 -16.23
N SER A 3 -13.33 -25.97 -16.23
CA SER A 3 -12.71 -27.04 -15.48
C SER A 3 -11.20 -26.92 -15.48
N GLY A 4 -10.57 -27.11 -14.32
CA GLY A 4 -9.13 -27.02 -14.22
C GLY A 4 -8.66 -27.07 -12.78
N SER A 5 -8.87 -25.97 -12.05
CA SER A 5 -8.45 -25.90 -10.66
C SER A 5 -8.75 -27.19 -9.92
N SER A 6 -8.13 -27.37 -8.76
CA SER A 6 -8.33 -28.57 -7.95
C SER A 6 -9.71 -28.56 -7.30
N GLY A 7 -10.00 -27.49 -6.57
CA GLY A 7 -11.28 -27.37 -5.90
C GLY A 7 -11.44 -26.04 -5.19
N PRO A 8 -12.69 -25.58 -5.06
CA PRO A 8 -13.01 -24.31 -4.40
C PRO A 8 -12.78 -24.38 -2.90
N GLY A 9 -12.12 -23.36 -2.35
CA GLY A 9 -11.85 -23.32 -0.93
C GLY A 9 -11.43 -21.94 -0.46
N GLY A 10 -12.38 -21.01 -0.43
CA GLY A 10 -12.09 -19.65 0.01
C GLY A 10 -13.08 -18.64 -0.54
N PRO A 11 -12.84 -17.35 -0.23
CA PRO A 11 -13.72 -16.26 -0.68
C PRO A 11 -13.61 -16.02 -2.19
N GLU A 12 -14.45 -16.72 -2.95
CA GLU A 12 -14.45 -16.58 -4.40
C GLU A 12 -15.87 -16.42 -4.93
N GLU A 13 -16.66 -15.58 -4.26
CA GLU A 13 -18.05 -15.36 -4.67
C GLU A 13 -18.15 -14.10 -5.54
N GLN A 14 -17.75 -12.96 -4.99
CA GLN A 14 -17.81 -11.70 -5.72
C GLN A 14 -16.76 -11.67 -6.83
N TRP A 15 -15.54 -12.07 -6.50
CA TRP A 15 -14.44 -12.08 -7.47
C TRP A 15 -14.82 -12.93 -8.68
N GLN A 16 -15.42 -14.08 -8.43
CA GLN A 16 -15.82 -14.99 -9.50
C GLN A 16 -16.93 -14.37 -10.35
N ARG A 17 -17.68 -13.45 -9.74
CA ARG A 17 -18.77 -12.78 -10.44
C ARG A 17 -18.26 -11.60 -11.26
N ALA A 18 -17.32 -10.86 -10.69
CA ALA A 18 -16.74 -9.71 -11.38
C ALA A 18 -15.76 -10.14 -12.45
N ILE A 19 -15.18 -11.33 -12.28
CA ILE A 19 -14.22 -11.86 -13.24
C ILE A 19 -14.89 -12.12 -14.59
N HIS A 20 -15.95 -12.91 -14.58
CA HIS A 20 -16.66 -13.25 -15.81
C HIS A 20 -17.44 -12.03 -16.32
N GLU A 21 -17.94 -11.21 -15.40
CA GLU A 21 -18.70 -10.03 -15.77
C GLU A 21 -17.85 -9.09 -16.64
N ARG A 22 -16.69 -8.70 -16.11
CA ARG A 22 -15.81 -7.80 -16.83
C ARG A 22 -14.70 -8.58 -17.53
N GLY A 23 -13.85 -9.23 -16.75
CA GLY A 23 -12.75 -10.01 -17.31
C GLY A 23 -11.88 -10.63 -16.24
N GLU A 24 -11.52 -9.83 -15.24
CA GLU A 24 -10.67 -10.31 -14.15
C GLU A 24 -10.70 -9.34 -12.98
N ALA A 25 -10.42 -9.86 -11.78
CA ALA A 25 -10.42 -9.04 -10.58
C ALA A 25 -9.00 -8.78 -10.10
N VAL A 26 -8.37 -7.75 -10.65
CA VAL A 26 -7.00 -7.40 -10.27
C VAL A 26 -6.95 -6.85 -8.86
N CYS A 27 -5.76 -6.89 -8.26
CA CYS A 27 -5.57 -6.38 -6.90
C CYS A 27 -6.16 -4.98 -6.75
N PRO A 28 -7.16 -4.85 -5.87
CA PRO A 28 -7.84 -3.57 -5.61
C PRO A 28 -6.93 -2.58 -4.89
N THR A 29 -5.66 -2.93 -4.76
CA THR A 29 -4.69 -2.08 -4.08
C THR A 29 -3.69 -1.49 -5.06
N CYS A 30 -3.21 -2.33 -5.98
CA CYS A 30 -2.25 -1.89 -6.98
C CYS A 30 -2.73 -2.23 -8.39
N ASN A 31 -3.57 -3.26 -8.48
CA ASN A 31 -4.10 -3.68 -9.77
C ASN A 31 -3.04 -4.39 -10.60
N VAL A 32 -2.22 -5.21 -9.94
CA VAL A 32 -1.16 -5.95 -10.61
C VAL A 32 -0.97 -7.32 -9.98
N VAL A 33 -1.34 -8.37 -10.73
CA VAL A 33 -1.20 -9.73 -10.25
C VAL A 33 -1.39 -10.74 -11.39
N THR A 34 -1.40 -12.02 -11.04
CA THR A 34 -1.57 -13.08 -12.03
C THR A 34 -2.77 -12.79 -12.94
N ARG A 35 -2.72 -13.31 -14.16
CA ARG A 35 -3.80 -13.11 -15.11
C ARG A 35 -5.15 -13.39 -14.48
N LYS A 36 -5.33 -14.61 -14.01
CA LYS A 36 -6.58 -15.01 -13.37
C LYS A 36 -6.84 -14.20 -12.11
N THR A 37 -5.77 -13.61 -11.57
CA THR A 37 -5.88 -12.81 -10.36
C THR A 37 -6.62 -13.56 -9.26
N LEU A 38 -6.31 -14.84 -9.12
CA LEU A 38 -6.95 -15.67 -8.10
C LEU A 38 -5.91 -16.48 -7.33
N VAL A 39 -5.17 -17.32 -8.04
CA VAL A 39 -4.14 -18.14 -7.42
C VAL A 39 -3.03 -17.28 -6.83
N GLY A 40 -2.74 -16.16 -7.47
CA GLY A 40 -1.70 -15.27 -6.99
C GLY A 40 -2.26 -14.08 -6.24
N LEU A 41 -3.49 -13.71 -6.55
CA LEU A 41 -4.15 -12.58 -5.90
C LEU A 41 -4.25 -12.81 -4.39
N LYS A 42 -4.53 -14.05 -4.00
CA LYS A 42 -4.65 -14.40 -2.59
C LYS A 42 -3.27 -14.47 -1.93
N LYS A 43 -2.31 -15.03 -2.64
CA LYS A 43 -0.94 -15.15 -2.12
C LYS A 43 -0.22 -13.81 -2.17
N HIS A 44 -0.69 -12.93 -3.05
CA HIS A 44 -0.09 -11.60 -3.20
C HIS A 44 -0.72 -10.61 -2.23
N MET A 45 -2.04 -10.53 -2.23
CA MET A 45 -2.77 -9.62 -1.35
C MET A 45 -2.26 -9.74 0.08
N GLU A 46 -1.64 -10.87 0.40
CA GLU A 46 -1.11 -11.10 1.73
C GLU A 46 0.15 -10.28 1.97
N VAL A 47 0.94 -10.09 0.92
CA VAL A 47 2.17 -9.31 1.00
C VAL A 47 1.96 -7.88 0.57
N CYS A 48 0.97 -7.67 -0.30
CA CYS A 48 0.66 -6.33 -0.79
C CYS A 48 0.70 -5.31 0.33
N GLN A 49 -0.15 -5.50 1.34
CA GLN A 49 -0.19 -4.59 2.48
C GLN A 49 1.20 -4.34 3.05
N LYS A 50 1.95 -5.42 3.26
CA LYS A 50 3.30 -5.32 3.79
C LYS A 50 4.15 -4.36 2.96
N LEU A 51 4.05 -4.49 1.64
CA LEU A 51 4.80 -3.64 0.74
C LEU A 51 4.27 -2.21 0.76
N GLN A 52 3.02 -2.04 0.36
CA GLN A 52 2.38 -0.72 0.34
C GLN A 52 2.65 0.03 1.65
N ASP A 53 2.53 -0.69 2.77
CA ASP A 53 2.75 -0.09 4.08
C ASP A 53 4.00 0.79 4.06
N ALA A 54 5.09 0.25 3.52
CA ALA A 54 6.34 0.99 3.45
C ALA A 54 6.17 2.30 2.68
N LEU A 55 5.90 2.20 1.39
CA LEU A 55 5.70 3.37 0.55
C LEU A 55 4.77 4.37 1.22
N LYS A 56 3.71 3.85 1.85
CA LYS A 56 2.74 4.70 2.53
C LYS A 56 3.43 5.66 3.49
N CYS A 57 3.10 6.94 3.38
CA CYS A 57 3.69 7.96 4.24
C CYS A 57 3.20 7.80 5.68
N GLN A 58 3.64 8.71 6.55
CA GLN A 58 3.25 8.67 7.95
C GLN A 58 2.57 9.97 8.37
N HIS A 59 3.30 11.08 8.25
CA HIS A 59 2.76 12.38 8.62
C HIS A 59 1.41 12.62 7.95
N CYS A 60 1.32 12.28 6.66
CA CYS A 60 0.10 12.46 5.91
C CYS A 60 -0.66 11.14 5.78
N ARG A 61 0.06 10.04 5.90
CA ARG A 61 -0.54 8.71 5.81
C ARG A 61 -1.20 8.51 4.44
N LYS A 62 -0.43 8.75 3.38
CA LYS A 62 -0.92 8.60 2.03
C LYS A 62 -0.04 7.66 1.22
N GLN A 63 -0.66 6.83 0.38
CA GLN A 63 0.08 5.88 -0.44
C GLN A 63 0.65 6.57 -1.68
N PHE A 64 1.76 6.04 -2.19
CA PHE A 64 2.40 6.59 -3.37
C PHE A 64 2.90 5.49 -4.30
N LYS A 65 2.33 5.44 -5.50
CA LYS A 65 2.72 4.43 -6.48
C LYS A 65 3.91 4.90 -7.31
N SER A 66 4.93 5.42 -6.63
CA SER A 66 6.13 5.91 -7.30
C SER A 66 7.18 6.34 -6.29
N LYS A 67 8.32 5.67 -6.31
CA LYS A 67 9.41 5.99 -5.39
C LYS A 67 9.76 7.48 -5.45
N ALA A 68 10.05 7.96 -6.66
CA ALA A 68 10.40 9.36 -6.86
C ALA A 68 9.29 10.28 -6.35
N GLY A 69 8.05 9.90 -6.62
CA GLY A 69 6.92 10.70 -6.17
C GLY A 69 6.92 10.94 -4.68
N LEU A 70 7.16 9.87 -3.92
CA LEU A 70 7.19 9.96 -2.46
C LEU A 70 8.37 10.80 -1.99
N ASN A 71 9.56 10.43 -2.43
CA ASN A 71 10.78 11.16 -2.06
C ASN A 71 10.59 12.66 -2.23
N TYR A 72 9.99 13.04 -3.36
CA TYR A 72 9.75 14.45 -3.65
C TYR A 72 8.60 15.00 -2.80
N HIS A 73 7.54 14.22 -2.67
CA HIS A 73 6.38 14.63 -1.89
C HIS A 73 6.77 14.86 -0.43
N THR A 74 7.20 13.80 0.24
CA THR A 74 7.60 13.89 1.64
C THR A 74 8.31 15.21 1.92
N MET A 75 9.17 15.62 0.99
CA MET A 75 9.92 16.87 1.14
C MET A 75 9.11 18.06 0.64
N ALA A 76 8.26 17.80 -0.36
CA ALA A 76 7.43 18.85 -0.93
C ALA A 76 6.46 19.41 0.11
N GLU A 77 6.01 18.55 1.01
CA GLU A 77 5.07 18.95 2.05
C GLU A 77 5.74 18.89 3.42
N HIS A 78 6.20 17.71 3.81
CA HIS A 78 6.85 17.51 5.09
C HIS A 78 8.31 17.93 5.03
N SER A 79 8.55 19.24 5.16
CA SER A 79 9.90 19.78 5.11
C SER A 79 9.91 21.26 5.45
N ALA A 80 11.09 21.87 5.40
CA ALA A 80 11.23 23.30 5.69
C ALA A 80 11.26 24.13 4.41
N LYS A 81 10.16 24.09 3.67
CA LYS A 81 10.06 24.84 2.42
C LYS A 81 9.70 26.30 2.69
N PRO A 82 10.14 27.19 1.79
CA PRO A 82 9.87 28.63 1.91
C PRO A 82 8.40 28.97 1.69
N SER A 83 7.84 28.46 0.60
CA SER A 83 6.44 28.72 0.28
C SER A 83 5.52 28.25 1.40
N ASP A 84 4.52 29.06 1.71
CA ASP A 84 3.57 28.73 2.77
C ASP A 84 4.27 27.99 3.91
N ALA A 85 5.49 28.41 4.22
CA ALA A 85 6.26 27.79 5.30
C ALA A 85 5.50 27.84 6.62
N GLU A 86 5.95 27.03 7.58
CA GLU A 86 5.31 26.99 8.89
C GLU A 86 5.48 28.32 9.62
N ALA A 87 4.78 28.46 10.75
CA ALA A 87 4.85 29.68 11.54
C ALA A 87 6.26 30.27 11.51
N SER A 88 6.34 31.58 11.69
CA SER A 88 7.63 32.27 11.68
C SER A 88 8.74 31.37 12.23
N GLU A 89 9.82 31.25 11.47
CA GLU A 89 10.95 30.42 11.89
C GLU A 89 12.23 31.23 11.94
N GLY A 90 13.32 30.59 12.34
CA GLY A 90 14.61 31.27 12.43
C GLY A 90 15.64 30.68 11.49
N GLY A 91 16.35 31.54 10.77
CA GLY A 91 17.36 31.08 9.85
C GLY A 91 18.73 31.70 10.12
N GLU A 92 19.64 31.56 9.17
CA GLU A 92 20.98 32.11 9.30
C GLU A 92 21.56 32.48 7.94
N SER A 93 22.56 33.36 7.95
CA SER A 93 23.20 33.80 6.71
C SER A 93 24.71 33.87 6.89
N GLY A 94 25.40 34.23 5.81
CA GLY A 94 26.85 34.32 5.86
C GLY A 94 27.37 35.59 5.20
N PRO A 95 28.13 36.39 5.97
CA PRO A 95 28.69 37.65 5.48
C PRO A 95 29.80 37.43 4.46
N SER A 96 30.45 38.51 4.05
CA SER A 96 31.53 38.44 3.07
C SER A 96 32.75 39.22 3.56
N SER A 97 33.89 38.98 2.91
CA SER A 97 35.13 39.66 3.27
C SER A 97 35.77 40.28 2.04
N GLY A 98 36.89 40.99 2.26
CA GLY A 98 37.59 41.62 1.16
C GLY A 98 38.83 40.86 0.74
N GLY A 1 -28.67 -29.33 -17.29
CA GLY A 1 -27.49 -29.06 -16.52
C GLY A 1 -26.55 -30.26 -16.45
N SER A 2 -27.04 -31.36 -15.87
CA SER A 2 -26.24 -32.57 -15.74
C SER A 2 -24.78 -32.24 -15.49
N SER A 3 -24.54 -31.24 -14.63
CA SER A 3 -23.18 -30.82 -14.31
C SER A 3 -23.03 -30.58 -12.81
N GLY A 4 -21.91 -31.04 -12.26
CA GLY A 4 -21.66 -30.87 -10.83
C GLY A 4 -20.36 -30.13 -10.56
N SER A 5 -20.48 -28.90 -10.06
CA SER A 5 -19.31 -28.08 -9.76
C SER A 5 -19.14 -27.93 -8.25
N SER A 6 -18.35 -28.81 -7.66
CA SER A 6 -18.10 -28.77 -6.22
C SER A 6 -16.62 -28.60 -5.93
N GLY A 7 -16.16 -27.35 -5.88
CA GLY A 7 -14.77 -27.08 -5.61
C GLY A 7 -14.40 -25.63 -5.88
N PRO A 8 -14.93 -24.72 -5.06
CA PRO A 8 -14.66 -23.28 -5.20
C PRO A 8 -13.23 -22.92 -4.83
N GLY A 9 -12.70 -23.57 -3.80
CA GLY A 9 -11.33 -23.30 -3.37
C GLY A 9 -11.27 -22.23 -2.30
N GLY A 10 -11.05 -20.99 -2.72
CA GLY A 10 -10.96 -19.89 -1.77
C GLY A 10 -12.17 -18.98 -1.85
N PRO A 11 -12.14 -17.90 -1.05
CA PRO A 11 -13.23 -16.91 -1.00
C PRO A 11 -13.33 -16.09 -2.28
N GLU A 12 -14.01 -16.64 -3.28
CA GLU A 12 -14.17 -15.95 -4.56
C GLU A 12 -15.64 -15.63 -4.81
N GLU A 13 -16.27 -14.96 -3.86
CA GLU A 13 -17.67 -14.59 -3.98
C GLU A 13 -17.82 -13.23 -4.67
N GLN A 14 -17.22 -12.21 -4.08
CA GLN A 14 -17.28 -10.86 -4.63
C GLN A 14 -16.33 -10.70 -5.81
N TRP A 15 -15.15 -11.33 -5.70
CA TRP A 15 -14.14 -11.25 -6.75
C TRP A 15 -14.69 -11.80 -8.07
N GLN A 16 -15.72 -12.65 -7.96
CA GLN A 16 -16.34 -13.25 -9.14
C GLN A 16 -17.26 -12.25 -9.83
N ARG A 17 -18.14 -11.63 -9.07
CA ARG A 17 -19.09 -10.66 -9.61
C ARG A 17 -18.41 -9.78 -10.65
N ALA A 18 -17.11 -9.54 -10.48
CA ALA A 18 -16.35 -8.71 -11.40
C ALA A 18 -15.65 -9.57 -12.45
N ILE A 19 -15.00 -10.64 -12.00
CA ILE A 19 -14.30 -11.54 -12.91
C ILE A 19 -15.19 -11.98 -14.06
N HIS A 20 -16.47 -12.20 -13.76
CA HIS A 20 -17.43 -12.61 -14.78
C HIS A 20 -18.02 -11.41 -15.49
N GLU A 21 -18.22 -10.33 -14.75
CA GLU A 21 -18.78 -9.10 -15.31
C GLU A 21 -17.85 -8.51 -16.37
N ARG A 22 -16.61 -8.22 -15.99
CA ARG A 22 -15.63 -7.66 -16.90
C ARG A 22 -14.72 -8.74 -17.45
N GLY A 23 -13.95 -9.37 -16.57
CA GLY A 23 -13.04 -10.43 -16.99
C GLY A 23 -12.23 -10.98 -15.84
N GLU A 24 -11.63 -10.09 -15.05
CA GLU A 24 -10.81 -10.50 -13.91
C GLU A 24 -10.80 -9.42 -12.84
N ALA A 25 -10.40 -9.80 -11.63
CA ALA A 25 -10.34 -8.87 -10.51
C ALA A 25 -8.90 -8.68 -10.03
N VAL A 26 -8.21 -7.71 -10.61
CA VAL A 26 -6.83 -7.43 -10.24
C VAL A 26 -6.74 -6.96 -8.79
N CYS A 27 -5.52 -6.97 -8.25
CA CYS A 27 -5.29 -6.55 -6.87
C CYS A 27 -5.97 -5.22 -6.60
N PRO A 28 -6.91 -5.22 -5.64
CA PRO A 28 -7.66 -4.03 -5.24
C PRO A 28 -6.78 -3.01 -4.51
N THR A 29 -5.48 -3.26 -4.50
CA THR A 29 -4.53 -2.37 -3.84
C THR A 29 -3.63 -1.68 -4.86
N CYS A 30 -2.79 -2.47 -5.52
CA CYS A 30 -1.87 -1.94 -6.53
C CYS A 30 -2.38 -2.23 -7.94
N ASN A 31 -3.28 -3.20 -8.05
CA ASN A 31 -3.84 -3.57 -9.34
C ASN A 31 -2.79 -4.27 -10.21
N VAL A 32 -1.97 -5.10 -9.58
CA VAL A 32 -0.93 -5.83 -10.30
C VAL A 32 -0.75 -7.23 -9.72
N VAL A 33 -1.18 -8.23 -10.49
CA VAL A 33 -1.07 -9.63 -10.07
C VAL A 33 -1.28 -10.58 -11.25
N THR A 34 -1.28 -11.87 -10.95
CA THR A 34 -1.46 -12.88 -11.99
C THR A 34 -2.47 -12.43 -13.03
N ARG A 35 -2.37 -13.00 -14.23
CA ARG A 35 -3.28 -12.65 -15.32
C ARG A 35 -4.72 -12.94 -14.94
N LYS A 36 -4.94 -14.06 -14.25
CA LYS A 36 -6.27 -14.45 -13.83
C LYS A 36 -6.66 -13.76 -12.52
N THR A 37 -5.66 -13.21 -11.84
CA THR A 37 -5.88 -12.52 -10.57
C THR A 37 -6.79 -13.34 -9.66
N LEU A 38 -6.61 -14.65 -9.68
CA LEU A 38 -7.40 -15.54 -8.85
C LEU A 38 -6.56 -16.19 -7.76
N VAL A 39 -5.63 -17.04 -8.18
CA VAL A 39 -4.74 -17.73 -7.25
C VAL A 39 -3.68 -16.79 -6.70
N GLY A 40 -3.09 -15.99 -7.58
CA GLY A 40 -2.07 -15.05 -7.18
C GLY A 40 -2.65 -13.80 -6.55
N LEU A 41 -3.91 -13.86 -6.18
CA LEU A 41 -4.59 -12.72 -5.57
C LEU A 41 -4.59 -12.85 -4.05
N LYS A 42 -4.64 -14.08 -3.56
CA LYS A 42 -4.64 -14.33 -2.12
C LYS A 42 -3.21 -14.45 -1.59
N LYS A 43 -2.35 -15.09 -2.36
CA LYS A 43 -0.96 -15.28 -1.98
C LYS A 43 -0.17 -13.98 -2.18
N HIS A 44 -0.76 -13.04 -2.89
CA HIS A 44 -0.12 -11.76 -3.15
C HIS A 44 -0.53 -10.71 -2.12
N MET A 45 -1.82 -10.68 -1.80
CA MET A 45 -2.35 -9.72 -0.84
C MET A 45 -1.71 -9.94 0.53
N GLU A 46 -1.44 -11.20 0.87
CA GLU A 46 -0.83 -11.54 2.14
C GLU A 46 0.37 -10.64 2.43
N VAL A 47 1.25 -10.50 1.45
CA VAL A 47 2.44 -9.67 1.58
C VAL A 47 2.17 -8.25 1.10
N CYS A 48 1.31 -8.11 0.10
CA CYS A 48 0.97 -6.81 -0.46
C CYS A 48 0.85 -5.77 0.65
N GLN A 49 -0.06 -6.02 1.58
CA GLN A 49 -0.28 -5.09 2.69
C GLN A 49 1.04 -4.57 3.24
N LYS A 50 1.99 -5.48 3.44
CA LYS A 50 3.30 -5.11 3.96
C LYS A 50 4.02 -4.16 3.01
N LEU A 51 3.99 -4.49 1.72
CA LEU A 51 4.63 -3.67 0.71
C LEU A 51 3.92 -2.31 0.57
N GLN A 52 2.68 -2.36 0.08
CA GLN A 52 1.90 -1.15 -0.10
C GLN A 52 2.21 -0.13 0.98
N ASP A 53 2.36 -0.61 2.21
CA ASP A 53 2.67 0.27 3.35
C ASP A 53 3.85 1.17 3.03
N ALA A 54 4.94 0.57 2.54
CA ALA A 54 6.14 1.32 2.19
C ALA A 54 5.81 2.50 1.29
N LEU A 55 4.95 2.25 0.29
CA LEU A 55 4.56 3.29 -0.65
C LEU A 55 3.78 4.40 0.05
N LYS A 56 2.92 4.00 0.99
CA LYS A 56 2.11 4.96 1.73
C LYS A 56 2.98 6.12 2.25
N CYS A 57 2.69 7.32 1.75
CA CYS A 57 3.43 8.51 2.15
C CYS A 57 3.50 8.62 3.67
N GLN A 58 4.21 9.63 4.16
CA GLN A 58 4.36 9.85 5.59
C GLN A 58 3.97 11.28 5.97
N HIS A 59 4.18 12.20 5.04
CA HIS A 59 3.86 13.61 5.27
C HIS A 59 2.35 13.84 5.17
N CYS A 60 1.71 13.16 4.23
CA CYS A 60 0.27 13.29 4.02
C CYS A 60 -0.45 12.03 4.47
N ARG A 61 0.27 10.92 4.48
CA ARG A 61 -0.31 9.64 4.88
C ARG A 61 -1.44 9.22 3.93
N LYS A 62 -1.15 9.27 2.63
CA LYS A 62 -2.14 8.90 1.62
C LYS A 62 -1.67 7.67 0.83
N GLN A 63 -2.53 6.66 0.76
CA GLN A 63 -2.21 5.44 0.03
C GLN A 63 -2.21 5.68 -1.48
N PHE A 64 -1.20 5.16 -2.16
CA PHE A 64 -1.08 5.32 -3.60
C PHE A 64 -0.99 3.96 -4.29
N LYS A 65 -1.98 3.67 -5.14
CA LYS A 65 -2.00 2.41 -5.87
C LYS A 65 -1.06 2.44 -7.06
N SER A 66 0.14 2.96 -6.84
CA SER A 66 1.15 3.06 -7.89
C SER A 66 2.47 3.59 -7.34
N LYS A 67 3.56 3.13 -7.93
CA LYS A 67 4.90 3.56 -7.49
C LYS A 67 5.31 4.84 -8.21
N ALA A 68 5.07 4.89 -9.52
CA ALA A 68 5.41 6.05 -10.32
C ALA A 68 4.61 7.28 -9.89
N GLY A 69 3.35 7.06 -9.53
CA GLY A 69 2.51 8.15 -9.10
C GLY A 69 2.99 8.79 -7.81
N LEU A 70 3.40 7.96 -6.86
CA LEU A 70 3.89 8.45 -5.59
C LEU A 70 5.05 9.42 -5.77
N ASN A 71 5.94 9.09 -6.71
CA ASN A 71 7.10 9.92 -6.99
C ASN A 71 6.67 11.32 -7.41
N TYR A 72 5.72 11.39 -8.35
CA TYR A 72 5.23 12.67 -8.84
C TYR A 72 4.49 13.43 -7.73
N HIS A 73 3.73 12.69 -6.94
CA HIS A 73 2.97 13.29 -5.85
C HIS A 73 3.89 13.86 -4.78
N THR A 74 4.71 12.98 -4.19
CA THR A 74 5.64 13.39 -3.16
C THR A 74 6.21 14.78 -3.44
N MET A 75 6.72 14.96 -4.66
CA MET A 75 7.29 16.25 -5.06
C MET A 75 6.19 17.24 -5.39
N ALA A 76 5.20 16.80 -6.15
CA ALA A 76 4.09 17.67 -6.54
C ALA A 76 3.55 18.44 -5.33
N GLU A 77 3.63 17.83 -4.15
CA GLU A 77 3.16 18.46 -2.93
C GLU A 77 4.30 18.65 -1.94
N HIS A 78 4.99 17.56 -1.62
CA HIS A 78 6.11 17.61 -0.68
C HIS A 78 7.43 17.81 -1.42
N SER A 79 7.81 19.07 -1.63
CA SER A 79 9.04 19.39 -2.33
C SER A 79 9.74 20.58 -1.67
N ALA A 80 10.98 20.83 -2.07
CA ALA A 80 11.76 21.93 -1.53
C ALA A 80 11.01 23.26 -1.67
N LYS A 81 10.24 23.61 -0.66
CA LYS A 81 9.46 24.85 -0.67
C LYS A 81 10.37 26.05 -0.40
N PRO A 82 9.95 27.22 -0.90
CA PRO A 82 10.71 28.47 -0.73
C PRO A 82 10.70 28.96 0.71
N SER A 83 11.21 30.17 0.92
CA SER A 83 11.26 30.75 2.26
C SER A 83 10.07 30.30 3.09
N ASP A 84 10.36 29.72 4.25
CA ASP A 84 9.31 29.23 5.15
C ASP A 84 9.89 28.81 6.49
N ALA A 85 9.02 28.41 7.41
CA ALA A 85 9.46 27.98 8.73
C ALA A 85 10.73 27.14 8.65
N GLU A 86 11.80 27.65 9.25
CA GLU A 86 13.08 26.96 9.24
C GLU A 86 12.93 25.53 9.72
N ALA A 87 12.82 24.60 8.78
CA ALA A 87 12.67 23.18 9.10
C ALA A 87 12.71 22.31 7.85
N SER A 88 13.42 21.20 7.93
CA SER A 88 13.55 20.29 6.80
C SER A 88 14.29 19.02 7.20
N GLU A 89 14.26 18.02 6.33
CA GLU A 89 14.92 16.75 6.60
C GLU A 89 15.69 16.26 5.36
N GLY A 90 16.97 15.99 5.54
CA GLY A 90 17.78 15.51 4.44
C GLY A 90 18.17 16.63 3.49
N GLY A 91 17.98 16.40 2.19
CA GLY A 91 18.32 17.41 1.20
C GLY A 91 17.90 16.99 -0.20
N GLU A 92 17.39 17.96 -0.96
CA GLU A 92 16.94 17.70 -2.33
C GLU A 92 18.04 18.03 -3.34
N SER A 93 17.82 17.65 -4.58
CA SER A 93 18.78 17.91 -5.65
C SER A 93 18.14 18.64 -6.81
N GLY A 94 16.90 18.28 -7.11
CA GLY A 94 16.18 18.91 -8.20
C GLY A 94 15.51 17.89 -9.12
N PRO A 95 14.41 18.32 -9.76
CA PRO A 95 13.65 17.45 -10.67
C PRO A 95 14.41 17.16 -11.96
N SER A 96 13.73 16.54 -12.91
CA SER A 96 14.34 16.20 -14.20
C SER A 96 13.43 16.60 -15.35
N SER A 97 13.94 16.45 -16.57
CA SER A 97 13.17 16.79 -17.77
C SER A 97 13.00 15.58 -18.67
N GLY A 98 12.16 15.73 -19.70
CA GLY A 98 11.92 14.64 -20.62
C GLY A 98 11.89 15.10 -22.07
N GLY A 1 -3.05 -29.42 -17.60
CA GLY A 1 -1.66 -29.03 -17.80
C GLY A 1 -0.95 -28.72 -16.50
N SER A 2 -1.49 -27.78 -15.73
CA SER A 2 -0.90 -27.40 -14.45
C SER A 2 -1.42 -28.27 -13.33
N SER A 3 -0.55 -28.56 -12.37
CA SER A 3 -0.93 -29.40 -11.23
C SER A 3 -1.46 -28.54 -10.08
N GLY A 4 -2.70 -28.80 -9.68
CA GLY A 4 -3.31 -28.05 -8.60
C GLY A 4 -4.61 -28.66 -8.12
N SER A 5 -5.11 -28.18 -6.98
CA SER A 5 -6.34 -28.69 -6.42
C SER A 5 -7.48 -28.60 -7.44
N SER A 6 -8.46 -29.49 -7.29
CA SER A 6 -9.60 -29.52 -8.20
C SER A 6 -10.63 -28.46 -7.83
N GLY A 7 -10.48 -27.27 -8.39
CA GLY A 7 -11.39 -26.17 -8.10
C GLY A 7 -11.26 -25.69 -6.67
N PRO A 8 -10.55 -24.56 -6.50
CA PRO A 8 -10.33 -23.95 -5.17
C PRO A 8 -11.61 -23.35 -4.60
N GLY A 9 -12.08 -23.92 -3.49
CA GLY A 9 -13.30 -23.43 -2.87
C GLY A 9 -13.04 -22.21 -2.00
N GLY A 10 -12.63 -21.12 -2.63
CA GLY A 10 -12.35 -19.90 -1.89
C GLY A 10 -13.37 -18.80 -2.18
N PRO A 11 -13.15 -17.62 -1.59
CA PRO A 11 -14.04 -16.47 -1.76
C PRO A 11 -13.97 -15.89 -3.18
N GLU A 12 -14.73 -16.49 -4.09
CA GLU A 12 -14.74 -16.03 -5.48
C GLU A 12 -16.14 -15.55 -5.86
N GLU A 13 -16.82 -14.89 -4.93
CA GLU A 13 -18.16 -14.37 -5.18
C GLU A 13 -18.10 -12.99 -5.82
N GLN A 14 -17.56 -12.03 -5.09
CA GLN A 14 -17.44 -10.66 -5.59
C GLN A 14 -16.39 -10.57 -6.68
N TRP A 15 -15.22 -11.15 -6.43
CA TRP A 15 -14.14 -11.12 -7.40
C TRP A 15 -14.58 -11.72 -8.73
N GLN A 16 -15.31 -12.82 -8.67
CA GLN A 16 -15.80 -13.49 -9.87
C GLN A 16 -16.84 -12.63 -10.58
N ARG A 17 -17.67 -11.95 -9.79
CA ARG A 17 -18.71 -11.09 -10.35
C ARG A 17 -18.13 -10.11 -11.37
N ALA A 18 -16.90 -9.67 -11.12
CA ALA A 18 -16.24 -8.74 -12.02
C ALA A 18 -15.40 -9.47 -13.06
N ILE A 19 -14.73 -10.54 -12.62
CA ILE A 19 -13.90 -11.33 -13.53
C ILE A 19 -14.69 -11.79 -14.74
N HIS A 20 -15.95 -12.16 -14.52
CA HIS A 20 -16.81 -12.62 -15.59
C HIS A 20 -17.47 -11.45 -16.31
N GLU A 21 -17.95 -10.49 -15.53
CA GLU A 21 -18.61 -9.30 -16.09
C GLU A 21 -17.67 -8.55 -17.02
N ARG A 22 -16.52 -8.14 -16.48
CA ARG A 22 -15.53 -7.41 -17.27
C ARG A 22 -14.51 -8.36 -17.88
N GLY A 23 -13.69 -8.97 -17.04
CA GLY A 23 -12.68 -9.90 -17.51
C GLY A 23 -11.84 -10.47 -16.40
N GLU A 24 -11.42 -9.60 -15.47
CA GLU A 24 -10.59 -10.04 -14.35
C GLU A 24 -10.68 -9.03 -13.20
N ALA A 25 -10.26 -9.46 -12.02
CA ALA A 25 -10.29 -8.60 -10.83
C ALA A 25 -8.88 -8.38 -10.29
N VAL A 26 -8.21 -7.36 -10.80
CA VAL A 26 -6.85 -7.04 -10.36
C VAL A 26 -6.83 -6.71 -8.89
N CYS A 27 -5.62 -6.48 -8.36
CA CYS A 27 -5.45 -6.16 -6.95
C CYS A 27 -6.03 -4.78 -6.63
N PRO A 28 -6.93 -4.74 -5.64
CA PRO A 28 -7.57 -3.49 -5.22
C PRO A 28 -6.61 -2.53 -4.52
N THR A 29 -5.34 -2.91 -4.49
CA THR A 29 -4.31 -2.09 -3.85
C THR A 29 -3.37 -1.50 -4.89
N CYS A 30 -2.76 -2.35 -5.70
CA CYS A 30 -1.84 -1.90 -6.73
C CYS A 30 -2.31 -2.36 -8.12
N ASN A 31 -3.44 -3.04 -8.16
CA ASN A 31 -3.99 -3.52 -9.42
C ASN A 31 -2.92 -4.21 -10.25
N VAL A 32 -2.25 -5.20 -9.66
CA VAL A 32 -1.20 -5.94 -10.34
C VAL A 32 -1.05 -7.34 -9.76
N VAL A 33 -1.44 -8.34 -10.53
CA VAL A 33 -1.35 -9.73 -10.09
C VAL A 33 -1.47 -10.69 -11.28
N THR A 34 -1.48 -11.98 -10.98
CA THR A 34 -1.58 -13.00 -12.02
C THR A 34 -2.78 -12.75 -12.92
N ARG A 35 -2.67 -13.18 -14.18
CA ARG A 35 -3.75 -12.99 -15.14
C ARG A 35 -5.10 -13.35 -14.53
N LYS A 36 -5.16 -14.50 -13.89
CA LYS A 36 -6.39 -14.96 -13.26
C LYS A 36 -6.73 -14.12 -12.03
N THR A 37 -5.71 -13.45 -11.49
CA THR A 37 -5.90 -12.60 -10.32
C THR A 37 -6.59 -13.36 -9.20
N LEU A 38 -6.38 -14.67 -9.16
CA LEU A 38 -6.98 -15.52 -8.13
C LEU A 38 -5.92 -16.36 -7.43
N VAL A 39 -5.18 -17.14 -8.20
CA VAL A 39 -4.13 -18.00 -7.65
C VAL A 39 -3.02 -17.16 -7.04
N GLY A 40 -2.73 -16.02 -7.64
CA GLY A 40 -1.69 -15.15 -7.15
C GLY A 40 -2.23 -14.02 -6.29
N LEU A 41 -3.45 -13.58 -6.60
CA LEU A 41 -4.08 -12.50 -5.85
C LEU A 41 -4.17 -12.84 -4.37
N LYS A 42 -4.41 -14.12 -4.07
CA LYS A 42 -4.51 -14.58 -2.70
C LYS A 42 -3.14 -14.67 -2.05
N LYS A 43 -2.16 -15.13 -2.81
CA LYS A 43 -0.80 -15.27 -2.31
C LYS A 43 -0.04 -13.94 -2.42
N HIS A 44 -0.63 -13.00 -3.14
CA HIS A 44 -0.02 -11.68 -3.32
C HIS A 44 -0.55 -10.69 -2.29
N MET A 45 -1.84 -10.76 -2.01
CA MET A 45 -2.47 -9.87 -1.04
C MET A 45 -1.96 -10.15 0.37
N GLU A 46 -1.54 -11.39 0.60
CA GLU A 46 -1.02 -11.78 1.91
C GLU A 46 0.11 -10.87 2.35
N VAL A 47 0.95 -10.48 1.39
CA VAL A 47 2.08 -9.60 1.67
C VAL A 47 1.83 -8.19 1.16
N CYS A 48 0.95 -8.08 0.17
CA CYS A 48 0.62 -6.79 -0.41
C CYS A 48 0.44 -5.73 0.66
N GLN A 49 -0.44 -6.00 1.62
CA GLN A 49 -0.70 -5.08 2.71
C GLN A 49 0.60 -4.60 3.34
N LYS A 50 1.52 -5.53 3.57
CA LYS A 50 2.80 -5.21 4.17
C LYS A 50 3.58 -4.23 3.30
N LEU A 51 3.76 -4.59 2.03
CA LEU A 51 4.49 -3.73 1.09
C LEU A 51 3.84 -2.35 1.01
N GLN A 52 2.52 -2.33 0.94
CA GLN A 52 1.78 -1.06 0.86
C GLN A 52 2.44 0.01 1.72
N ASP A 53 2.78 -0.36 2.95
CA ASP A 53 3.41 0.57 3.88
C ASP A 53 4.52 1.36 3.18
N ALA A 54 5.33 0.66 2.41
CA ALA A 54 6.43 1.29 1.69
C ALA A 54 5.93 2.41 0.78
N LEU A 55 5.05 2.04 -0.16
CA LEU A 55 4.49 3.01 -1.10
C LEU A 55 3.96 4.23 -0.36
N LYS A 56 3.34 4.00 0.79
CA LYS A 56 2.79 5.08 1.59
C LYS A 56 3.83 6.17 1.84
N CYS A 57 3.61 7.34 1.23
CA CYS A 57 4.53 8.46 1.38
C CYS A 57 4.65 8.88 2.84
N GLN A 58 5.43 9.93 3.09
CA GLN A 58 5.63 10.43 4.45
C GLN A 58 5.22 11.89 4.55
N HIS A 59 5.86 12.73 3.74
CA HIS A 59 5.58 14.17 3.74
C HIS A 59 4.09 14.42 3.52
N CYS A 60 3.49 13.68 2.59
CA CYS A 60 2.08 13.82 2.29
C CYS A 60 1.26 12.71 2.95
N ARG A 61 1.94 11.64 3.35
CA ARG A 61 1.29 10.51 3.99
C ARG A 61 0.08 10.05 3.18
N LYS A 62 0.29 9.88 1.87
CA LYS A 62 -0.77 9.44 0.98
C LYS A 62 -0.45 8.06 0.39
N GLN A 63 -1.50 7.30 0.08
CA GLN A 63 -1.32 5.97 -0.49
C GLN A 63 -1.17 6.04 -2.00
N PHE A 64 -0.40 5.11 -2.56
CA PHE A 64 -0.17 5.07 -3.99
C PHE A 64 -0.34 3.65 -4.53
N LYS A 65 -1.19 3.50 -5.54
CA LYS A 65 -1.43 2.19 -6.15
C LYS A 65 -0.53 1.97 -7.35
N SER A 66 0.71 2.47 -7.26
CA SER A 66 1.67 2.33 -8.34
C SER A 66 3.06 2.75 -7.89
N LYS A 67 4.08 2.02 -8.35
CA LYS A 67 5.46 2.33 -8.00
C LYS A 67 5.95 3.55 -8.75
N ALA A 68 5.68 3.60 -10.04
CA ALA A 68 6.09 4.72 -10.88
C ALA A 68 5.47 6.03 -10.39
N GLY A 69 4.20 5.96 -10.01
CA GLY A 69 3.51 7.15 -9.53
C GLY A 69 4.21 7.77 -8.33
N LEU A 70 4.65 6.94 -7.40
CA LEU A 70 5.33 7.41 -6.20
C LEU A 70 6.71 7.97 -6.54
N ASN A 71 7.51 7.15 -7.22
CA ASN A 71 8.85 7.56 -7.61
C ASN A 71 8.87 9.01 -8.11
N TYR A 72 7.99 9.31 -9.05
CA TYR A 72 7.90 10.66 -9.60
C TYR A 72 7.28 11.62 -8.59
N HIS A 73 6.07 11.32 -8.16
CA HIS A 73 5.38 12.16 -7.19
C HIS A 73 6.34 12.67 -6.12
N THR A 74 7.01 11.75 -5.43
CA THR A 74 7.95 12.10 -4.39
C THR A 74 8.75 13.34 -4.76
N MET A 75 9.12 13.43 -6.04
CA MET A 75 9.89 14.56 -6.53
C MET A 75 8.96 15.71 -6.93
N ALA A 76 8.04 15.43 -7.84
CA ALA A 76 7.10 16.43 -8.30
C ALA A 76 6.45 17.18 -7.13
N GLU A 77 5.81 16.42 -6.24
CA GLU A 77 5.15 17.01 -5.08
C GLU A 77 6.19 17.49 -4.06
N HIS A 78 7.08 16.59 -3.66
CA HIS A 78 8.11 16.92 -2.69
C HIS A 78 9.48 17.00 -3.36
N SER A 79 9.72 18.09 -4.08
CA SER A 79 10.98 18.29 -4.78
C SER A 79 12.16 17.95 -3.87
N ALA A 80 12.83 16.84 -4.18
CA ALA A 80 13.98 16.41 -3.39
C ALA A 80 15.25 17.12 -3.84
N LYS A 81 15.58 18.21 -3.15
CA LYS A 81 16.78 18.97 -3.47
C LYS A 81 17.55 19.33 -2.21
N PRO A 82 18.85 19.61 -2.37
CA PRO A 82 19.73 19.97 -1.25
C PRO A 82 19.40 21.36 -0.69
N SER A 83 18.21 21.86 -1.00
CA SER A 83 17.78 23.16 -0.52
C SER A 83 17.41 23.11 0.96
N ASP A 84 18.35 22.68 1.78
CA ASP A 84 18.12 22.58 3.22
C ASP A 84 19.35 23.04 4.00
N ALA A 85 19.26 22.99 5.32
CA ALA A 85 20.36 23.40 6.18
C ALA A 85 21.64 22.63 5.85
N GLU A 86 21.53 21.30 5.84
CA GLU A 86 22.68 20.44 5.54
C GLU A 86 22.22 19.11 4.97
N ALA A 87 22.67 18.81 3.76
CA ALA A 87 22.31 17.55 3.11
C ALA A 87 23.19 17.30 1.88
N SER A 88 23.72 16.09 1.78
CA SER A 88 24.59 15.72 0.66
C SER A 88 23.88 14.75 -0.27
N GLU A 89 23.16 15.29 -1.25
CA GLU A 89 22.43 14.46 -2.21
C GLU A 89 21.84 15.32 -3.33
N GLY A 90 22.12 14.95 -4.56
CA GLY A 90 21.61 15.70 -5.70
C GLY A 90 22.02 15.10 -7.03
N GLY A 91 21.07 15.00 -7.95
CA GLY A 91 21.36 14.43 -9.26
C GLY A 91 20.16 14.44 -10.17
N GLU A 92 20.38 14.16 -11.45
CA GLU A 92 19.30 14.14 -12.44
C GLU A 92 19.02 12.71 -12.91
N SER A 93 17.78 12.46 -13.29
CA SER A 93 17.39 11.13 -13.77
C SER A 93 16.37 11.24 -14.90
N GLY A 94 16.35 10.22 -15.76
CA GLY A 94 15.43 10.22 -16.88
C GLY A 94 15.40 8.89 -17.61
N PRO A 95 14.92 7.85 -16.92
CA PRO A 95 14.83 6.50 -17.50
C PRO A 95 13.77 6.40 -18.59
N SER A 96 12.64 7.08 -18.38
CA SER A 96 11.55 7.07 -19.35
C SER A 96 11.12 5.64 -19.65
N SER A 97 11.03 4.82 -18.61
CA SER A 97 10.62 3.42 -18.77
C SER A 97 9.18 3.33 -19.25
N GLY A 98 8.72 2.10 -19.48
CA GLY A 98 7.36 1.89 -19.94
C GLY A 98 7.30 1.44 -21.39
N GLY A 1 -44.54 -30.27 7.79
CA GLY A 1 -43.34 -29.60 8.26
C GLY A 1 -42.15 -29.85 7.34
N SER A 2 -41.25 -28.88 7.26
CA SER A 2 -40.07 -28.99 6.42
C SER A 2 -39.12 -27.83 6.66
N SER A 3 -37.82 -28.10 6.54
CA SER A 3 -36.81 -27.07 6.75
C SER A 3 -35.60 -27.32 5.87
N GLY A 4 -35.03 -26.25 5.31
CA GLY A 4 -33.88 -26.39 4.45
C GLY A 4 -33.48 -25.07 3.80
N SER A 5 -32.20 -24.95 3.46
CA SER A 5 -31.70 -23.72 2.83
C SER A 5 -30.26 -23.91 2.37
N SER A 6 -29.88 -23.19 1.32
CA SER A 6 -28.53 -23.27 0.78
C SER A 6 -28.06 -21.91 0.28
N GLY A 7 -26.77 -21.82 -0.05
CA GLY A 7 -26.21 -20.57 -0.53
C GLY A 7 -24.70 -20.58 -0.56
N PRO A 8 -24.12 -19.89 -1.55
CA PRO A 8 -22.66 -19.81 -1.72
C PRO A 8 -22.00 -18.98 -0.62
N GLY A 9 -20.74 -19.27 -0.34
CA GLY A 9 -20.01 -18.54 0.69
C GLY A 9 -18.51 -18.71 0.56
N GLY A 10 -17.99 -18.46 -0.64
CA GLY A 10 -16.56 -18.59 -0.87
C GLY A 10 -15.86 -17.25 -0.92
N PRO A 11 -14.52 -17.27 -0.80
CA PRO A 11 -13.71 -16.05 -0.83
C PRO A 11 -13.67 -15.41 -2.22
N GLU A 12 -14.33 -16.05 -3.18
CA GLU A 12 -14.38 -15.54 -4.54
C GLU A 12 -15.82 -15.30 -4.98
N GLU A 13 -16.61 -14.69 -4.10
CA GLU A 13 -18.01 -14.40 -4.39
C GLU A 13 -18.14 -13.07 -5.13
N GLN A 14 -17.74 -11.99 -4.46
CA GLN A 14 -17.82 -10.66 -5.04
C GLN A 14 -16.82 -10.50 -6.18
N TRP A 15 -15.58 -10.93 -5.95
CA TRP A 15 -14.53 -10.85 -6.96
C TRP A 15 -14.95 -11.56 -8.24
N GLN A 16 -15.76 -12.60 -8.10
CA GLN A 16 -16.23 -13.37 -9.25
C GLN A 16 -17.19 -12.55 -10.09
N ARG A 17 -18.13 -11.87 -9.43
CA ARG A 17 -19.11 -11.04 -10.11
C ARG A 17 -18.43 -10.14 -11.15
N ALA A 18 -17.17 -9.79 -10.90
CA ALA A 18 -16.42 -8.94 -11.81
C ALA A 18 -15.57 -9.77 -12.76
N ILE A 19 -14.88 -10.77 -12.22
CA ILE A 19 -14.03 -11.64 -13.03
C ILE A 19 -14.79 -12.16 -14.25
N HIS A 20 -16.09 -12.35 -14.10
CA HIS A 20 -16.92 -12.84 -15.19
C HIS A 20 -17.48 -11.67 -16.01
N GLU A 21 -17.68 -10.54 -15.35
CA GLU A 21 -18.22 -9.36 -16.01
C GLU A 21 -17.20 -8.78 -16.99
N ARG A 22 -16.02 -8.44 -16.47
CA ARG A 22 -14.96 -7.88 -17.31
C ARG A 22 -13.97 -8.95 -17.74
N GLY A 23 -13.41 -9.66 -16.76
CA GLY A 23 -12.46 -10.71 -17.06
C GLY A 23 -11.72 -11.20 -15.83
N GLU A 24 -11.26 -10.27 -15.00
CA GLU A 24 -10.53 -10.61 -13.78
C GLU A 24 -10.54 -9.43 -12.81
N ALA A 25 -10.46 -9.75 -11.52
CA ALA A 25 -10.45 -8.72 -10.48
C ALA A 25 -9.05 -8.49 -9.94
N VAL A 26 -8.28 -7.69 -10.67
CA VAL A 26 -6.90 -7.39 -10.27
C VAL A 26 -6.85 -6.87 -8.84
N CYS A 27 -5.63 -6.61 -8.35
CA CYS A 27 -5.45 -6.11 -7.00
C CYS A 27 -5.99 -4.70 -6.85
N PRO A 28 -7.00 -4.53 -5.98
CA PRO A 28 -7.63 -3.22 -5.73
C PRO A 28 -6.70 -2.27 -5.00
N THR A 29 -5.46 -2.69 -4.79
CA THR A 29 -4.47 -1.87 -4.09
C THR A 29 -3.43 -1.32 -5.07
N CYS A 30 -2.95 -2.17 -5.96
CA CYS A 30 -1.96 -1.78 -6.95
C CYS A 30 -2.44 -2.07 -8.36
N ASN A 31 -3.37 -3.01 -8.49
CA ASN A 31 -3.92 -3.39 -9.78
C ASN A 31 -2.87 -4.12 -10.62
N VAL A 32 -2.17 -5.07 -9.99
CA VAL A 32 -1.15 -5.84 -10.69
C VAL A 32 -1.04 -7.24 -10.10
N VAL A 33 -1.44 -8.25 -10.88
CA VAL A 33 -1.38 -9.63 -10.43
C VAL A 33 -1.55 -10.59 -11.61
N THR A 34 -1.55 -11.88 -11.31
CA THR A 34 -1.70 -12.90 -12.34
C THR A 34 -2.93 -12.64 -13.19
N ARG A 35 -2.93 -13.19 -14.41
CA ARG A 35 -4.05 -13.02 -15.32
C ARG A 35 -5.35 -13.51 -14.69
N LYS A 36 -5.26 -14.62 -13.96
CA LYS A 36 -6.43 -15.19 -13.30
C LYS A 36 -6.78 -14.43 -12.04
N THR A 37 -5.75 -14.02 -11.29
CA THR A 37 -5.95 -13.27 -10.05
C THR A 37 -6.75 -14.08 -9.05
N LEU A 38 -6.56 -15.40 -9.07
CA LEU A 38 -7.27 -16.29 -8.16
C LEU A 38 -6.28 -17.07 -7.29
N VAL A 39 -5.22 -17.57 -7.92
CA VAL A 39 -4.21 -18.33 -7.21
C VAL A 39 -3.08 -17.43 -6.72
N GLY A 40 -2.85 -16.33 -7.43
CA GLY A 40 -1.81 -15.40 -7.05
C GLY A 40 -2.34 -14.23 -6.24
N LEU A 41 -3.50 -13.72 -6.63
CA LEU A 41 -4.11 -12.60 -5.92
C LEU A 41 -4.17 -12.86 -4.43
N LYS A 42 -4.35 -14.13 -4.06
CA LYS A 42 -4.43 -14.52 -2.66
C LYS A 42 -3.04 -14.56 -2.04
N LYS A 43 -2.07 -15.11 -2.77
CA LYS A 43 -0.71 -15.21 -2.28
C LYS A 43 0.04 -13.89 -2.47
N HIS A 44 -0.57 -12.98 -3.23
CA HIS A 44 0.03 -11.68 -3.50
C HIS A 44 -0.49 -10.63 -2.52
N MET A 45 -1.81 -10.58 -2.37
CA MET A 45 -2.44 -9.63 -1.46
C MET A 45 -1.96 -9.84 -0.02
N GLU A 46 -1.69 -11.09 0.32
CA GLU A 46 -1.24 -11.43 1.66
C GLU A 46 -0.11 -10.50 2.10
N VAL A 47 0.91 -10.38 1.26
CA VAL A 47 2.06 -9.52 1.56
C VAL A 47 1.83 -8.11 1.04
N CYS A 48 1.10 -8.00 -0.05
CA CYS A 48 0.81 -6.71 -0.66
C CYS A 48 0.59 -5.65 0.41
N GLN A 49 -0.16 -6.00 1.44
CA GLN A 49 -0.44 -5.07 2.54
C GLN A 49 0.85 -4.47 3.09
N LYS A 50 1.75 -5.34 3.53
CA LYS A 50 3.03 -4.90 4.09
C LYS A 50 3.71 -3.90 3.15
N LEU A 51 3.81 -4.27 1.88
CA LEU A 51 4.44 -3.40 0.88
C LEU A 51 3.87 -1.99 0.95
N GLN A 52 2.55 -1.88 0.80
CA GLN A 52 1.88 -0.59 0.84
C GLN A 52 2.42 0.26 1.98
N ASP A 53 2.59 -0.35 3.15
CA ASP A 53 3.09 0.35 4.32
C ASP A 53 4.41 1.05 4.00
N ALA A 54 5.27 0.37 3.26
CA ALA A 54 6.57 0.94 2.89
C ALA A 54 6.40 2.25 2.14
N LEU A 55 5.68 2.22 1.03
CA LEU A 55 5.44 3.41 0.23
C LEU A 55 4.89 4.54 1.08
N LYS A 56 3.99 4.20 1.99
CA LYS A 56 3.39 5.20 2.88
C LYS A 56 4.45 6.05 3.55
N CYS A 57 4.25 7.36 3.53
CA CYS A 57 5.20 8.30 4.13
C CYS A 57 5.25 8.13 5.64
N GLN A 58 6.19 8.82 6.28
CA GLN A 58 6.35 8.74 7.72
C GLN A 58 6.10 10.10 8.37
N HIS A 59 6.64 11.15 7.76
CA HIS A 59 6.48 12.50 8.28
C HIS A 59 5.02 12.96 8.17
N CYS A 60 4.42 12.71 7.01
CA CYS A 60 3.04 13.09 6.78
C CYS A 60 2.11 11.89 6.91
N ARG A 61 2.69 10.70 6.94
CA ARG A 61 1.91 9.48 7.08
C ARG A 61 0.79 9.42 6.03
N LYS A 62 1.15 9.70 4.79
CA LYS A 62 0.19 9.68 3.69
C LYS A 62 0.51 8.57 2.70
N GLN A 63 -0.54 7.91 2.20
CA GLN A 63 -0.37 6.82 1.25
C GLN A 63 -0.14 7.36 -0.16
N PHE A 64 0.63 6.62 -0.95
CA PHE A 64 0.94 7.03 -2.31
C PHE A 64 0.86 5.83 -3.26
N LYS A 65 0.26 6.06 -4.43
CA LYS A 65 0.13 5.00 -5.43
C LYS A 65 1.19 5.14 -6.52
N SER A 66 2.40 5.53 -6.12
CA SER A 66 3.49 5.71 -7.07
C SER A 66 4.82 5.88 -6.33
N LYS A 67 5.88 5.31 -6.89
CA LYS A 67 7.20 5.40 -6.28
C LYS A 67 7.81 6.78 -6.54
N ALA A 68 7.77 7.22 -7.78
CA ALA A 68 8.33 8.53 -8.14
C ALA A 68 7.64 9.65 -7.36
N GLY A 69 6.32 9.53 -7.21
CA GLY A 69 5.57 10.54 -6.49
C GLY A 69 6.08 10.75 -5.08
N LEU A 70 6.32 9.66 -4.37
CA LEU A 70 6.82 9.73 -3.00
C LEU A 70 8.15 10.48 -2.93
N ASN A 71 9.01 10.22 -3.92
CA ASN A 71 10.32 10.86 -3.98
C ASN A 71 10.17 12.38 -4.04
N TYR A 72 9.45 12.86 -5.06
CA TYR A 72 9.24 14.28 -5.24
C TYR A 72 8.46 14.87 -4.07
N HIS A 73 7.39 14.19 -3.66
CA HIS A 73 6.58 14.65 -2.55
C HIS A 73 7.43 14.86 -1.29
N THR A 74 8.19 13.83 -0.92
CA THR A 74 9.04 13.91 0.25
C THR A 74 10.14 14.96 0.07
N MET A 75 10.84 14.90 -1.06
CA MET A 75 11.91 15.84 -1.34
C MET A 75 11.39 17.28 -1.29
N ALA A 76 10.17 17.48 -1.78
CA ALA A 76 9.57 18.81 -1.79
C ALA A 76 9.04 19.18 -0.40
N GLU A 77 8.07 18.40 0.08
CA GLU A 77 7.48 18.65 1.39
C GLU A 77 8.50 18.40 2.50
N HIS A 78 8.84 17.14 2.71
CA HIS A 78 9.81 16.76 3.74
C HIS A 78 11.22 16.75 3.17
N SER A 79 11.80 17.93 2.99
CA SER A 79 13.14 18.05 2.45
C SER A 79 14.11 17.16 3.21
N ALA A 80 15.26 16.88 2.59
CA ALA A 80 16.27 16.04 3.21
C ALA A 80 16.94 16.74 4.38
N LYS A 81 17.55 15.97 5.27
CA LYS A 81 18.23 16.52 6.44
C LYS A 81 18.88 17.87 6.10
N PRO A 82 18.54 18.89 6.90
CA PRO A 82 19.08 20.24 6.70
C PRO A 82 20.56 20.34 7.04
N SER A 83 21.38 20.53 6.01
CA SER A 83 22.82 20.64 6.19
C SER A 83 23.17 21.67 7.26
N ASP A 84 24.46 21.92 7.44
CA ASP A 84 24.92 22.88 8.42
C ASP A 84 24.00 24.10 8.47
N ALA A 85 23.54 24.44 9.68
CA ALA A 85 22.65 25.58 9.86
C ALA A 85 22.75 26.13 11.28
N GLU A 86 22.33 27.38 11.45
CA GLU A 86 22.38 28.03 12.75
C GLU A 86 23.81 28.15 13.26
N ALA A 87 24.72 28.51 12.36
CA ALA A 87 26.13 28.65 12.71
C ALA A 87 26.28 29.24 14.10
N SER A 88 27.26 28.72 14.85
CA SER A 88 27.51 29.20 16.21
C SER A 88 27.41 30.71 16.28
N GLU A 89 28.26 31.40 15.52
CA GLU A 89 28.26 32.85 15.50
C GLU A 89 26.84 33.40 15.41
N GLY A 90 26.40 34.06 16.48
CA GLY A 90 25.07 34.63 16.50
C GLY A 90 24.80 35.44 17.76
N GLY A 91 24.50 34.76 18.85
CA GLY A 91 24.22 35.46 20.10
C GLY A 91 22.92 36.23 20.07
N GLU A 92 22.96 37.47 20.56
CA GLU A 92 21.77 38.31 20.58
C GLU A 92 21.81 39.35 19.47
N SER A 93 20.70 39.48 18.74
CA SER A 93 20.61 40.42 17.64
C SER A 93 19.21 40.44 17.05
N GLY A 94 18.86 41.55 16.41
CA GLY A 94 17.54 41.68 15.81
C GLY A 94 16.56 42.40 16.71
N PRO A 95 15.26 42.31 16.38
CA PRO A 95 14.20 42.96 17.15
C PRO A 95 13.99 42.29 18.50
N SER A 96 13.26 42.98 19.39
CA SER A 96 12.98 42.45 20.72
C SER A 96 11.48 42.29 20.93
N SER A 97 11.11 41.24 21.67
CA SER A 97 9.71 40.97 21.95
C SER A 97 9.55 40.22 23.28
N GLY A 98 8.53 40.58 24.04
CA GLY A 98 8.29 39.94 25.32
C GLY A 98 6.83 39.96 25.71
#